data_6MRG
#
_entry.id   6MRG
#
_cell.length_a   144.208
_cell.length_b   152.014
_cell.length_c   299.914
_cell.angle_alpha   90.00
_cell.angle_beta   90.00
_cell.angle_gamma   90.00
#
_symmetry.space_group_name_H-M   'C 2 2 21'
#
loop_
_entity.id
_entity.type
_entity.pdbx_description
1 polymer 'Fatty-acid amide hydrolase 1'
2 non-polymer (1R)-2-{[6-(2,3-dihydro-1,4-benzodioxin-6-yl)pyrimidin-4-yl]amino}-1-phenylethan-1-ol
3 water water
#
_entity_poly.entity_id   1
_entity_poly.type   'polypeptide(L)'
_entity_poly.pdbx_seq_one_letter_code
;GSGMKETAAAKFERQHMDSPDLGTDDDDKAMETGRQKARGAATRARQKQRASLETMDKAVQRFRLQNPDLDSEALLTLPL
LQLVQKLQSGELSPEAVFFTYLGKAWEVNKGTNCVTSYLTDCETQLSQAPRQGLLYGVPVSLKECFSYKGHDSTLGLSLN
EGMPSESDCVVVQVLKLQGAVPFVHTNVPQSMFSYDCSNPLFGQTMNPWKSSKSPGGSSGGEGALIGSGGSPLGLGTDIG
GSIRFPSAFCGICGLKPTGNRLSKSGLKGCVYGQTAVQLSLGPMARDVESLALCLKALLCEHLFTLDPTVPPLPFREEVY
RSSRPLRVGYYETDNYTMPSPAMRRALIETKQRLEAAGHTLIPFLPNNIPYALEVLSTGGLFSDGGRSFLQNFKGDFVDP
CLGDLILILRLPSWFKRLLSLLLKPLFPRLAAFLNNMRPRSAEKLWKLQHEIEMYRQSVIAQWKAMNLDVLLTPMLGPAL
DLNTPGRATGAVSYTMLYNCLDFPAGVVPVTTVTAEDDAQMELYKGYFGDIWDIILKKAMKNSVGLPVAVQCVALPWQEE
LCLRFMREVEQLMTPQKQPS
;
_entity_poly.pdbx_strand_id   A,B,C,D
#
loop_
_chem_comp.id
_chem_comp.type
_chem_comp.name
_chem_comp.formula
JXV non-polymer (1R)-2-{[6-(2,3-dihydro-1,4-benzodioxin-6-yl)pyrimidin-4-yl]amino}-1-phenylethan-1-ol 'C20 H19 N3 O3'
#
# COMPACT_ATOMS: atom_id res chain seq x y z
N THR A 33 14.05 39.49 16.73
CA THR A 33 15.11 40.42 17.24
C THR A 33 16.15 39.80 18.23
N GLY A 34 15.84 38.65 18.83
CA GLY A 34 16.79 37.91 19.68
C GLY A 34 17.39 36.70 18.99
N ARG A 35 17.95 36.92 17.79
CA ARG A 35 18.57 35.87 17.00
C ARG A 35 20.07 36.13 16.75
N GLN A 36 20.64 37.01 17.57
CA GLN A 36 22.07 37.37 17.67
C GLN A 36 22.95 36.19 17.55
N LYS A 37 22.80 35.29 18.51
CA LYS A 37 23.59 34.10 18.60
C LYS A 37 23.21 33.08 17.52
N ALA A 38 21.93 33.03 17.14
CA ALA A 38 21.52 32.15 16.02
C ALA A 38 22.21 32.51 14.73
N ARG A 39 22.22 33.82 14.38
CA ARG A 39 22.91 34.31 13.18
C ARG A 39 24.42 34.06 13.25
N GLY A 40 25.02 34.27 14.45
CA GLY A 40 26.44 34.01 14.67
C GLY A 40 26.81 32.53 14.60
N ALA A 41 26.01 31.68 15.25
CA ALA A 41 26.18 30.24 15.18
C ALA A 41 26.26 29.74 13.74
N ALA A 42 25.29 30.14 12.92
CA ALA A 42 25.19 29.68 11.52
C ALA A 42 26.40 30.09 10.68
N THR A 43 26.87 31.34 10.83
CA THR A 43 28.06 31.83 10.13
C THR A 43 29.30 30.97 10.42
N ARG A 44 29.52 30.62 11.71
CA ARG A 44 30.62 29.76 12.11
C ARG A 44 30.51 28.35 11.53
N ALA A 45 29.30 27.78 11.57
CA ALA A 45 29.05 26.45 11.02
C ALA A 45 29.34 26.39 9.53
N ARG A 46 28.94 27.42 8.79
CA ARG A 46 29.15 27.37 7.35
C ARG A 46 30.64 27.52 6.98
N GLN A 47 31.37 28.43 7.67
CA GLN A 47 32.83 28.53 7.45
C GLN A 47 33.58 27.28 7.88
N LYS A 48 33.19 26.67 9.01
CA LYS A 48 33.76 25.37 9.38
C LYS A 48 33.49 24.32 8.28
N GLN A 49 32.25 24.30 7.75
CA GLN A 49 31.90 23.42 6.63
C GLN A 49 32.74 23.69 5.41
N ARG A 50 32.82 24.97 5.03
CA ARG A 50 33.57 25.41 3.84
C ARG A 50 35.06 25.09 3.97
N ALA A 51 35.64 25.30 5.17
CA ALA A 51 37.03 24.95 5.44
C ALA A 51 37.26 23.45 5.37
N SER A 52 36.27 22.66 5.81
CA SER A 52 36.37 21.20 5.72
C SER A 52 36.46 20.76 4.30
N LEU A 53 35.52 21.24 3.47
CA LEU A 53 35.46 20.88 2.06
C LEU A 53 36.66 21.39 1.32
N GLU A 54 37.10 22.63 1.60
CA GLU A 54 38.30 23.12 0.97
C GLU A 54 39.53 22.27 1.34
N THR A 55 39.62 21.83 2.60
CA THR A 55 40.68 20.91 3.03
C THR A 55 40.59 19.56 2.31
N MET A 56 39.38 18.96 2.27
CA MET A 56 39.14 17.71 1.52
C MET A 56 39.65 17.79 0.09
N ASP A 57 39.39 18.92 -0.58
CA ASP A 57 39.76 19.07 -1.99
C ASP A 57 41.25 19.17 -2.14
N LYS A 58 41.87 20.11 -1.42
CA LYS A 58 43.31 20.21 -1.52
C LYS A 58 44.01 18.89 -1.09
N ALA A 59 43.39 18.09 -0.21
CA ALA A 59 43.94 16.73 0.04
C ALA A 59 43.93 15.87 -1.21
N VAL A 60 42.74 15.69 -1.83
CA VAL A 60 42.45 14.83 -3.02
C VAL A 60 43.31 15.16 -4.18
N GLN A 61 43.41 16.43 -4.51
CA GLN A 61 44.14 16.79 -5.71
C GLN A 61 45.67 16.60 -5.50
N ARG A 62 46.15 16.80 -4.27
CA ARG A 62 47.55 16.38 -3.94
C ARG A 62 47.79 14.92 -4.32
N PHE A 63 46.88 14.07 -3.87
CA PHE A 63 46.98 12.63 -4.12
C PHE A 63 46.98 12.29 -5.60
N ARG A 64 46.04 12.89 -6.36
CA ARG A 64 45.86 12.57 -7.78
C ARG A 64 47.06 12.92 -8.66
N LEU A 65 47.86 13.92 -8.26
CA LEU A 65 49.12 14.20 -8.93
C LEU A 65 50.06 13.00 -8.87
N GLN A 66 50.20 12.38 -7.69
CA GLN A 66 51.09 11.24 -7.48
C GLN A 66 50.45 9.89 -7.82
N ASN A 67 49.14 9.87 -8.11
CA ASN A 67 48.42 8.63 -8.47
C ASN A 67 47.51 8.89 -9.68
N PRO A 68 48.07 9.26 -10.85
CA PRO A 68 47.23 9.60 -12.02
C PRO A 68 46.64 8.38 -12.71
N ASP A 69 47.49 7.39 -13.05
CA ASP A 69 47.00 6.17 -13.70
C ASP A 69 46.48 5.20 -12.63
N LEU A 70 45.23 5.45 -12.20
CA LEU A 70 44.61 4.68 -11.13
C LEU A 70 43.11 4.67 -11.31
N ASP A 71 42.57 3.44 -11.28
CA ASP A 71 41.22 3.16 -11.75
C ASP A 71 40.17 3.55 -10.68
N SER A 72 39.95 4.86 -10.57
CA SER A 72 39.08 5.41 -9.51
C SER A 72 37.62 5.01 -9.69
N GLU A 73 37.11 4.93 -10.92
CA GLU A 73 35.71 4.52 -10.94
C GLU A 73 35.54 2.97 -10.85
N ALA A 74 36.58 2.17 -11.13
CA ALA A 74 36.50 0.73 -10.72
C ALA A 74 36.46 0.57 -9.20
N LEU A 75 37.24 1.40 -8.50
CA LEU A 75 37.32 1.38 -7.04
C LEU A 75 36.01 1.79 -6.41
N LEU A 76 35.47 2.96 -6.81
CA LEU A 76 34.21 3.49 -6.26
C LEU A 76 33.02 2.54 -6.49
N THR A 77 33.03 1.84 -7.64
CA THR A 77 32.14 0.78 -8.15
C THR A 77 32.15 -0.48 -7.32
N LEU A 78 33.34 -0.81 -6.83
CA LEU A 78 33.57 -2.08 -6.14
C LEU A 78 32.63 -2.18 -4.95
N PRO A 79 31.94 -3.32 -4.76
CA PRO A 79 31.15 -3.54 -3.54
C PRO A 79 32.06 -3.74 -2.35
N LEU A 80 31.54 -3.38 -1.16
CA LEU A 80 32.31 -3.34 0.09
C LEU A 80 33.06 -4.63 0.44
N LEU A 81 32.41 -5.80 0.21
CA LEU A 81 33.00 -7.08 0.58
C LEU A 81 34.28 -7.34 -0.20
N GLN A 82 34.22 -7.04 -1.51
CA GLN A 82 35.30 -6.94 -2.51
C GLN A 82 36.43 -6.05 -2.06
N LEU A 83 36.03 -4.89 -1.59
CA LEU A 83 36.91 -3.81 -1.21
C LEU A 83 37.75 -4.16 0.03
N VAL A 84 37.08 -4.69 1.07
CA VAL A 84 37.77 -5.21 2.26
C VAL A 84 38.75 -6.31 1.88
N GLN A 85 38.34 -7.19 0.95
CA GLN A 85 39.16 -8.31 0.44
C GLN A 85 40.50 -7.82 -0.10
N LYS A 86 40.47 -6.79 -0.95
CA LYS A 86 41.68 -6.18 -1.54
C LYS A 86 42.49 -5.38 -0.52
N LEU A 87 41.81 -4.69 0.39
CA LEU A 87 42.48 -3.98 1.47
C LEU A 87 43.21 -4.96 2.40
N GLN A 88 42.56 -6.08 2.73
CA GLN A 88 43.14 -7.09 3.63
C GLN A 88 44.27 -7.85 2.97
N SER A 89 44.08 -8.26 1.70
CA SER A 89 45.15 -8.94 0.96
C SER A 89 46.24 -7.96 0.53
N GLY A 90 45.94 -6.67 0.51
CA GLY A 90 46.92 -5.64 0.13
C GLY A 90 47.05 -5.40 -1.37
N GLU A 91 45.97 -5.67 -2.12
CA GLU A 91 45.90 -5.31 -3.53
C GLU A 91 45.69 -3.82 -3.69
N LEU A 92 44.86 -3.20 -2.85
CA LEU A 92 44.78 -1.76 -2.81
C LEU A 92 45.21 -1.21 -1.46
N SER A 93 45.99 -0.13 -1.51
CA SER A 93 46.44 0.56 -0.34
C SER A 93 45.27 1.31 0.32
N PRO A 94 45.31 1.51 1.65
CA PRO A 94 44.28 2.33 2.30
C PRO A 94 44.23 3.76 1.80
N GLU A 95 45.37 4.37 1.46
CA GLU A 95 45.36 5.74 1.00
C GLU A 95 44.61 5.87 -0.32
N ALA A 96 44.83 4.91 -1.23
CA ALA A 96 44.07 4.88 -2.49
C ALA A 96 42.56 4.88 -2.26
N VAL A 97 42.05 3.95 -1.44
CA VAL A 97 40.59 3.86 -1.26
C VAL A 97 40.08 5.04 -0.46
N PHE A 98 40.90 5.57 0.45
CA PHE A 98 40.51 6.74 1.22
C PHE A 98 40.43 7.94 0.31
N PHE A 99 41.52 8.28 -0.38
CA PHE A 99 41.58 9.48 -1.24
C PHE A 99 40.75 9.38 -2.52
N THR A 100 40.35 8.19 -2.95
CA THR A 100 39.42 8.06 -4.06
C THR A 100 38.00 8.40 -3.60
N TYR A 101 37.54 7.73 -2.52
CA TYR A 101 36.23 8.04 -1.94
C TYR A 101 36.18 9.46 -1.42
N LEU A 102 37.30 9.96 -0.86
CA LEU A 102 37.31 11.33 -0.35
C LEU A 102 37.03 12.34 -1.46
N GLY A 103 37.56 12.07 -2.66
CA GLY A 103 37.28 12.91 -3.82
C GLY A 103 35.85 12.82 -4.27
N LYS A 104 35.27 11.60 -4.23
CA LYS A 104 33.94 11.34 -4.78
C LYS A 104 32.89 12.00 -3.91
N ALA A 105 33.04 11.81 -2.59
CA ALA A 105 32.21 12.47 -1.58
C ALA A 105 32.15 13.96 -1.79
N TRP A 106 33.33 14.57 -1.99
CA TRP A 106 33.44 15.99 -2.29
C TRP A 106 32.72 16.38 -3.58
N GLU A 107 32.74 15.51 -4.58
CA GLU A 107 32.09 15.78 -5.88
C GLU A 107 30.59 15.72 -5.75
N VAL A 108 30.07 14.60 -5.17
CA VAL A 108 28.63 14.43 -4.96
C VAL A 108 28.05 15.43 -3.97
N ASN A 109 28.89 15.97 -3.08
CA ASN A 109 28.46 16.99 -2.13
C ASN A 109 28.01 18.31 -2.80
N LYS A 110 28.47 18.57 -4.02
CA LYS A 110 28.17 19.80 -4.73
C LYS A 110 26.70 19.88 -5.16
N GLY A 111 26.09 18.74 -5.49
CA GLY A 111 24.67 18.69 -5.83
C GLY A 111 23.74 18.53 -4.64
N THR A 112 24.28 17.99 -3.54
CA THR A 112 23.47 17.48 -2.42
C THR A 112 23.60 18.23 -1.10
N ASN A 113 24.74 18.89 -0.80
CA ASN A 113 24.94 19.58 0.50
C ASN A 113 24.76 18.61 1.69
N CYS A 114 25.53 17.51 1.70
CA CYS A 114 25.35 16.43 2.67
C CYS A 114 26.57 16.14 3.56
N VAL A 115 27.63 16.94 3.47
CA VAL A 115 28.82 16.80 4.29
C VAL A 115 28.92 18.09 5.11
N THR A 116 28.75 17.96 6.45
CA THR A 116 28.89 18.97 7.53
C THR A 116 30.33 19.32 7.81
N SER A 117 31.12 18.26 7.93
CA SER A 117 32.48 18.35 8.35
C SER A 117 33.33 17.22 7.83
N TYR A 118 34.63 17.51 7.69
CA TYR A 118 35.66 16.57 7.35
C TYR A 118 36.33 16.27 8.67
N LEU A 119 36.40 15.02 9.06
CA LEU A 119 36.89 14.69 10.40
C LEU A 119 38.41 14.78 10.53
N THR A 120 38.96 15.97 10.24
CA THR A 120 40.31 16.37 10.72
C THR A 120 41.49 15.43 10.49
N ASP A 121 41.46 14.51 11.45
CA ASP A 121 42.50 13.57 11.82
C ASP A 121 42.44 12.22 11.12
N CYS A 122 41.40 11.93 10.33
CA CYS A 122 41.21 10.62 9.69
C CYS A 122 42.39 10.17 8.83
N GLU A 123 43.16 11.14 8.30
CA GLU A 123 44.42 10.88 7.60
C GLU A 123 45.44 10.22 8.52
N THR A 124 45.45 10.62 9.80
CA THR A 124 46.33 10.03 10.81
C THR A 124 45.87 8.65 11.23
N GLN A 125 44.55 8.47 11.42
CA GLN A 125 43.94 7.16 11.73
C GLN A 125 44.20 6.12 10.64
N LEU A 126 44.15 6.56 9.37
CA LEU A 126 44.48 5.71 8.22
C LEU A 126 45.84 5.01 8.37
N SER A 127 46.88 5.75 8.77
CA SER A 127 48.21 5.15 8.97
C SER A 127 48.28 4.23 10.18
N GLN A 128 47.61 4.56 11.30
CA GLN A 128 47.68 3.71 12.48
C GLN A 128 46.43 2.84 12.70
N ALA A 129 45.82 2.39 11.59
CA ALA A 129 44.60 1.58 11.62
C ALA A 129 44.90 0.14 12.02
N PRO A 130 44.16 -0.43 13.02
CA PRO A 130 44.29 -1.84 13.40
C PRO A 130 44.27 -2.82 12.23
N ARG A 131 45.44 -3.41 11.94
CA ARG A 131 45.71 -4.07 10.65
C ARG A 131 44.94 -5.36 10.41
N GLN A 132 44.64 -6.13 11.43
CA GLN A 132 43.81 -7.29 11.07
C GLN A 132 42.33 -7.11 11.47
N GLY A 133 41.88 -5.86 11.49
CA GLY A 133 40.47 -5.52 11.72
C GLY A 133 39.56 -5.87 10.55
N LEU A 134 38.27 -6.13 10.87
CA LEU A 134 37.30 -6.54 9.84
C LEU A 134 36.90 -5.42 8.89
N LEU A 135 37.13 -4.16 9.25
CA LEU A 135 36.89 -3.03 8.38
C LEU A 135 38.18 -2.27 8.08
N TYR A 136 39.31 -2.99 8.02
CA TYR A 136 40.62 -2.35 7.80
C TYR A 136 40.61 -1.51 6.55
N GLY A 137 40.84 -0.21 6.72
CA GLY A 137 40.96 0.73 5.61
C GLY A 137 39.66 1.14 4.96
N VAL A 138 38.52 0.74 5.49
CA VAL A 138 37.23 1.16 4.99
C VAL A 138 36.96 2.54 5.52
N PRO A 139 36.74 3.52 4.66
CA PRO A 139 36.31 4.84 5.12
C PRO A 139 34.81 4.84 5.36
N VAL A 140 34.34 5.53 6.41
CA VAL A 140 32.97 5.40 6.92
C VAL A 140 32.33 6.74 7.27
N SER A 141 31.17 7.04 6.69
CA SER A 141 30.45 8.29 6.98
C SER A 141 29.65 8.15 8.28
N LEU A 142 29.55 9.25 9.05
CA LEU A 142 28.79 9.23 10.28
C LEU A 142 27.77 10.33 10.28
N LYS A 143 26.54 9.98 10.62
CA LYS A 143 25.52 10.97 10.93
C LYS A 143 26.07 11.89 12.02
N GLU A 144 25.61 13.14 12.03
CA GLU A 144 26.22 14.18 12.85
C GLU A 144 26.09 13.90 14.34
N CYS A 145 24.99 13.30 14.78
CA CYS A 145 24.75 12.96 16.19
C CYS A 145 25.78 12.02 16.81
N PHE A 146 26.52 11.25 16.01
CA PHE A 146 27.61 10.41 16.50
C PHE A 146 28.82 11.27 16.92
N SER A 147 29.09 11.32 18.22
CA SER A 147 30.15 12.16 18.74
C SER A 147 31.50 11.73 18.21
N TYR A 148 32.25 12.73 17.72
CA TYR A 148 33.60 12.55 17.25
C TYR A 148 34.45 13.63 17.90
N LYS A 149 35.63 13.23 18.38
CA LYS A 149 36.46 14.09 19.21
C LYS A 149 36.84 15.36 18.48
N GLY A 150 36.59 16.50 19.13
CA GLY A 150 36.95 17.80 18.59
C GLY A 150 35.99 18.39 17.59
N HIS A 151 34.89 17.71 17.33
CA HIS A 151 33.89 18.13 16.35
C HIS A 151 32.55 18.32 17.04
N ASP A 152 31.86 19.39 16.68
CA ASP A 152 30.46 19.60 17.09
C ASP A 152 29.58 18.48 16.57
N SER A 153 28.59 18.11 17.36
CA SER A 153 27.46 17.32 16.88
C SER A 153 26.25 18.23 17.14
N THR A 154 26.07 19.20 16.22
CA THR A 154 25.12 20.30 16.41
C THR A 154 23.66 19.87 16.44
N LEU A 155 23.30 18.84 15.66
CA LEU A 155 21.92 18.47 15.37
C LEU A 155 21.12 19.63 14.78
N GLY A 156 21.80 20.47 13.97
CA GLY A 156 21.21 21.65 13.39
C GLY A 156 20.82 22.76 14.34
N LEU A 157 21.15 22.65 15.62
CA LEU A 157 20.72 23.57 16.67
C LEU A 157 21.85 24.52 17.10
N SER A 158 21.51 25.79 17.29
CA SER A 158 22.56 26.75 17.63
C SER A 158 23.07 26.57 19.08
N LEU A 159 22.27 26.01 19.95
CA LEU A 159 22.72 25.70 21.32
C LEU A 159 23.90 24.71 21.37
N ASN A 160 24.06 23.84 20.38
CA ASN A 160 25.14 22.85 20.32
C ASN A 160 26.31 23.28 19.44
N GLU A 161 26.32 24.53 18.97
CA GLU A 161 27.42 25.06 18.18
C GLU A 161 28.55 25.55 19.10
N GLY A 162 29.80 25.24 18.74
CA GLY A 162 30.98 25.59 19.53
C GLY A 162 31.12 24.77 20.78
N MET A 163 30.82 23.47 20.69
CA MET A 163 30.83 22.57 21.84
C MET A 163 31.29 21.25 21.42
N PRO A 164 32.57 21.12 21.02
CA PRO A 164 33.14 19.91 20.46
C PRO A 164 33.11 18.77 21.47
N SER A 165 33.00 17.54 20.95
CA SER A 165 32.96 16.35 21.80
C SER A 165 34.31 16.15 22.45
N GLU A 166 34.29 15.91 23.78
CA GLU A 166 35.49 15.52 24.51
C GLU A 166 36.10 14.22 23.98
N SER A 167 35.28 13.32 23.44
CA SER A 167 35.79 12.05 22.90
C SER A 167 34.77 11.34 21.99
N ASP A 168 35.27 10.33 21.27
CA ASP A 168 34.45 9.59 20.32
C ASP A 168 33.41 8.74 21.03
N CYS A 169 32.17 8.72 20.52
CA CYS A 169 31.11 7.82 21.02
C CYS A 169 31.54 6.37 20.90
N VAL A 170 30.89 5.49 21.69
CA VAL A 170 31.39 4.12 21.85
C VAL A 170 31.48 3.40 20.52
N VAL A 171 30.44 3.50 19.67
CA VAL A 171 30.45 2.82 18.35
C VAL A 171 31.58 3.30 17.43
N VAL A 172 31.93 4.59 17.47
CA VAL A 172 33.05 5.13 16.69
C VAL A 172 34.37 4.52 17.15
N GLN A 173 34.54 4.33 18.48
CA GLN A 173 35.73 3.69 19.01
C GLN A 173 35.88 2.28 18.48
N VAL A 174 34.75 1.55 18.41
CA VAL A 174 34.73 0.18 17.92
C VAL A 174 35.04 0.16 16.45
N LEU A 175 34.48 1.12 15.70
CA LEU A 175 34.76 1.30 14.28
C LEU A 175 36.25 1.46 14.06
N LYS A 176 36.85 2.47 14.72
CA LYS A 176 38.29 2.72 14.67
C LYS A 176 39.09 1.51 15.13
N LEU A 177 38.62 0.81 16.18
CA LEU A 177 39.31 -0.39 16.67
C LEU A 177 39.21 -1.54 15.70
N GLN A 178 38.15 -1.60 14.91
CA GLN A 178 37.97 -2.66 13.92
C GLN A 178 38.61 -2.28 12.57
N GLY A 179 39.32 -1.14 12.51
CA GLY A 179 40.14 -0.79 11.36
C GLY A 179 39.55 0.26 10.43
N ALA A 180 38.35 0.74 10.72
CA ALA A 180 37.68 1.71 9.85
C ALA A 180 38.24 3.11 10.04
N VAL A 181 38.03 3.96 9.04
CA VAL A 181 38.50 5.35 9.05
C VAL A 181 37.31 6.28 8.90
N PRO A 182 36.58 6.57 9.97
CA PRO A 182 35.48 7.56 9.88
C PRO A 182 36.00 8.88 9.41
N PHE A 183 35.36 9.45 8.36
CA PHE A 183 35.93 10.62 7.67
C PHE A 183 35.04 11.83 7.50
N VAL A 184 33.70 11.70 7.55
CA VAL A 184 32.80 12.86 7.48
C VAL A 184 31.61 12.81 8.43
N HIS A 185 31.14 13.99 8.85
CA HIS A 185 29.86 14.13 9.54
C HIS A 185 28.82 14.59 8.54
N THR A 186 27.84 13.73 8.26
CA THR A 186 26.77 14.05 7.30
C THR A 186 25.55 14.67 7.95
N ASN A 187 24.90 15.54 7.17
CA ASN A 187 23.89 16.49 7.62
C ASN A 187 22.60 15.79 8.18
N VAL A 188 21.84 16.55 8.99
CA VAL A 188 20.57 16.11 9.62
C VAL A 188 19.58 17.25 9.70
N PRO A 189 18.26 16.97 9.72
CA PRO A 189 17.26 18.03 9.93
C PRO A 189 17.30 18.52 11.37
N GLN A 190 17.13 19.83 11.57
CA GLN A 190 17.18 20.43 12.89
C GLN A 190 16.45 19.59 13.92
N SER A 191 17.19 19.05 14.91
CA SER A 191 16.68 18.23 16.00
C SER A 191 16.51 16.75 15.67
N MET A 192 16.66 16.35 14.42
CA MET A 192 16.45 14.97 13.98
C MET A 192 15.00 14.42 14.12
N PHE A 193 14.02 15.24 14.53
CA PHE A 193 12.61 14.84 14.62
C PHE A 193 11.85 15.22 13.34
N SER A 194 12.34 14.69 12.21
CA SER A 194 11.83 15.06 10.89
C SER A 194 12.39 14.08 9.86
N TYR A 195 11.56 13.65 8.88
CA TYR A 195 12.06 12.78 7.80
C TYR A 195 12.38 13.56 6.51
N ASP A 196 12.44 14.89 6.59
CA ASP A 196 13.14 15.76 5.66
C ASP A 196 14.55 15.99 6.22
N CYS A 197 15.33 16.94 5.66
CA CYS A 197 16.75 17.08 6.05
C CYS A 197 17.35 18.48 5.83
N SER A 198 16.78 19.48 6.51
CA SER A 198 17.32 20.84 6.54
C SER A 198 17.46 21.41 7.97
N ASN A 199 18.43 22.32 8.16
CA ASN A 199 18.64 23.06 9.41
C ASN A 199 19.26 24.41 9.14
N PRO A 200 19.06 25.41 10.00
CA PRO A 200 19.59 26.77 9.70
C PRO A 200 21.12 26.90 9.70
N LEU A 201 21.87 25.91 10.22
CA LEU A 201 23.33 26.00 10.26
C LEU A 201 23.95 25.67 8.92
N PHE A 202 23.68 24.45 8.43
CA PHE A 202 24.22 23.93 7.16
C PHE A 202 23.23 23.94 6.00
N GLY A 203 21.97 24.30 6.25
CA GLY A 203 20.94 24.37 5.22
C GLY A 203 20.38 23.00 4.84
N GLN A 204 19.84 22.93 3.62
CA GLN A 204 19.09 21.78 3.11
C GLN A 204 19.94 20.79 2.31
N THR A 205 19.77 19.49 2.62
CA THR A 205 20.35 18.40 1.83
C THR A 205 19.30 17.95 0.81
N MET A 206 19.76 17.58 -0.40
CA MET A 206 18.91 17.20 -1.52
C MET A 206 19.17 15.78 -2.01
N ASN A 207 18.15 15.21 -2.64
CA ASN A 207 18.19 13.83 -3.11
C ASN A 207 19.08 13.78 -4.33
N PRO A 208 20.06 12.85 -4.40
CA PRO A 208 20.99 12.83 -5.53
C PRO A 208 20.36 12.40 -6.85
N TRP A 209 19.23 11.70 -6.83
CA TRP A 209 18.53 11.28 -8.04
C TRP A 209 17.68 12.41 -8.63
N LYS A 210 17.20 13.33 -7.79
CA LYS A 210 16.36 14.45 -8.21
C LYS A 210 16.36 15.56 -7.15
N SER A 211 16.97 16.68 -7.44
CA SER A 211 17.22 17.73 -6.42
C SER A 211 15.96 18.45 -5.92
N SER A 212 14.83 18.29 -6.60
CA SER A 212 13.54 18.79 -6.11
C SER A 212 13.00 17.96 -4.93
N LYS A 213 13.55 16.77 -4.70
CA LYS A 213 13.06 15.82 -3.70
C LYS A 213 13.90 15.82 -2.43
N SER A 214 13.27 15.48 -1.33
CA SER A 214 13.94 15.23 -0.08
C SER A 214 14.79 13.97 -0.19
N PRO A 215 15.95 13.93 0.47
CA PRO A 215 16.75 12.69 0.56
C PRO A 215 16.25 11.72 1.62
N GLY A 216 15.24 12.10 2.41
CA GLY A 216 14.80 11.35 3.58
C GLY A 216 15.36 11.96 4.85
N GLY A 217 15.03 11.36 6.00
CA GLY A 217 15.62 11.83 7.26
C GLY A 217 15.20 10.99 8.46
N SER A 218 15.82 11.26 9.62
CA SER A 218 16.83 12.28 9.85
C SER A 218 18.24 11.95 9.32
N SER A 219 18.52 10.70 8.94
CA SER A 219 19.84 10.33 8.41
C SER A 219 19.96 10.66 6.91
N GLY A 220 19.58 11.88 6.53
CA GLY A 220 19.42 12.23 5.12
C GLY A 220 20.74 12.43 4.39
N GLY A 221 21.66 13.16 5.04
CA GLY A 221 23.02 13.29 4.53
C GLY A 221 23.72 11.97 4.31
N GLU A 222 23.45 10.99 5.17
CA GLU A 222 23.96 9.64 4.99
C GLU A 222 23.48 9.03 3.70
N GLY A 223 22.15 8.99 3.52
CA GLY A 223 21.53 8.39 2.35
C GLY A 223 21.94 9.04 1.06
N ALA A 224 21.93 10.38 1.07
CA ALA A 224 22.36 11.20 -0.07
C ALA A 224 23.77 10.88 -0.47
N LEU A 225 24.68 10.76 0.52
CA LEU A 225 26.09 10.48 0.28
C LEU A 225 26.32 9.05 -0.17
N ILE A 226 25.76 8.07 0.57
CA ILE A 226 25.95 6.66 0.23
C ILE A 226 25.25 6.34 -1.08
N GLY A 227 24.02 6.84 -1.21
CA GLY A 227 23.20 6.66 -2.39
C GLY A 227 23.77 7.21 -3.66
N SER A 228 24.77 8.10 -3.60
CA SER A 228 25.46 8.61 -4.79
C SER A 228 26.92 8.14 -4.93
N GLY A 229 27.32 7.09 -4.20
CA GLY A 229 28.70 6.58 -4.21
C GLY A 229 29.72 7.37 -3.40
N GLY A 230 29.26 8.28 -2.54
CA GLY A 230 30.13 9.09 -1.69
C GLY A 230 30.74 8.37 -0.48
N SER A 231 30.22 7.20 -0.11
CA SER A 231 30.73 6.38 0.97
C SER A 231 30.28 4.94 0.84
N PRO A 232 31.14 3.93 1.10
CA PRO A 232 30.72 2.53 0.98
C PRO A 232 29.80 2.09 2.09
N LEU A 233 29.91 2.73 3.26
CA LEU A 233 29.24 2.32 4.49
C LEU A 233 29.12 3.52 5.44
N GLY A 234 27.98 3.65 6.13
CA GLY A 234 27.80 4.63 7.16
C GLY A 234 26.81 4.25 8.25
N LEU A 235 26.68 5.13 9.25
CA LEU A 235 25.90 4.88 10.46
C LEU A 235 24.80 5.90 10.68
N GLY A 236 23.60 5.41 11.02
CA GLY A 236 22.46 6.27 11.24
C GLY A 236 21.78 5.94 12.57
N THR A 237 20.81 6.78 12.93
CA THR A 237 19.93 6.55 14.06
C THR A 237 18.51 6.51 13.55
N ASP A 238 17.65 5.75 14.23
CA ASP A 238 16.24 5.67 13.88
C ASP A 238 15.40 5.74 15.11
N ILE A 239 14.41 6.65 15.08
CA ILE A 239 13.38 6.68 16.10
C ILE A 239 11.94 6.74 15.55
N GLY A 240 11.73 7.24 14.34
CA GLY A 240 10.43 7.12 13.66
C GLY A 240 10.53 6.64 12.21
N GLY A 241 11.63 5.98 11.88
CA GLY A 241 11.98 5.63 10.51
C GLY A 241 13.26 6.25 9.96
N SER A 242 14.09 6.83 10.84
CA SER A 242 15.18 7.73 10.40
C SER A 242 16.40 7.06 9.77
N ILE A 243 16.50 5.73 9.77
CA ILE A 243 17.40 5.00 8.89
C ILE A 243 16.68 4.57 7.63
N ARG A 244 15.42 4.14 7.82
CA ARG A 244 14.69 3.48 6.74
C ARG A 244 14.21 4.47 5.67
N PHE A 245 13.67 5.62 6.06
CA PHE A 245 13.29 6.65 5.07
C PHE A 245 14.44 6.99 4.12
N PRO A 246 15.58 7.53 4.60
CA PRO A 246 16.63 7.94 3.66
C PRO A 246 17.22 6.80 2.84
N SER A 247 17.29 5.60 3.39
CA SER A 247 17.65 4.39 2.62
C SER A 247 16.69 4.15 1.46
N ALA A 248 15.38 4.27 1.70
CA ALA A 248 14.35 4.06 0.70
C ALA A 248 14.33 5.18 -0.34
N PHE A 249 14.29 6.44 0.12
CA PHE A 249 14.24 7.62 -0.74
C PHE A 249 15.47 7.74 -1.64
N CYS A 250 16.66 7.41 -1.12
CA CYS A 250 17.90 7.48 -1.88
C CYS A 250 18.31 6.15 -2.49
N GLY A 251 17.57 5.07 -2.22
CA GLY A 251 17.73 3.81 -2.93
C GLY A 251 18.94 3.00 -2.50
N ILE A 252 19.07 2.81 -1.20
CA ILE A 252 20.14 1.99 -0.62
C ILE A 252 19.56 1.13 0.50
N CYS A 253 20.39 0.23 1.04
CA CYS A 253 19.99 -0.59 2.19
C CYS A 253 20.17 0.12 3.53
N GLY A 254 19.44 -0.35 4.54
CA GLY A 254 19.53 0.17 5.88
C GLY A 254 18.81 -0.70 6.88
N LEU A 255 19.37 -0.84 8.09
CA LEU A 255 18.78 -1.64 9.16
C LEU A 255 18.64 -0.86 10.46
N LYS A 256 17.43 -0.85 11.02
CA LYS A 256 17.18 -0.41 12.39
C LYS A 256 17.10 -1.66 13.23
N PRO A 257 18.14 -2.01 13.99
CA PRO A 257 18.05 -3.10 14.95
C PRO A 257 17.12 -2.83 16.12
N THR A 258 17.09 -3.82 17.03
CA THR A 258 16.43 -3.69 18.31
C THR A 258 17.20 -2.62 19.07
N GLY A 259 16.47 -1.68 19.68
CA GLY A 259 17.04 -0.58 20.42
C GLY A 259 18.38 -0.88 21.07
N ASN A 260 18.43 -1.90 21.92
CA ASN A 260 19.64 -2.06 22.69
C ASN A 260 20.45 -3.26 22.26
N ARG A 261 20.51 -3.46 20.95
CA ARG A 261 21.47 -4.37 20.34
C ARG A 261 22.84 -3.74 20.29
N LEU A 262 22.88 -2.41 20.08
CA LEU A 262 24.14 -1.66 20.04
C LEU A 262 24.16 -0.47 21.00
N SER A 263 25.37 0.04 21.26
CA SER A 263 25.60 1.04 22.30
C SER A 263 25.17 2.45 21.86
N LYS A 264 24.16 3.01 22.54
CA LYS A 264 23.77 4.41 22.35
C LYS A 264 24.68 5.40 23.10
N SER A 265 25.69 4.92 23.83
CA SER A 265 26.61 5.76 24.59
C SER A 265 27.41 6.68 23.66
N GLY A 266 27.33 7.98 23.92
CA GLY A 266 28.04 8.99 23.14
C GLY A 266 27.25 9.62 22.03
N LEU A 267 26.03 9.16 21.74
CA LEU A 267 25.23 9.83 20.73
C LEU A 267 24.51 11.04 21.31
N LYS A 268 24.62 12.14 20.55
CA LYS A 268 24.10 13.46 20.84
C LYS A 268 22.59 13.46 20.55
N GLY A 269 21.73 13.80 21.53
CA GLY A 269 20.30 13.85 21.30
C GLY A 269 19.61 15.10 21.86
N CYS A 270 18.35 15.30 21.44
CA CYS A 270 17.52 16.38 21.97
C CYS A 270 16.99 16.11 23.36
N VAL A 271 16.61 14.88 23.63
CA VAL A 271 15.91 14.47 24.85
C VAL A 271 16.58 13.23 25.44
N TYR A 272 16.75 13.22 26.75
CA TYR A 272 17.36 12.10 27.46
C TYR A 272 16.38 11.56 28.49
N GLY A 273 16.32 10.23 28.62
CA GLY A 273 15.49 9.57 29.63
C GLY A 273 14.07 9.25 29.22
N GLN A 274 13.74 9.45 27.95
CA GLN A 274 12.56 8.91 27.31
C GLN A 274 12.89 7.48 26.89
N THR A 275 12.29 6.47 27.53
CA THR A 275 12.62 5.06 27.28
C THR A 275 11.50 4.27 26.63
N ALA A 276 10.32 4.87 26.51
CA ALA A 276 9.13 4.17 26.05
C ALA A 276 9.23 3.79 24.59
N VAL A 277 9.50 4.76 23.71
CA VAL A 277 9.89 4.51 22.32
C VAL A 277 11.37 4.72 22.25
N GLN A 278 12.11 3.63 22.12
CA GLN A 278 13.56 3.64 22.29
C GLN A 278 14.24 3.94 20.98
N LEU A 279 15.18 4.85 20.99
CA LEU A 279 15.94 5.01 19.77
C LEU A 279 16.89 3.88 19.57
N SER A 280 17.19 3.64 18.29
CA SER A 280 17.99 2.55 17.79
C SER A 280 18.96 3.08 16.75
N LEU A 281 20.18 2.54 16.73
CA LEU A 281 21.17 2.89 15.73
C LEU A 281 21.52 1.67 14.88
N GLY A 282 21.93 1.91 13.66
CA GLY A 282 22.37 0.83 12.79
C GLY A 282 23.04 1.29 11.51
N PRO A 283 23.45 0.32 10.69
CA PRO A 283 24.19 0.63 9.46
C PRO A 283 23.32 1.08 8.31
N MET A 284 23.96 1.77 7.36
CA MET A 284 23.39 2.10 6.07
C MET A 284 24.45 1.83 5.02
N ALA A 285 24.08 1.15 3.95
CA ALA A 285 25.05 0.78 2.93
C ALA A 285 24.35 0.56 1.60
N ARG A 286 25.16 0.38 0.54
CA ARG A 286 24.63 0.17 -0.81
C ARG A 286 24.01 -1.20 -0.99
N ASP A 287 24.50 -2.24 -0.30
CA ASP A 287 23.91 -3.59 -0.39
C ASP A 287 23.74 -4.20 1.01
N VAL A 288 23.03 -5.34 1.07
CA VAL A 288 22.69 -6.00 2.33
C VAL A 288 23.91 -6.64 2.98
N GLU A 289 24.81 -7.24 2.17
CA GLU A 289 26.05 -7.84 2.68
C GLU A 289 26.90 -6.86 3.48
N SER A 290 27.01 -5.61 2.99
CA SER A 290 27.70 -4.55 3.69
C SER A 290 27.16 -4.37 5.08
N LEU A 291 25.82 -4.31 5.19
CA LEU A 291 25.15 -4.17 6.50
C LEU A 291 25.52 -5.30 7.42
N ALA A 292 25.55 -6.54 6.90
CA ALA A 292 25.85 -7.71 7.70
C ALA A 292 27.32 -7.76 8.15
N LEU A 293 28.19 -7.26 7.28
CA LEU A 293 29.62 -7.01 7.56
C LEU A 293 29.80 -6.11 8.74
N CYS A 294 29.08 -4.99 8.69
CA CYS A 294 29.17 -3.92 9.65
C CYS A 294 28.72 -4.32 11.05
N LEU A 295 27.55 -4.99 11.18
CA LEU A 295 27.13 -5.53 12.47
C LEU A 295 28.11 -6.55 13.00
N LYS A 296 28.58 -7.46 12.13
CA LYS A 296 29.57 -8.46 12.56
C LYS A 296 30.83 -7.79 13.07
N ALA A 297 31.18 -6.63 12.51
CA ALA A 297 32.32 -5.84 12.95
C ALA A 297 32.08 -5.15 14.29
N LEU A 298 30.89 -4.57 14.49
CA LEU A 298 30.64 -3.90 15.75
C LEU A 298 30.32 -4.89 16.87
N LEU A 299 29.52 -5.93 16.62
CA LEU A 299 29.19 -6.86 17.72
C LEU A 299 30.34 -7.80 18.02
N CYS A 300 31.29 -7.25 18.77
CA CYS A 300 32.52 -7.90 19.20
C CYS A 300 32.78 -7.59 20.67
N GLU A 301 33.86 -8.17 21.23
CA GLU A 301 34.19 -7.97 22.64
C GLU A 301 34.63 -6.54 22.94
N HIS A 302 35.01 -5.73 21.94
CA HIS A 302 35.29 -4.32 22.20
C HIS A 302 34.05 -3.60 22.63
N LEU A 303 32.99 -3.72 21.83
CA LEU A 303 31.72 -3.06 22.12
C LEU A 303 31.22 -3.45 23.49
N PHE A 304 31.19 -4.78 23.78
CA PHE A 304 30.60 -5.29 25.01
C PHE A 304 31.45 -4.96 26.24
N THR A 305 32.78 -4.89 26.06
CA THR A 305 33.68 -4.44 27.11
C THR A 305 33.49 -2.97 27.38
N LEU A 306 33.53 -2.15 26.31
CA LEU A 306 33.35 -0.69 26.39
C LEU A 306 31.97 -0.25 26.84
N ASP A 307 30.94 -1.06 26.58
CA ASP A 307 29.60 -0.79 27.10
C ASP A 307 28.98 -2.09 27.51
N PRO A 308 29.16 -2.49 28.79
CA PRO A 308 28.54 -3.70 29.29
C PRO A 308 27.04 -3.62 29.47
N THR A 309 26.38 -2.46 29.27
CA THR A 309 24.92 -2.44 29.35
C THR A 309 24.26 -3.05 28.11
N VAL A 310 25.02 -3.30 27.06
CA VAL A 310 24.52 -4.02 25.89
C VAL A 310 24.71 -5.48 26.09
N PRO A 311 23.71 -6.31 25.76
CA PRO A 311 23.83 -7.75 26.00
C PRO A 311 24.79 -8.38 25.03
N PRO A 312 25.81 -9.13 25.51
CA PRO A 312 26.88 -9.65 24.63
C PRO A 312 26.45 -10.76 23.69
N LEU A 313 25.65 -10.38 22.70
CA LEU A 313 25.04 -11.26 21.69
C LEU A 313 25.90 -11.24 20.47
N PRO A 314 26.74 -12.24 20.23
CA PRO A 314 27.60 -12.22 19.05
C PRO A 314 26.77 -12.42 17.80
N PHE A 315 27.19 -11.79 16.69
CA PHE A 315 26.54 -11.94 15.38
C PHE A 315 26.57 -13.38 14.94
N ARG A 316 25.38 -13.98 14.80
CA ARG A 316 25.25 -15.38 14.42
C ARG A 316 25.23 -15.54 12.90
N GLU A 317 26.42 -15.81 12.34
CA GLU A 317 26.57 -15.99 10.88
C GLU A 317 25.71 -17.16 10.34
N GLU A 318 25.55 -18.23 11.14
CA GLU A 318 24.73 -19.40 10.74
C GLU A 318 23.33 -19.00 10.30
N VAL A 319 22.68 -18.11 11.06
CA VAL A 319 21.31 -17.72 10.74
C VAL A 319 21.30 -16.80 9.53
N TYR A 320 22.23 -15.84 9.47
CA TYR A 320 22.30 -14.92 8.34
C TYR A 320 22.42 -15.65 7.02
N ARG A 321 23.23 -16.70 6.95
CA ARG A 321 23.53 -17.43 5.71
C ARG A 321 22.58 -18.60 5.40
N SER A 322 21.49 -18.74 6.15
CA SER A 322 20.56 -19.85 5.96
C SER A 322 19.72 -19.68 4.70
N SER A 323 19.36 -20.80 4.08
CA SER A 323 18.52 -20.84 2.91
C SER A 323 17.23 -21.64 3.16
N ARG A 324 16.81 -21.77 4.42
CA ARG A 324 15.56 -22.45 4.77
C ARG A 324 14.37 -21.63 4.30
N PRO A 325 13.37 -22.25 3.64
CA PRO A 325 12.14 -21.53 3.28
C PRO A 325 11.52 -20.77 4.45
N LEU A 326 11.07 -19.54 4.19
CA LEU A 326 10.55 -18.67 5.23
C LEU A 326 9.03 -18.63 5.17
N ARG A 327 8.43 -18.55 6.34
CA ARG A 327 7.04 -18.21 6.48
C ARG A 327 7.05 -16.72 6.69
N VAL A 328 6.48 -15.99 5.74
CA VAL A 328 6.61 -14.55 5.64
C VAL A 328 5.23 -13.91 5.78
N GLY A 329 4.99 -13.17 6.85
CA GLY A 329 3.79 -12.35 6.92
C GLY A 329 3.86 -11.24 5.91
N TYR A 330 2.70 -10.73 5.45
CA TYR A 330 2.69 -9.57 4.56
C TYR A 330 1.43 -8.74 4.69
N TYR A 331 1.56 -7.46 4.29
CA TYR A 331 0.41 -6.61 4.09
C TYR A 331 0.69 -5.54 3.05
N GLU A 332 -0.22 -5.35 2.10
CA GLU A 332 0.13 -4.28 1.15
C GLU A 332 -0.37 -2.92 1.61
N THR A 333 -1.09 -2.86 2.73
CA THR A 333 -1.35 -1.58 3.38
C THR A 333 -1.51 -1.74 4.90
N ASP A 334 -1.32 -0.63 5.61
CA ASP A 334 -1.53 -0.56 7.04
C ASP A 334 -2.87 0.10 7.36
N ASN A 335 -3.68 0.33 6.34
CA ASN A 335 -4.98 0.98 6.46
C ASN A 335 -4.92 2.36 7.12
N TYR A 336 -3.74 2.94 7.21
CA TYR A 336 -3.54 4.22 7.87
C TYR A 336 -2.97 5.24 6.90
N THR A 337 -1.83 4.92 6.29
CA THR A 337 -1.27 5.66 5.18
C THR A 337 -1.48 4.82 3.93
N MET A 338 -2.23 5.36 2.98
CA MET A 338 -2.45 4.70 1.70
C MET A 338 -1.16 4.67 0.91
N PRO A 339 -0.71 3.51 0.47
CA PRO A 339 0.54 3.44 -0.27
C PRO A 339 0.39 4.05 -1.64
N SER A 340 1.49 4.54 -2.18
CA SER A 340 1.57 4.94 -3.58
C SER A 340 1.45 3.68 -4.45
N PRO A 341 1.10 3.85 -5.72
CA PRO A 341 1.15 2.74 -6.67
C PRO A 341 2.48 2.06 -6.69
N ALA A 342 3.57 2.82 -6.73
CA ALA A 342 4.93 2.27 -6.73
C ALA A 342 5.18 1.35 -5.55
N MET A 343 4.80 1.81 -4.34
CA MET A 343 4.88 1.01 -3.12
C MET A 343 4.09 -0.26 -3.25
N ARG A 344 2.83 -0.14 -3.66
CA ARG A 344 1.94 -1.27 -3.83
C ARG A 344 2.49 -2.29 -4.82
N ARG A 345 3.05 -1.81 -5.94
CA ARG A 345 3.62 -2.68 -6.95
C ARG A 345 4.90 -3.33 -6.47
N ALA A 346 5.75 -2.55 -5.80
CA ALA A 346 6.96 -3.07 -5.17
C ALA A 346 6.66 -4.19 -4.19
N LEU A 347 5.55 -4.07 -3.45
CA LEU A 347 5.19 -5.02 -2.39
C LEU A 347 4.65 -6.31 -2.99
N ILE A 348 3.81 -6.20 -4.02
CA ILE A 348 3.21 -7.35 -4.68
C ILE A 348 4.23 -8.08 -5.53
N GLU A 349 5.07 -7.34 -6.27
CA GLU A 349 6.11 -7.97 -7.09
C GLU A 349 7.09 -8.77 -6.26
N THR A 350 7.37 -8.33 -5.05
CA THR A 350 8.27 -9.03 -4.14
C THR A 350 7.57 -10.23 -3.53
N LYS A 351 6.34 -10.01 -3.02
CA LYS A 351 5.48 -11.06 -2.50
C LYS A 351 5.45 -12.24 -3.46
N GLN A 352 5.23 -11.98 -4.75
CA GLN A 352 5.11 -13.03 -5.75
C GLN A 352 6.46 -13.62 -6.13
N ARG A 353 7.51 -12.80 -6.20
CA ARG A 353 8.85 -13.29 -6.50
C ARG A 353 9.33 -14.22 -5.40
N LEU A 354 9.01 -13.89 -4.14
CA LEU A 354 9.28 -14.74 -2.97
C LEU A 354 8.51 -16.07 -3.00
N GLU A 355 7.23 -16.03 -3.39
CA GLU A 355 6.43 -17.26 -3.54
C GLU A 355 7.08 -18.21 -4.54
N ALA A 356 7.57 -17.66 -5.66
CA ALA A 356 8.27 -18.43 -6.69
C ALA A 356 9.57 -19.05 -6.17
N ALA A 357 10.25 -18.36 -5.25
CA ALA A 357 11.42 -18.93 -4.57
C ALA A 357 11.07 -20.01 -3.54
N GLY A 358 9.80 -20.16 -3.16
CA GLY A 358 9.31 -21.23 -2.29
C GLY A 358 9.00 -20.81 -0.87
N HIS A 359 9.03 -19.52 -0.59
CA HIS A 359 8.72 -19.01 0.73
C HIS A 359 7.21 -18.90 0.80
N THR A 360 6.65 -19.05 2.00
CA THR A 360 5.21 -19.14 2.18
C THR A 360 4.70 -17.78 2.65
N LEU A 361 3.95 -17.10 1.79
CA LEU A 361 3.44 -15.74 2.09
C LEU A 361 2.06 -15.80 2.75
N ILE A 362 1.92 -15.11 3.89
CA ILE A 362 0.73 -15.20 4.75
C ILE A 362 0.22 -13.81 5.09
N PRO A 363 -1.06 -13.50 4.84
CA PRO A 363 -1.60 -12.19 5.23
C PRO A 363 -1.54 -12.02 6.73
N PHE A 364 -1.01 -10.85 7.18
CA PHE A 364 -0.74 -10.56 8.59
C PHE A 364 -0.78 -9.06 8.81
N LEU A 365 -1.53 -8.58 9.79
CA LEU A 365 -1.57 -7.17 10.14
C LEU A 365 -1.63 -6.97 11.67
N PRO A 366 -0.67 -6.27 12.28
CA PRO A 366 -0.73 -5.99 13.73
C PRO A 366 -1.99 -5.26 14.16
N ASN A 367 -2.58 -5.71 15.26
CA ASN A 367 -3.80 -5.10 15.80
C ASN A 367 -3.60 -3.64 16.19
N ASN A 368 -4.68 -2.88 16.14
CA ASN A 368 -4.72 -1.48 16.56
C ASN A 368 -3.48 -0.66 16.19
N ILE A 369 -3.26 -0.44 14.88
CA ILE A 369 -2.16 0.39 14.43
C ILE A 369 -2.42 1.84 14.73
N PRO A 370 -3.65 2.34 14.56
CA PRO A 370 -3.91 3.73 14.92
C PRO A 370 -3.60 4.01 16.38
N TYR A 371 -3.85 3.03 17.24
CA TYR A 371 -3.56 3.16 18.67
C TYR A 371 -2.08 3.27 18.92
N ALA A 372 -1.29 2.37 18.30
CA ALA A 372 0.15 2.36 18.39
C ALA A 372 0.77 3.69 17.96
N LEU A 373 0.21 4.33 16.94
CA LEU A 373 0.76 5.54 16.40
C LEU A 373 0.23 6.76 17.14
N GLU A 374 -1.09 6.90 17.21
CA GLU A 374 -1.69 8.11 17.79
C GLU A 374 -1.54 8.16 19.30
N VAL A 375 -1.68 7.03 19.99
CA VAL A 375 -1.66 6.99 21.47
C VAL A 375 -0.31 6.58 22.01
N LEU A 376 0.26 5.48 21.52
CA LEU A 376 1.47 4.93 22.16
C LEU A 376 2.73 5.66 21.72
N SER A 377 3.07 5.59 20.43
CA SER A 377 4.30 6.21 19.89
C SER A 377 4.35 7.70 20.12
N THR A 378 3.26 8.38 19.78
CA THR A 378 3.17 9.83 19.94
C THR A 378 3.20 10.20 21.41
N GLY A 379 2.42 9.49 22.24
CA GLY A 379 2.46 9.68 23.68
C GLY A 379 3.84 9.43 24.25
N GLY A 380 4.54 8.42 23.73
CA GLY A 380 5.88 8.06 24.20
C GLY A 380 6.91 9.15 23.92
N LEU A 381 6.91 9.66 22.70
CA LEU A 381 7.85 10.67 22.27
C LEU A 381 7.57 12.03 22.88
N PHE A 382 6.31 12.36 23.13
CA PHE A 382 6.00 13.65 23.69
C PHE A 382 5.16 13.54 24.95
N SER A 383 5.58 12.56 25.77
CA SER A 383 4.99 12.31 27.10
C SER A 383 4.94 13.57 27.91
N ASP A 384 6.01 14.37 27.85
CA ASP A 384 6.10 15.63 28.58
C ASP A 384 5.49 16.85 27.85
N GLY A 385 4.75 16.62 26.77
CA GLY A 385 4.18 17.70 25.98
C GLY A 385 5.15 18.53 25.18
N GLY A 386 6.40 18.05 25.00
CA GLY A 386 7.43 18.77 24.26
C GLY A 386 8.37 19.67 25.05
N ARG A 387 8.08 20.01 26.32
CA ARG A 387 8.90 21.01 27.01
C ARG A 387 10.41 20.68 27.02
N SER A 388 10.79 19.41 27.15
CA SER A 388 12.22 19.03 27.05
C SER A 388 12.77 19.35 25.67
N PHE A 389 12.13 18.80 24.63
CA PHE A 389 12.42 19.06 23.23
C PHE A 389 12.62 20.55 22.96
N LEU A 390 11.61 21.36 23.34
CA LEU A 390 11.58 22.81 23.04
C LEU A 390 12.70 23.62 23.67
N GLN A 391 13.28 23.21 24.79
CA GLN A 391 14.34 24.08 25.29
C GLN A 391 15.58 24.06 24.33
N ASN A 392 15.73 23.03 23.52
CA ASN A 392 16.72 23.09 22.41
C ASN A 392 16.49 24.23 21.40
N PHE A 393 15.25 24.71 21.27
CA PHE A 393 14.86 25.74 20.31
C PHE A 393 14.80 27.19 20.86
N LYS A 394 15.03 27.38 22.16
CA LYS A 394 14.95 28.72 22.74
C LYS A 394 15.96 29.65 22.09
N GLY A 395 15.46 30.76 21.55
CA GLY A 395 16.29 31.76 20.88
C GLY A 395 16.93 31.34 19.57
N ASP A 396 16.39 30.29 18.92
CA ASP A 396 16.90 29.71 17.68
C ASP A 396 15.89 29.91 16.54
N PHE A 397 16.39 29.82 15.31
CA PHE A 397 15.54 29.78 14.13
C PHE A 397 14.91 28.40 14.02
N VAL A 398 13.63 28.35 13.67
CA VAL A 398 12.91 27.10 13.47
C VAL A 398 12.88 26.76 11.97
N ASP A 399 13.47 25.63 11.59
CA ASP A 399 13.54 25.27 10.17
C ASP A 399 12.13 25.02 9.63
N PRO A 400 11.78 25.57 8.45
CA PRO A 400 10.47 25.31 7.81
C PRO A 400 10.10 23.84 7.68
N CYS A 401 11.09 22.96 7.49
CA CYS A 401 10.83 21.54 7.29
C CYS A 401 10.39 20.80 8.57
N LEU A 402 10.54 21.42 9.73
CA LEU A 402 9.89 20.90 10.95
C LEU A 402 8.37 21.13 10.92
N GLY A 403 7.87 21.92 9.98
CA GLY A 403 6.45 22.07 9.76
C GLY A 403 5.83 22.84 10.89
N ASP A 404 4.80 22.26 11.52
CA ASP A 404 4.09 22.89 12.62
C ASP A 404 4.36 22.25 13.97
N LEU A 405 5.33 21.33 14.04
CA LEU A 405 5.66 20.62 15.27
C LEU A 405 6.01 21.56 16.41
N ILE A 406 7.00 22.44 16.18
CA ILE A 406 7.45 23.40 17.20
C ILE A 406 6.33 24.31 17.62
N LEU A 407 5.54 24.79 16.66
CA LEU A 407 4.39 25.63 16.97
C LEU A 407 3.35 24.86 17.76
N ILE A 408 3.09 23.59 17.38
CA ILE A 408 2.10 22.76 18.06
C ILE A 408 2.52 22.44 19.49
N LEU A 409 3.77 22.01 19.68
CA LEU A 409 4.28 21.74 21.02
C LEU A 409 4.34 23.01 21.86
N ARG A 410 4.61 24.17 21.24
CA ARG A 410 4.62 25.45 21.97
C ARG A 410 3.25 25.86 22.49
N LEU A 411 2.17 25.38 21.89
CA LEU A 411 0.81 25.66 22.37
C LEU A 411 0.63 25.10 23.77
N PRO A 412 -0.21 25.74 24.60
CA PRO A 412 -0.45 25.28 25.99
C PRO A 412 -1.38 24.10 26.03
N SER A 413 -1.28 23.29 27.08
CA SER A 413 -1.98 22.02 26.99
C SER A 413 -3.55 22.15 27.04
N TRP A 414 -4.11 23.14 27.73
CA TRP A 414 -5.59 23.32 27.66
C TRP A 414 -6.09 23.59 26.24
N PHE A 415 -5.30 24.34 25.45
CA PHE A 415 -5.66 24.67 24.06
C PHE A 415 -5.53 23.46 23.14
N LYS A 416 -4.57 22.55 23.41
CA LYS A 416 -4.48 21.29 22.67
C LYS A 416 -5.70 20.43 22.92
N ARG A 417 -6.13 20.30 24.19
CA ARG A 417 -7.30 19.45 24.49
C ARG A 417 -8.59 20.04 23.90
N LEU A 418 -8.74 21.36 23.97
CA LEU A 418 -9.94 22.02 23.41
C LEU A 418 -9.97 21.82 21.92
N LEU A 419 -8.87 22.22 21.26
CA LEU A 419 -8.73 22.11 19.81
C LEU A 419 -8.87 20.67 19.32
N SER A 420 -8.39 19.70 20.09
CA SER A 420 -8.59 18.29 19.79
C SER A 420 -10.08 17.93 19.77
N LEU A 421 -10.81 18.32 20.82
CA LEU A 421 -12.26 18.03 20.93
C LEU A 421 -13.11 18.72 19.87
N LEU A 422 -12.62 19.80 19.26
CA LEU A 422 -13.28 20.40 18.09
C LEU A 422 -12.98 19.62 16.83
N LEU A 423 -11.71 19.31 16.58
CA LEU A 423 -11.31 18.64 15.34
C LEU A 423 -11.77 17.18 15.25
N LYS A 424 -11.87 16.45 16.37
CA LYS A 424 -12.12 14.99 16.35
C LYS A 424 -13.21 14.52 15.39
N PRO A 425 -14.41 15.10 15.36
CA PRO A 425 -15.43 14.71 14.36
C PRO A 425 -14.98 14.93 12.92
N LEU A 426 -14.29 16.03 12.68
CA LEU A 426 -13.92 16.48 11.35
C LEU A 426 -12.59 15.88 10.88
N PHE A 427 -11.66 15.67 11.83
CA PHE A 427 -10.28 15.28 11.55
C PHE A 427 -9.73 14.44 12.70
N PRO A 428 -10.22 13.20 12.87
CA PRO A 428 -9.82 12.37 14.03
C PRO A 428 -8.33 12.10 14.09
N ARG A 429 -7.73 11.76 12.94
CA ARG A 429 -6.30 11.47 12.85
C ARG A 429 -5.45 12.61 13.41
N LEU A 430 -5.78 13.85 13.05
CA LEU A 430 -5.10 15.03 13.56
C LEU A 430 -5.46 15.35 15.01
N ALA A 431 -6.74 15.27 15.37
CA ALA A 431 -7.18 15.51 16.75
C ALA A 431 -6.54 14.55 17.72
N ALA A 432 -6.36 13.29 17.29
CA ALA A 432 -5.78 12.25 18.13
C ALA A 432 -4.30 12.46 18.41
N PHE A 433 -3.53 12.92 17.41
CA PHE A 433 -2.13 13.28 17.66
C PHE A 433 -2.04 14.41 18.66
N LEU A 434 -2.89 15.41 18.46
CA LEU A 434 -2.94 16.58 19.33
C LEU A 434 -3.30 16.22 20.76
N ASN A 435 -4.24 15.30 20.94
CA ASN A 435 -4.67 14.89 22.27
C ASN A 435 -3.57 14.20 23.03
N ASN A 436 -2.68 13.52 22.33
CA ASN A 436 -1.62 12.71 22.93
C ASN A 436 -0.26 13.39 22.83
N MET A 437 -0.23 14.70 22.58
CA MET A 437 0.98 15.49 22.62
C MET A 437 0.89 16.50 23.75
N ARG A 438 0.14 16.15 24.80
CA ARG A 438 0.00 16.98 25.99
C ARG A 438 0.86 16.39 27.08
N PRO A 439 1.32 17.20 28.04
CA PRO A 439 2.07 16.66 29.19
C PRO A 439 1.19 15.81 30.08
N ARG A 440 1.83 14.86 30.79
CA ARG A 440 1.13 13.99 31.73
C ARG A 440 1.92 13.70 33.02
N SER A 441 1.22 13.14 34.01
CA SER A 441 1.81 12.84 35.30
C SER A 441 2.51 11.49 35.25
N ALA A 442 3.59 11.34 36.04
CA ALA A 442 4.32 10.07 36.17
C ALA A 442 3.42 8.84 36.26
N GLU A 443 2.30 8.96 36.95
CA GLU A 443 1.35 7.85 36.99
C GLU A 443 0.85 7.52 35.59
N LYS A 444 0.49 8.54 34.80
CA LYS A 444 0.02 8.29 33.42
C LYS A 444 1.12 7.75 32.52
N LEU A 445 2.38 8.14 32.70
CA LEU A 445 3.36 7.58 31.78
C LEU A 445 3.75 6.14 32.18
N TRP A 446 3.72 5.79 33.46
CA TRP A 446 3.75 4.35 33.82
C TRP A 446 2.66 3.57 33.09
N LYS A 447 1.43 4.12 33.08
CA LYS A 447 0.35 3.40 32.42
C LYS A 447 0.62 3.27 30.93
N LEU A 448 1.12 4.31 30.30
CA LEU A 448 1.47 4.24 28.87
C LEU A 448 2.59 3.25 28.60
N GLN A 449 3.62 3.23 29.44
N GLN A 449 3.62 3.23 29.45
CA GLN A 449 4.77 2.32 29.28
CA GLN A 449 4.77 2.33 29.28
C GLN A 449 4.36 0.86 29.43
C GLN A 449 4.38 0.86 29.45
N HIS A 450 3.34 0.59 30.25
CA HIS A 450 2.81 -0.76 30.39
C HIS A 450 2.07 -1.18 29.15
N GLU A 451 1.23 -0.29 28.60
CA GLU A 451 0.49 -0.58 27.37
C GLU A 451 1.40 -0.92 26.21
N ILE A 452 2.56 -0.26 26.15
CA ILE A 452 3.60 -0.57 25.16
C ILE A 452 4.14 -1.99 25.34
N GLU A 453 4.45 -2.40 26.60
CA GLU A 453 4.92 -3.76 26.87
C GLU A 453 3.89 -4.77 26.44
N MET A 454 2.64 -4.54 26.86
CA MET A 454 1.54 -5.42 26.54
C MET A 454 1.28 -5.48 25.06
N TYR A 455 1.30 -4.32 24.39
CA TYR A 455 1.12 -4.26 22.94
C TYR A 455 2.20 -5.05 22.19
N ARG A 456 3.44 -4.94 22.65
CA ARG A 456 4.56 -5.66 22.06
C ARG A 456 4.35 -7.14 22.15
N GLN A 457 3.82 -7.62 23.29
CA GLN A 457 3.49 -9.02 23.48
C GLN A 457 2.25 -9.40 22.71
N SER A 458 1.31 -8.45 22.59
CA SER A 458 0.08 -8.65 21.83
C SER A 458 0.38 -8.97 20.37
N VAL A 459 1.29 -8.22 19.75
CA VAL A 459 1.71 -8.46 18.36
C VAL A 459 2.61 -9.70 18.27
N ILE A 460 3.46 -9.97 19.26
CA ILE A 460 4.27 -11.20 19.29
C ILE A 460 3.36 -12.43 19.29
N ALA A 461 2.19 -12.34 19.94
CA ALA A 461 1.25 -13.44 20.03
C ALA A 461 0.60 -13.71 18.67
N GLN A 462 0.28 -12.63 17.92
CA GLN A 462 -0.20 -12.77 16.55
C GLN A 462 0.84 -13.50 15.70
N TRP A 463 2.07 -12.99 15.74
CA TRP A 463 3.24 -13.53 15.04
C TRP A 463 3.40 -15.03 15.28
N LYS A 464 3.48 -15.41 16.57
CA LYS A 464 3.71 -16.80 16.94
C LYS A 464 2.54 -17.70 16.55
N ALA A 465 1.31 -17.19 16.61
CA ALA A 465 0.10 -17.95 16.27
C ALA A 465 0.05 -18.34 14.80
N MET A 466 0.65 -17.57 13.93
CA MET A 466 0.78 -17.89 12.52
C MET A 466 2.15 -18.41 12.15
N ASN A 467 2.97 -18.68 13.15
CA ASN A 467 4.30 -19.29 12.99
C ASN A 467 5.20 -18.58 11.97
N LEU A 468 5.11 -17.25 11.92
CA LEU A 468 5.93 -16.60 10.91
C LEU A 468 7.32 -16.47 11.41
N ASP A 469 8.25 -16.38 10.46
CA ASP A 469 9.67 -16.13 10.69
C ASP A 469 9.95 -14.63 10.62
N VAL A 470 9.54 -14.03 9.50
CA VAL A 470 9.79 -12.63 9.18
C VAL A 470 8.49 -12.02 8.68
N LEU A 471 8.54 -10.73 8.33
CA LEU A 471 7.34 -10.00 7.94
C LEU A 471 7.64 -8.95 6.87
N LEU A 472 7.03 -9.08 5.68
CA LEU A 472 7.19 -8.18 4.55
C LEU A 472 6.20 -7.04 4.65
N THR A 473 6.63 -5.83 4.28
CA THR A 473 5.87 -4.64 4.60
C THR A 473 6.12 -3.60 3.51
N PRO A 474 5.14 -2.71 3.22
CA PRO A 474 5.41 -1.58 2.34
C PRO A 474 6.33 -0.63 3.05
N MET A 475 6.65 0.47 2.41
CA MET A 475 7.63 1.38 2.94
C MET A 475 7.42 2.67 2.18
N LEU A 476 7.32 3.79 2.89
CA LEU A 476 7.01 5.03 2.23
C LEU A 476 8.01 5.33 1.11
N GLY A 477 7.47 5.70 -0.05
CA GLY A 477 8.22 5.84 -1.29
C GLY A 477 7.24 6.18 -2.40
N PRO A 478 7.67 6.88 -3.45
CA PRO A 478 9.00 7.41 -3.70
C PRO A 478 9.21 8.67 -2.87
N ALA A 479 10.42 9.24 -2.98
CA ALA A 479 10.81 10.35 -2.12
C ALA A 479 9.86 11.54 -2.25
N LEU A 480 9.46 12.09 -1.11
CA LEU A 480 8.63 13.30 -1.00
C LEU A 480 9.39 14.52 -1.56
N ASP A 481 8.65 15.54 -2.02
CA ASP A 481 9.23 16.86 -2.31
C ASP A 481 9.83 17.48 -1.04
N LEU A 482 10.69 18.51 -1.22
CA LEU A 482 11.31 19.20 -0.09
C LEU A 482 10.29 20.01 0.69
N ASN A 483 10.45 20.09 2.02
CA ASN A 483 9.52 20.77 2.96
C ASN A 483 8.09 20.23 2.95
N THR A 484 7.94 18.97 2.56
CA THR A 484 6.71 18.18 2.56
C THR A 484 6.58 17.24 3.74
N PRO A 485 7.65 16.46 4.08
CA PRO A 485 7.60 15.54 5.22
C PRO A 485 7.14 16.13 6.54
N GLY A 486 7.54 17.37 6.81
CA GLY A 486 7.09 18.08 7.99
C GLY A 486 5.59 18.24 8.10
N ARG A 487 4.87 18.31 6.98
CA ARG A 487 3.44 18.48 7.06
C ARG A 487 2.67 17.30 6.47
N ALA A 488 3.26 16.11 6.59
CA ALA A 488 2.70 14.85 6.17
C ALA A 488 3.08 13.76 7.19
N THR A 489 2.56 13.93 8.42
CA THR A 489 3.00 13.15 9.56
C THR A 489 2.41 11.74 9.58
N GLY A 490 1.24 11.53 8.98
CA GLY A 490 0.65 10.20 8.93
C GLY A 490 1.60 9.18 8.36
N ALA A 491 2.38 9.60 7.34
CA ALA A 491 3.26 8.73 6.56
C ALA A 491 4.40 8.07 7.34
N VAL A 492 4.64 8.47 8.57
CA VAL A 492 5.53 7.72 9.48
C VAL A 492 4.98 6.34 9.84
N SER A 493 3.68 6.10 9.60
CA SER A 493 2.99 4.87 10.08
C SER A 493 3.73 3.58 9.74
N TYR A 494 4.23 3.41 8.52
CA TYR A 494 4.91 2.17 8.13
C TYR A 494 6.17 1.84 8.93
N THR A 495 6.92 2.85 9.37
CA THR A 495 8.21 2.66 10.04
C THR A 495 8.08 2.74 11.56
N MET A 496 7.45 3.83 12.02
CA MET A 496 7.18 4.12 13.43
C MET A 496 6.62 2.98 14.21
N LEU A 497 5.73 2.19 13.60
CA LEU A 497 5.14 1.03 14.25
C LEU A 497 6.20 0.14 14.89
N TYR A 498 7.32 -0.06 14.19
CA TYR A 498 8.36 -0.99 14.64
C TYR A 498 9.42 -0.35 15.57
N ASN A 499 9.48 0.98 15.62
CA ASN A 499 10.07 1.66 16.75
C ASN A 499 9.22 1.42 17.97
N CYS A 500 7.91 1.45 17.80
CA CYS A 500 6.97 1.25 18.89
C CYS A 500 7.02 -0.18 19.41
N LEU A 501 7.00 -1.15 18.51
CA LEU A 501 7.17 -2.55 18.90
C LEU A 501 8.61 -2.91 19.24
N ASP A 502 9.58 -2.07 18.88
CA ASP A 502 11.00 -2.36 19.02
C ASP A 502 11.37 -3.70 18.34
N PHE A 503 10.96 -3.86 17.09
CA PHE A 503 11.36 -4.99 16.26
C PHE A 503 12.47 -4.53 15.31
N PRO A 504 13.44 -5.39 15.02
CA PRO A 504 14.46 -5.08 14.02
C PRO A 504 13.83 -4.99 12.65
N ALA A 505 14.01 -3.86 12.00
CA ALA A 505 13.36 -3.56 10.73
C ALA A 505 14.33 -2.91 9.77
N GLY A 506 14.42 -3.44 8.54
CA GLY A 506 15.28 -2.88 7.51
C GLY A 506 14.57 -2.70 6.18
N VAL A 507 15.17 -1.90 5.27
CA VAL A 507 14.64 -1.65 3.92
C VAL A 507 15.60 -2.08 2.85
N VAL A 508 15.06 -2.51 1.71
CA VAL A 508 15.79 -2.91 0.51
C VAL A 508 15.14 -2.26 -0.69
N PRO A 509 15.89 -1.63 -1.61
CA PRO A 509 15.27 -1.10 -2.83
C PRO A 509 15.00 -2.23 -3.80
N VAL A 510 13.78 -2.24 -4.36
CA VAL A 510 13.24 -3.36 -5.15
C VAL A 510 12.90 -2.96 -6.59
N THR A 511 12.67 -1.68 -6.84
CA THR A 511 12.15 -1.20 -8.13
C THR A 511 12.30 0.30 -8.24
N THR A 512 11.95 0.83 -9.42
CA THR A 512 11.97 2.26 -9.70
C THR A 512 10.65 2.69 -10.32
N VAL A 513 10.25 3.93 -10.02
CA VAL A 513 8.94 4.46 -10.37
C VAL A 513 8.78 4.59 -11.88
N THR A 514 7.80 3.86 -12.44
CA THR A 514 7.41 3.95 -13.83
C THR A 514 6.49 5.15 -14.01
N ALA A 515 6.38 5.63 -15.26
CA ALA A 515 5.44 6.69 -15.58
C ALA A 515 4.00 6.24 -15.39
N GLU A 516 3.75 4.92 -15.57
CA GLU A 516 2.45 4.32 -15.27
C GLU A 516 2.09 4.49 -13.81
N ASP A 517 3.06 4.34 -12.92
CA ASP A 517 2.85 4.53 -11.48
C ASP A 517 2.65 5.99 -11.11
N ASP A 518 3.47 6.87 -11.68
CA ASP A 518 3.40 8.30 -11.42
C ASP A 518 2.08 8.85 -11.89
N ALA A 519 1.54 8.33 -13.00
CA ALA A 519 0.24 8.75 -13.51
C ALA A 519 -0.86 8.29 -12.60
N GLN A 520 -0.74 7.05 -12.09
CA GLN A 520 -1.76 6.51 -11.16
C GLN A 520 -1.84 7.30 -9.85
N MET A 521 -0.83 8.11 -9.56
CA MET A 521 -0.84 9.02 -8.41
C MET A 521 -1.96 10.04 -8.47
N GLU A 522 -2.52 10.35 -9.63
CA GLU A 522 -3.56 11.34 -9.50
C GLU A 522 -4.91 10.70 -9.17
N LEU A 523 -5.00 9.36 -9.13
CA LEU A 523 -6.20 8.77 -8.50
C LEU A 523 -6.07 8.52 -6.99
N TYR A 524 -4.89 8.74 -6.41
CA TYR A 524 -4.63 8.64 -4.98
C TYR A 524 -5.57 9.54 -4.17
N LYS A 525 -6.32 8.95 -3.23
CA LYS A 525 -7.22 9.74 -2.40
C LYS A 525 -6.93 9.66 -0.88
N GLY A 526 -6.25 8.64 -0.40
CA GLY A 526 -5.92 8.52 1.03
C GLY A 526 -7.11 7.96 1.79
N TYR A 527 -6.84 7.37 2.97
CA TYR A 527 -7.88 6.78 3.80
C TYR A 527 -8.63 7.79 4.68
N PHE A 528 -8.14 9.00 4.81
CA PHE A 528 -8.73 10.00 5.70
C PHE A 528 -9.10 11.30 5.01
N GLY A 529 -8.37 11.72 3.99
CA GLY A 529 -8.66 12.96 3.30
C GLY A 529 -8.20 14.23 4.00
N ASP A 530 -7.75 14.13 5.26
CA ASP A 530 -7.13 15.26 5.95
C ASP A 530 -5.83 15.69 5.25
N ILE A 531 -5.28 16.84 5.70
CA ILE A 531 -4.19 17.48 4.98
C ILE A 531 -2.89 16.68 4.87
N TRP A 532 -2.67 15.71 5.74
CA TRP A 532 -1.50 14.83 5.63
C TRP A 532 -1.62 13.98 4.39
N ASP A 533 -2.83 13.49 4.12
CA ASP A 533 -3.10 12.78 2.86
C ASP A 533 -2.90 13.71 1.67
N ILE A 534 -3.42 14.95 1.75
CA ILE A 534 -3.35 15.83 0.59
C ILE A 534 -1.88 16.24 0.29
N ILE A 535 -1.13 16.62 1.32
CA ILE A 535 0.27 17.02 1.13
C ILE A 535 1.09 15.91 0.56
N LEU A 536 0.91 14.70 1.09
CA LEU A 536 1.71 13.61 0.57
C LEU A 536 1.25 13.18 -0.85
N LYS A 537 -0.04 13.33 -1.17
CA LYS A 537 -0.48 13.17 -2.58
C LYS A 537 0.41 13.94 -3.52
N LYS A 538 0.52 15.27 -3.31
CA LYS A 538 1.32 16.08 -4.20
C LYS A 538 2.80 15.82 -4.03
N ALA A 539 3.24 15.66 -2.78
CA ALA A 539 4.67 15.39 -2.49
C ALA A 539 5.23 14.21 -3.26
N MET A 540 4.43 13.16 -3.44
CA MET A 540 4.87 11.95 -4.12
C MET A 540 4.75 12.01 -5.64
N LYS A 541 4.09 13.03 -6.19
CA LYS A 541 4.07 13.20 -7.65
C LYS A 541 5.45 13.65 -8.16
N ASN A 542 5.63 13.56 -9.48
CA ASN A 542 6.85 13.83 -10.26
C ASN A 542 8.03 13.06 -9.75
N SER A 543 7.82 11.76 -9.67
CA SER A 543 8.89 10.92 -9.18
C SER A 543 9.30 9.80 -10.09
N VAL A 544 9.08 9.96 -11.38
CA VAL A 544 9.51 8.95 -12.37
C VAL A 544 10.99 8.64 -12.24
N GLY A 545 11.35 7.37 -12.25
CA GLY A 545 12.74 6.95 -12.16
C GLY A 545 13.31 6.83 -10.75
N LEU A 546 12.65 7.40 -9.75
CA LEU A 546 13.15 7.32 -8.38
C LEU A 546 12.94 5.91 -7.83
N PRO A 547 13.77 5.50 -6.86
CA PRO A 547 13.67 4.14 -6.33
C PRO A 547 12.60 4.04 -5.26
N VAL A 548 12.07 2.82 -5.13
CA VAL A 548 11.03 2.48 -4.18
C VAL A 548 11.39 1.11 -3.59
N ALA A 549 11.13 0.99 -2.29
CA ALA A 549 11.66 -0.09 -1.49
C ALA A 549 10.54 -0.85 -0.78
N VAL A 550 10.93 -1.97 -0.16
CA VAL A 550 10.06 -2.67 0.78
C VAL A 550 10.78 -2.80 2.12
N GLN A 551 9.99 -3.00 3.18
CA GLN A 551 10.46 -3.15 4.55
C GLN A 551 10.40 -4.60 5.00
N CYS A 552 11.46 -5.04 5.67
CA CYS A 552 11.59 -6.38 6.24
C CYS A 552 11.62 -6.28 7.76
N VAL A 553 10.92 -7.19 8.45
CA VAL A 553 10.81 -7.16 9.91
C VAL A 553 10.96 -8.54 10.51
N ALA A 554 11.56 -8.61 11.71
CA ALA A 554 11.70 -9.86 12.48
C ALA A 554 11.39 -9.59 13.94
N LEU A 555 11.30 -10.67 14.73
CA LEU A 555 11.12 -10.48 16.16
C LEU A 555 12.38 -9.87 16.79
N PRO A 556 12.28 -9.35 18.02
CA PRO A 556 13.45 -8.75 18.69
C PRO A 556 14.64 -9.68 18.82
N TRP A 557 15.84 -9.09 18.68
CA TRP A 557 17.14 -9.77 18.74
C TRP A 557 17.43 -10.68 17.56
N GLN A 558 16.60 -10.65 16.52
CA GLN A 558 16.76 -11.46 15.32
C GLN A 558 17.18 -10.56 14.17
N GLU A 559 18.23 -9.77 14.37
CA GLU A 559 18.78 -8.90 13.33
C GLU A 559 19.35 -9.73 12.21
N GLU A 560 20.05 -10.80 12.57
CA GLU A 560 20.64 -11.69 11.57
C GLU A 560 19.59 -12.37 10.71
N LEU A 561 18.40 -12.62 11.23
CA LEU A 561 17.30 -13.17 10.41
C LEU A 561 16.74 -12.11 9.47
N CYS A 562 16.51 -10.91 10.02
CA CYS A 562 16.09 -9.76 9.23
C CYS A 562 16.99 -9.51 8.06
N LEU A 563 18.30 -9.71 8.22
CA LEU A 563 19.24 -9.50 7.12
C LEU A 563 19.27 -10.66 6.11
N ARG A 564 19.08 -11.90 6.58
CA ARG A 564 18.88 -13.07 5.71
C ARG A 564 17.71 -12.87 4.76
N PHE A 565 16.59 -12.37 5.28
CA PHE A 565 15.38 -12.09 4.52
C PHE A 565 15.56 -10.88 3.62
N MET A 566 16.21 -9.82 4.13
CA MET A 566 16.57 -8.67 3.28
C MET A 566 17.48 -9.08 2.12
N ARG A 567 18.45 -9.94 2.39
CA ARG A 567 19.35 -10.49 1.37
C ARG A 567 18.59 -11.31 0.36
N GLU A 568 17.57 -12.05 0.79
CA GLU A 568 16.74 -12.82 -0.11
C GLU A 568 16.01 -11.90 -1.09
N VAL A 569 15.31 -10.88 -0.54
CA VAL A 569 14.66 -9.81 -1.32
C VAL A 569 15.61 -9.15 -2.29
N GLU A 570 16.83 -8.86 -1.84
CA GLU A 570 17.85 -8.24 -2.68
C GLU A 570 18.19 -9.12 -3.89
N GLN A 571 18.41 -10.43 -3.67
CA GLN A 571 18.76 -11.34 -4.75
C GLN A 571 17.64 -11.41 -5.78
N LEU A 572 16.39 -11.58 -5.32
CA LEU A 572 15.24 -11.77 -6.19
C LEU A 572 14.74 -10.52 -6.92
N MET A 573 15.08 -9.30 -6.48
CA MET A 573 14.58 -8.08 -7.10
C MET A 573 15.63 -7.24 -7.83
N THR A 574 16.88 -7.69 -7.88
CA THR A 574 17.91 -7.04 -8.76
C THR A 574 17.52 -7.18 -10.24
N PRO A 575 17.87 -6.18 -11.10
CA PRO A 575 17.56 -6.26 -12.54
C PRO A 575 18.63 -7.01 -13.36
N GLY B 34 -15.59 0.44 55.55
CA GLY B 34 -16.12 -0.93 55.77
C GLY B 34 -15.27 -1.99 55.08
N ARG B 35 -15.11 -3.15 55.71
CA ARG B 35 -14.20 -4.20 55.21
C ARG B 35 -14.78 -5.61 55.34
N GLN B 36 -16.08 -5.74 55.06
CA GLN B 36 -16.74 -7.03 54.99
C GLN B 36 -16.22 -7.86 53.82
N LYS B 37 -15.82 -7.16 52.74
CA LYS B 37 -15.23 -7.81 51.58
C LYS B 37 -13.86 -8.38 51.91
N ALA B 38 -13.01 -7.58 52.56
CA ALA B 38 -11.64 -7.99 52.89
C ALA B 38 -11.59 -9.11 53.90
N ARG B 39 -12.47 -9.07 54.91
CA ARG B 39 -12.48 -10.20 55.84
C ARG B 39 -13.10 -11.47 55.21
N GLY B 40 -13.99 -11.33 54.23
CA GLY B 40 -14.44 -12.52 53.49
C GLY B 40 -13.33 -13.16 52.69
N ALA B 41 -12.56 -12.34 51.98
CA ALA B 41 -11.40 -12.80 51.23
C ALA B 41 -10.44 -13.59 52.09
N ALA B 42 -10.21 -13.12 53.32
CA ALA B 42 -9.31 -13.79 54.25
C ALA B 42 -9.77 -15.18 54.56
N THR B 43 -11.05 -15.39 54.88
CA THR B 43 -11.34 -16.73 55.31
C THR B 43 -11.41 -17.74 54.12
N ARG B 44 -11.59 -17.26 52.89
CA ARG B 44 -11.48 -18.20 51.73
C ARG B 44 -10.03 -18.61 51.47
N ALA B 45 -9.12 -17.63 51.48
CA ALA B 45 -7.70 -17.90 51.26
C ALA B 45 -7.18 -18.93 52.23
N ARG B 46 -7.60 -18.86 53.49
CA ARG B 46 -7.22 -19.86 54.50
C ARG B 46 -7.88 -21.21 54.25
N GLN B 47 -9.14 -21.21 53.76
CA GLN B 47 -9.83 -22.45 53.43
C GLN B 47 -9.12 -23.17 52.31
N LYS B 48 -8.79 -22.43 51.24
CA LYS B 48 -7.95 -22.93 50.16
C LYS B 48 -6.63 -23.46 50.69
N GLN B 49 -6.00 -22.71 51.60
CA GLN B 49 -4.73 -23.13 52.19
C GLN B 49 -4.88 -24.43 52.97
N ARG B 50 -5.94 -24.53 53.80
CA ARG B 50 -6.15 -25.73 54.62
C ARG B 50 -6.48 -26.95 53.76
N ALA B 51 -7.26 -26.74 52.69
CA ALA B 51 -7.59 -27.81 51.74
C ALA B 51 -6.34 -28.30 51.05
N SER B 52 -5.59 -27.39 50.43
CA SER B 52 -4.32 -27.69 49.77
C SER B 52 -3.43 -28.59 50.61
N LEU B 53 -3.28 -28.25 51.89
CA LEU B 53 -2.38 -28.95 52.79
C LEU B 53 -2.96 -30.28 53.21
N GLU B 54 -4.28 -30.35 53.38
CA GLU B 54 -4.95 -31.63 53.63
C GLU B 54 -4.71 -32.59 52.47
N THR B 55 -4.79 -32.08 51.23
CA THR B 55 -4.51 -32.84 50.00
C THR B 55 -3.09 -33.38 49.99
N MET B 56 -2.12 -32.52 50.30
CA MET B 56 -0.71 -32.91 50.38
C MET B 56 -0.51 -34.04 51.35
N ASP B 57 -1.12 -33.91 52.55
CA ASP B 57 -1.01 -34.94 53.57
C ASP B 57 -1.67 -36.21 53.11
N LYS B 58 -2.95 -36.13 52.70
CA LYS B 58 -3.63 -37.31 52.16
C LYS B 58 -2.88 -37.96 50.99
N ALA B 59 -2.13 -37.18 50.21
CA ALA B 59 -1.27 -37.76 49.16
C ALA B 59 -0.11 -38.54 49.74
N VAL B 60 0.66 -37.93 50.66
CA VAL B 60 1.92 -38.57 51.10
C VAL B 60 1.65 -39.81 51.97
N GLN B 61 0.59 -39.80 52.76
CA GLN B 61 0.15 -40.97 53.54
C GLN B 61 -0.17 -42.14 52.64
N ARG B 62 -0.83 -41.84 51.51
CA ARG B 62 -1.13 -42.83 50.49
C ARG B 62 0.16 -43.42 49.94
N PHE B 63 1.12 -42.56 49.61
CA PHE B 63 2.41 -42.99 49.07
C PHE B 63 3.21 -43.76 50.09
N ARG B 64 3.34 -43.18 51.31
CA ARG B 64 4.15 -43.76 52.39
C ARG B 64 3.65 -45.13 52.80
N LEU B 65 2.31 -45.31 52.86
CA LEU B 65 1.75 -46.62 53.17
C LEU B 65 2.18 -47.64 52.14
N GLN B 66 2.15 -47.26 50.84
N GLN B 66 2.17 -47.28 50.84
CA GLN B 66 2.61 -48.12 49.73
CA GLN B 66 2.62 -48.15 49.75
C GLN B 66 4.13 -48.22 49.63
C GLN B 66 4.14 -48.25 49.64
N ASN B 67 4.88 -47.26 50.17
CA ASN B 67 6.36 -47.24 50.12
C ASN B 67 7.00 -47.03 51.49
N PRO B 68 6.91 -48.03 52.40
CA PRO B 68 7.52 -47.95 53.72
C PRO B 68 9.03 -48.18 53.72
N ASP B 69 9.50 -48.99 52.76
CA ASP B 69 10.92 -49.34 52.53
C ASP B 69 11.82 -48.13 52.35
N LEU B 70 11.30 -47.07 51.71
CA LEU B 70 12.04 -45.89 51.20
C LEU B 70 12.80 -45.12 52.31
N ASP B 71 14.09 -44.84 52.07
CA ASP B 71 14.93 -44.09 53.03
C ASP B 71 14.84 -42.58 52.75
N SER B 72 13.98 -41.89 53.52
CA SER B 72 13.65 -40.47 53.28
C SER B 72 14.83 -39.53 53.52
N GLU B 73 15.53 -39.70 54.65
CA GLU B 73 16.64 -38.84 55.03
C GLU B 73 17.78 -38.81 53.99
N ALA B 74 18.00 -39.90 53.24
CA ALA B 74 19.09 -39.94 52.24
C ALA B 74 18.75 -39.10 51.02
N LEU B 75 17.58 -39.37 50.42
CA LEU B 75 17.05 -38.65 49.26
C LEU B 75 17.08 -37.14 49.45
N LEU B 76 16.55 -36.66 50.59
CA LEU B 76 16.43 -35.23 50.87
C LEU B 76 17.79 -34.55 51.06
N THR B 77 18.76 -35.25 51.67
CA THR B 77 20.12 -34.73 51.83
C THR B 77 20.97 -34.84 50.58
N LEU B 78 20.44 -35.42 49.49
CA LEU B 78 21.10 -35.34 48.18
C LEU B 78 21.20 -33.90 47.74
N PRO B 79 22.40 -33.41 47.35
CA PRO B 79 22.51 -32.14 46.65
C PRO B 79 21.72 -32.22 45.36
N LEU B 80 21.12 -31.10 44.92
CA LEU B 80 20.18 -31.30 43.83
C LEU B 80 20.90 -31.76 42.56
N LEU B 81 22.18 -31.45 42.40
CA LEU B 81 22.93 -32.02 41.27
C LEU B 81 22.83 -33.53 41.17
N GLN B 82 23.13 -34.24 42.27
CA GLN B 82 23.12 -35.72 42.28
C GLN B 82 21.70 -36.30 42.20
N LEU B 83 20.74 -35.61 42.82
CA LEU B 83 19.33 -35.94 42.67
C LEU B 83 18.92 -35.95 41.22
N VAL B 84 19.26 -34.89 40.48
CA VAL B 84 18.90 -34.83 39.07
C VAL B 84 19.64 -35.95 38.28
N GLN B 85 20.90 -36.23 38.64
CA GLN B 85 21.66 -37.33 38.00
C GLN B 85 21.00 -38.68 38.22
N LYS B 86 20.52 -38.97 39.43
CA LYS B 86 19.88 -40.26 39.64
C LYS B 86 18.42 -40.29 39.14
N LEU B 87 17.78 -39.13 39.00
CA LEU B 87 16.52 -39.06 38.27
C LEU B 87 16.71 -39.34 36.78
N GLN B 88 17.78 -38.81 36.18
CA GLN B 88 17.98 -39.01 34.74
C GLN B 88 18.40 -40.43 34.39
N SER B 89 19.25 -41.06 35.22
CA SER B 89 19.63 -42.46 35.03
C SER B 89 18.57 -43.46 35.50
N GLY B 90 17.51 -43.00 36.16
CA GLY B 90 16.40 -43.84 36.59
C GLY B 90 16.56 -44.52 37.94
N GLU B 91 17.64 -44.24 38.68
CA GLU B 91 17.87 -44.84 39.99
C GLU B 91 16.74 -44.50 40.95
N LEU B 92 16.24 -43.27 40.91
CA LEU B 92 15.07 -42.82 41.63
C LEU B 92 13.91 -42.60 40.67
N SER B 93 12.70 -42.97 41.08
CA SER B 93 11.50 -42.66 40.33
C SER B 93 11.10 -41.21 40.57
N PRO B 94 10.49 -40.53 39.58
CA PRO B 94 9.91 -39.20 39.82
C PRO B 94 8.95 -39.16 41.00
N GLU B 95 8.13 -40.20 41.18
CA GLU B 95 7.18 -40.33 42.30
C GLU B 95 7.90 -40.30 43.65
N ALA B 96 8.99 -41.07 43.78
CA ALA B 96 9.76 -41.15 45.02
C ALA B 96 10.26 -39.78 45.45
N VAL B 97 10.85 -39.02 44.53
CA VAL B 97 11.40 -37.75 44.90
C VAL B 97 10.27 -36.74 45.16
N PHE B 98 9.21 -36.76 44.35
CA PHE B 98 8.12 -35.79 44.52
C PHE B 98 7.45 -35.92 45.88
N PHE B 99 6.94 -37.11 46.17
CA PHE B 99 6.17 -37.34 47.41
C PHE B 99 7.03 -37.29 48.68
N THR B 100 8.33 -37.57 48.60
CA THR B 100 9.23 -37.43 49.73
C THR B 100 9.44 -35.96 50.06
N TYR B 101 9.74 -35.13 49.04
CA TYR B 101 9.82 -33.69 49.23
C TYR B 101 8.48 -33.10 49.61
N LEU B 102 7.37 -33.66 49.10
CA LEU B 102 6.02 -33.15 49.41
C LEU B 102 5.67 -33.32 50.90
N GLY B 103 6.04 -34.48 51.47
CA GLY B 103 5.88 -34.74 52.88
C GLY B 103 6.78 -33.85 53.71
N LYS B 104 8.07 -33.80 53.33
CA LYS B 104 9.05 -32.90 53.95
C LYS B 104 8.61 -31.46 53.93
N ALA B 105 7.93 -31.04 52.85
CA ALA B 105 7.39 -29.68 52.72
C ALA B 105 6.21 -29.45 53.66
N TRP B 106 5.31 -30.42 53.76
CA TRP B 106 4.17 -30.37 54.68
C TRP B 106 4.61 -30.31 56.15
N GLU B 107 5.74 -30.98 56.47
CA GLU B 107 6.28 -31.03 57.82
C GLU B 107 6.85 -29.70 58.25
N VAL B 108 7.79 -29.17 57.44
CA VAL B 108 8.42 -27.90 57.71
C VAL B 108 7.44 -26.74 57.67
N ASN B 109 6.32 -26.87 56.97
CA ASN B 109 5.37 -25.76 56.98
C ASN B 109 4.62 -25.61 58.32
N LYS B 110 4.49 -26.68 59.12
CA LYS B 110 3.84 -26.46 60.42
C LYS B 110 4.66 -25.46 61.27
N GLY B 111 5.99 -25.56 61.27
CA GLY B 111 6.82 -24.55 61.95
C GLY B 111 6.91 -23.18 61.29
N THR B 112 6.77 -23.13 59.96
CA THR B 112 7.12 -21.92 59.17
C THR B 112 5.96 -21.16 58.52
N ASN B 113 4.82 -21.79 58.22
CA ASN B 113 3.70 -21.18 57.44
C ASN B 113 4.14 -20.53 56.10
N CYS B 114 4.95 -21.29 55.33
CA CYS B 114 5.50 -20.76 54.08
C CYS B 114 4.66 -21.10 52.84
N VAL B 115 3.84 -22.16 52.90
CA VAL B 115 3.05 -22.70 51.76
C VAL B 115 1.68 -22.05 51.72
N THR B 116 1.33 -21.33 50.65
CA THR B 116 -0.05 -20.86 50.64
C THR B 116 -0.96 -21.71 49.73
N SER B 117 -0.42 -22.42 48.74
CA SER B 117 -1.26 -23.28 47.87
C SER B 117 -0.48 -24.46 47.32
N TYR B 118 -1.20 -25.58 47.15
CA TYR B 118 -0.67 -26.81 46.57
C TYR B 118 -1.06 -26.80 45.11
N LEU B 119 -0.09 -26.72 44.21
CA LEU B 119 -0.43 -26.42 42.83
C LEU B 119 -0.86 -27.68 42.12
N THR B 120 -2.14 -27.97 42.34
CA THR B 120 -2.96 -29.11 41.86
C THR B 120 -2.92 -29.18 40.31
N ASP B 121 -2.78 -30.41 39.76
CA ASP B 121 -2.35 -30.70 38.36
C ASP B 121 -0.92 -31.26 38.33
N CYS B 122 -0.07 -30.87 39.31
CA CYS B 122 1.36 -31.24 39.31
C CYS B 122 1.61 -32.73 39.44
N GLU B 123 0.66 -33.49 40.02
CA GLU B 123 0.74 -34.96 40.00
C GLU B 123 0.57 -35.53 38.59
N THR B 124 -0.20 -34.88 37.71
CA THR B 124 -0.23 -35.36 36.34
C THR B 124 1.05 -34.93 35.58
N GLN B 125 1.46 -33.65 35.70
CA GLN B 125 2.76 -33.19 35.16
C GLN B 125 3.91 -34.12 35.54
N LEU B 126 3.87 -34.68 36.76
CA LEU B 126 4.87 -35.63 37.27
C LEU B 126 5.19 -36.78 36.30
N SER B 127 4.15 -37.42 35.74
CA SER B 127 4.10 -38.53 34.77
C SER B 127 4.68 -38.16 33.43
N GLN B 128 4.04 -37.13 32.87
CA GLN B 128 4.23 -36.61 31.52
C GLN B 128 5.37 -35.56 31.39
N ALA B 129 6.29 -35.50 32.37
CA ALA B 129 7.41 -34.55 32.34
C ALA B 129 8.42 -34.96 31.29
N PRO B 130 8.85 -34.02 30.39
CA PRO B 130 9.84 -34.33 29.33
C PRO B 130 11.11 -35.03 29.83
N ARG B 131 11.32 -36.25 29.34
CA ARG B 131 12.34 -37.15 29.92
C ARG B 131 13.79 -36.70 29.70
N GLN B 132 14.07 -36.00 28.61
CA GLN B 132 15.42 -35.47 28.34
C GLN B 132 15.66 -34.09 29.00
N GLY B 133 14.64 -33.57 29.70
CA GLY B 133 14.69 -32.22 30.27
C GLY B 133 15.70 -32.08 31.39
N LEU B 134 16.42 -30.95 31.39
CA LEU B 134 17.56 -30.75 32.28
C LEU B 134 17.21 -30.80 33.78
N LEU B 135 15.96 -30.52 34.13
CA LEU B 135 15.44 -30.63 35.49
C LEU B 135 14.39 -31.72 35.58
N TYR B 136 14.57 -32.81 34.84
CA TYR B 136 13.60 -33.93 34.86
C TYR B 136 13.33 -34.43 36.27
N GLY B 137 12.07 -34.34 36.69
CA GLY B 137 11.60 -34.88 37.95
C GLY B 137 12.03 -34.12 39.16
N VAL B 138 12.40 -32.85 39.01
CA VAL B 138 12.80 -31.97 40.11
C VAL B 138 11.59 -31.20 40.63
N PRO B 139 11.17 -31.36 41.87
CA PRO B 139 10.16 -30.47 42.45
C PRO B 139 10.71 -29.07 42.60
N VAL B 140 9.86 -28.08 42.26
CA VAL B 140 10.23 -26.67 42.30
C VAL B 140 9.13 -25.90 43.03
N SER B 141 9.53 -25.04 43.96
CA SER B 141 8.63 -24.14 44.66
C SER B 141 8.61 -22.80 43.93
N LEU B 142 7.52 -22.04 44.13
CA LEU B 142 7.26 -20.82 43.35
C LEU B 142 6.76 -19.69 44.24
N LYS B 143 7.39 -18.54 44.15
CA LYS B 143 6.87 -17.39 44.86
C LYS B 143 5.48 -17.06 44.31
N GLU B 144 4.57 -16.61 45.18
CA GLU B 144 3.14 -16.49 44.84
C GLU B 144 2.83 -15.62 43.64
N CYS B 145 3.73 -14.69 43.30
CA CYS B 145 3.57 -13.79 42.14
C CYS B 145 3.73 -14.50 40.79
N PHE B 146 4.45 -15.63 40.73
CA PHE B 146 4.56 -16.42 39.49
C PHE B 146 3.22 -17.05 39.15
N SER B 147 2.60 -16.65 38.03
CA SER B 147 1.26 -17.10 37.66
C SER B 147 1.20 -18.60 37.42
N TYR B 148 0.01 -19.18 37.63
CA TYR B 148 -0.20 -20.61 37.43
C TYR B 148 -1.65 -20.88 37.05
N LYS B 149 -1.87 -21.76 36.07
CA LYS B 149 -3.23 -21.91 35.52
C LYS B 149 -4.20 -22.25 36.64
N GLY B 150 -5.24 -21.41 36.76
CA GLY B 150 -6.30 -21.60 37.73
C GLY B 150 -5.96 -21.41 39.20
N HIS B 151 -4.89 -20.66 39.49
CA HIS B 151 -4.47 -20.37 40.86
C HIS B 151 -4.37 -18.86 41.02
N ASP B 152 -4.86 -18.36 42.17
CA ASP B 152 -4.67 -16.95 42.53
C ASP B 152 -3.18 -16.65 42.71
N SER B 153 -2.79 -15.45 42.30
CA SER B 153 -1.54 -14.85 42.75
C SER B 153 -1.97 -13.61 43.52
N THR B 154 -2.34 -13.81 44.80
CA THR B 154 -2.98 -12.78 45.63
C THR B 154 -2.04 -11.65 46.04
N LEU B 155 -0.79 -11.97 46.35
CA LEU B 155 0.19 -11.03 46.90
C LEU B 155 -0.23 -10.50 48.26
N GLY B 156 -1.03 -11.28 48.98
CA GLY B 156 -1.62 -10.82 50.24
C GLY B 156 -2.74 -9.83 50.09
N LEU B 157 -3.25 -9.61 48.88
CA LEU B 157 -4.21 -8.54 48.63
C LEU B 157 -5.59 -9.10 48.33
N SER B 158 -6.55 -8.71 49.19
CA SER B 158 -8.00 -8.94 49.05
C SER B 158 -8.52 -8.73 47.65
N LEU B 159 -8.02 -7.68 46.98
CA LEU B 159 -8.36 -7.37 45.60
C LEU B 159 -8.09 -8.52 44.67
N ASN B 160 -6.98 -9.23 44.86
CA ASN B 160 -6.53 -10.31 44.00
C ASN B 160 -7.02 -11.67 44.43
N GLU B 161 -7.87 -11.78 45.44
CA GLU B 161 -8.33 -13.13 45.65
C GLU B 161 -9.62 -13.35 44.95
N GLY B 162 -9.83 -14.64 44.60
CA GLY B 162 -10.82 -15.09 43.67
C GLY B 162 -10.53 -14.67 42.25
N MET B 163 -9.27 -14.40 41.91
CA MET B 163 -8.84 -13.99 40.59
C MET B 163 -7.85 -15.03 40.12
N PRO B 164 -8.31 -16.19 39.66
CA PRO B 164 -7.38 -17.23 39.21
C PRO B 164 -6.65 -16.82 37.95
N SER B 165 -5.41 -17.31 37.80
CA SER B 165 -4.59 -16.98 36.65
C SER B 165 -5.09 -17.74 35.43
N GLU B 166 -5.12 -17.06 34.27
CA GLU B 166 -5.60 -17.62 33.00
C GLU B 166 -4.70 -18.75 32.52
N SER B 167 -3.39 -18.52 32.56
CA SER B 167 -2.38 -19.46 32.11
C SER B 167 -1.08 -19.28 32.88
N ASP B 168 -0.16 -20.23 32.70
CA ASP B 168 1.12 -20.19 33.37
C ASP B 168 1.95 -19.05 32.82
N CYS B 169 2.82 -18.46 33.66
CA CYS B 169 3.81 -17.50 33.19
C CYS B 169 4.94 -18.23 32.46
N VAL B 170 5.71 -17.46 31.70
CA VAL B 170 6.71 -18.02 30.77
C VAL B 170 7.69 -18.92 31.50
N VAL B 171 8.35 -18.42 32.56
CA VAL B 171 9.34 -19.24 33.29
C VAL B 171 8.74 -20.52 33.85
N VAL B 172 7.50 -20.50 34.33
CA VAL B 172 6.95 -21.75 34.80
C VAL B 172 6.66 -22.68 33.60
N GLN B 173 6.23 -22.15 32.46
CA GLN B 173 6.11 -22.98 31.25
C GLN B 173 7.44 -23.60 30.85
N VAL B 174 8.51 -22.81 30.94
CA VAL B 174 9.86 -23.23 30.58
C VAL B 174 10.38 -24.31 31.51
N LEU B 175 10.10 -24.17 32.82
CA LEU B 175 10.46 -25.18 33.83
C LEU B 175 9.85 -26.53 33.51
N LYS B 176 8.55 -26.53 33.25
CA LYS B 176 7.81 -27.74 32.88
C LYS B 176 8.39 -28.38 31.63
N LEU B 177 8.64 -27.59 30.56
CA LEU B 177 9.26 -28.08 29.32
C LEU B 177 10.64 -28.66 29.51
N GLN B 178 11.32 -28.25 30.57
CA GLN B 178 12.64 -28.71 30.96
C GLN B 178 12.54 -29.84 32.01
N GLY B 179 11.37 -30.42 32.20
CA GLY B 179 11.20 -31.59 33.05
C GLY B 179 10.87 -31.34 34.51
N ALA B 180 10.85 -30.09 34.96
CA ALA B 180 10.63 -29.78 36.38
C ALA B 180 9.17 -29.94 36.77
N VAL B 181 8.92 -29.95 38.08
CA VAL B 181 7.59 -30.21 38.65
C VAL B 181 7.25 -29.14 39.68
N PRO B 182 6.84 -27.94 39.23
CA PRO B 182 6.34 -26.90 40.15
C PRO B 182 5.22 -27.39 41.05
N PHE B 183 5.51 -27.55 42.35
CA PHE B 183 4.56 -28.25 43.24
C PHE B 183 3.83 -27.38 44.25
N VAL B 184 4.37 -26.22 44.65
CA VAL B 184 3.68 -25.30 45.55
C VAL B 184 3.96 -23.84 45.27
N HIS B 185 2.98 -22.99 45.63
CA HIS B 185 3.16 -21.54 45.74
C HIS B 185 3.57 -21.23 47.17
N THR B 186 4.63 -20.42 47.34
CA THR B 186 5.13 -20.02 48.65
C THR B 186 4.69 -18.60 49.01
N ASN B 187 4.79 -18.27 50.29
CA ASN B 187 4.21 -17.05 50.85
C ASN B 187 5.06 -15.82 50.54
N VAL B 188 4.40 -14.66 50.60
CA VAL B 188 5.01 -13.34 50.39
C VAL B 188 4.37 -12.35 51.32
N PRO B 189 5.07 -11.25 51.65
CA PRO B 189 4.45 -10.15 52.39
C PRO B 189 3.43 -9.44 51.52
N GLN B 190 2.50 -8.73 52.17
CA GLN B 190 1.44 -8.01 51.44
C GLN B 190 2.08 -7.07 50.44
N SER B 191 1.64 -7.12 49.17
CA SER B 191 2.19 -6.24 48.12
C SER B 191 3.66 -6.50 47.69
N MET B 192 4.34 -7.45 48.30
CA MET B 192 5.78 -7.68 48.10
C MET B 192 6.72 -6.48 48.34
N PHE B 193 6.24 -5.38 48.95
CA PHE B 193 6.98 -4.13 49.22
C PHE B 193 7.64 -4.13 50.62
N SER B 194 8.21 -5.26 51.05
CA SER B 194 8.68 -5.49 52.41
C SER B 194 9.71 -6.61 52.44
N TYR B 195 10.77 -6.48 53.25
CA TYR B 195 11.66 -7.64 53.43
C TYR B 195 11.32 -8.46 54.69
N ASP B 196 10.10 -8.31 55.22
CA ASP B 196 9.46 -9.28 56.09
C ASP B 196 8.58 -10.21 55.21
N CYS B 197 7.78 -11.08 55.83
CA CYS B 197 6.95 -12.03 55.10
C CYS B 197 5.62 -12.31 55.81
N SER B 198 4.76 -11.30 55.88
CA SER B 198 3.44 -11.42 56.48
C SER B 198 2.37 -10.72 55.64
N ASN B 199 1.19 -11.32 55.52
CA ASN B 199 0.03 -10.70 54.88
C ASN B 199 -1.28 -11.08 55.55
N PRO B 200 -2.35 -10.28 55.44
CA PRO B 200 -3.62 -10.58 56.13
C PRO B 200 -4.46 -11.68 55.51
N LEU B 201 -3.95 -12.37 54.48
CA LEU B 201 -4.63 -13.53 53.87
C LEU B 201 -4.17 -14.81 54.54
N PHE B 202 -2.90 -15.20 54.34
CA PHE B 202 -2.33 -16.44 54.87
C PHE B 202 -1.45 -16.21 56.10
N GLY B 203 -1.39 -14.99 56.60
CA GLY B 203 -0.67 -14.70 57.84
C GLY B 203 0.83 -14.62 57.63
N GLN B 204 1.58 -14.99 58.65
CA GLN B 204 2.98 -14.67 58.71
C GLN B 204 3.88 -15.88 58.68
N THR B 205 4.87 -15.84 57.79
CA THR B 205 5.87 -16.87 57.59
C THR B 205 7.02 -16.63 58.55
N MET B 206 7.61 -17.71 59.06
CA MET B 206 8.63 -17.62 60.09
C MET B 206 9.92 -18.33 59.67
N ASN B 207 11.04 -17.80 60.19
CA ASN B 207 12.36 -18.36 59.93
C ASN B 207 12.44 -19.78 60.45
N PRO B 208 12.97 -20.73 59.66
CA PRO B 208 13.10 -22.12 60.13
C PRO B 208 14.19 -22.33 61.16
N TRP B 209 15.10 -21.37 61.36
CA TRP B 209 16.14 -21.47 62.38
C TRP B 209 15.66 -20.98 63.76
N LYS B 210 14.85 -19.92 63.80
CA LYS B 210 14.29 -19.40 65.05
C LYS B 210 12.99 -18.64 64.76
N SER B 211 11.88 -19.13 65.32
CA SER B 211 10.48 -18.71 65.03
C SER B 211 10.15 -17.28 65.43
N SER B 212 10.96 -16.65 66.27
CA SER B 212 10.85 -15.21 66.57
C SER B 212 11.39 -14.35 65.43
N LYS B 213 12.24 -14.91 64.56
CA LYS B 213 12.90 -14.19 63.49
C LYS B 213 12.17 -14.28 62.15
N SER B 214 12.39 -13.26 61.29
CA SER B 214 11.81 -13.21 59.95
C SER B 214 12.55 -14.18 59.06
N PRO B 215 11.85 -14.78 58.07
CA PRO B 215 12.54 -15.54 57.03
C PRO B 215 13.21 -14.66 56.00
N GLY B 216 12.91 -13.35 55.99
CA GLY B 216 13.33 -12.42 54.96
C GLY B 216 12.18 -12.24 54.01
N GLY B 217 12.36 -11.38 53.01
CA GLY B 217 11.32 -11.20 51.99
C GLY B 217 11.75 -10.28 50.87
N SER B 218 10.90 -10.14 49.84
CA SER B 218 9.57 -10.76 49.75
C SER B 218 9.50 -12.23 49.30
N SER B 219 10.64 -12.87 49.04
CA SER B 219 10.65 -14.33 48.78
C SER B 219 10.82 -15.13 50.08
N GLY B 220 9.99 -14.75 51.08
CA GLY B 220 10.13 -15.28 52.42
C GLY B 220 9.70 -16.72 52.51
N GLY B 221 8.54 -17.03 51.92
CA GLY B 221 8.11 -18.40 51.79
C GLY B 221 9.18 -19.29 51.22
N GLU B 222 9.77 -18.88 50.09
CA GLU B 222 10.80 -19.65 49.39
C GLU B 222 11.99 -19.96 50.28
N GLY B 223 12.63 -18.92 50.79
CA GLY B 223 13.78 -19.09 51.68
C GLY B 223 13.47 -19.98 52.85
N ALA B 224 12.29 -19.76 53.47
CA ALA B 224 11.80 -20.58 54.59
C ALA B 224 11.67 -22.03 54.21
N LEU B 225 11.08 -22.31 53.03
CA LEU B 225 10.88 -23.69 52.56
C LEU B 225 12.20 -24.36 52.20
N ILE B 226 12.99 -23.71 51.34
CA ILE B 226 14.26 -24.29 50.89
C ILE B 226 15.22 -24.45 52.04
N GLY B 227 15.30 -23.43 52.91
CA GLY B 227 16.19 -23.42 54.08
C GLY B 227 15.96 -24.57 55.04
N SER B 228 14.70 -25.00 55.20
CA SER B 228 14.37 -26.15 56.04
C SER B 228 14.45 -27.50 55.30
N GLY B 229 14.80 -27.47 54.01
CA GLY B 229 15.02 -28.69 53.20
C GLY B 229 13.79 -29.25 52.50
N GLY B 230 12.69 -28.50 52.47
CA GLY B 230 11.44 -28.94 51.90
C GLY B 230 11.27 -28.69 50.43
N SER B 231 12.22 -27.99 49.81
CA SER B 231 12.28 -27.78 48.37
C SER B 231 13.75 -27.66 47.96
N PRO B 232 14.18 -28.34 46.90
CA PRO B 232 15.59 -28.27 46.50
C PRO B 232 15.90 -27.07 45.64
N LEU B 233 14.87 -26.43 45.07
CA LEU B 233 15.02 -25.32 44.16
C LEU B 233 13.72 -24.54 44.03
N GLY B 234 13.80 -23.22 44.07
CA GLY B 234 12.65 -22.36 43.93
C GLY B 234 12.93 -21.11 43.10
N LEU B 235 11.86 -20.38 42.78
CA LEU B 235 11.95 -19.14 42.05
C LEU B 235 11.37 -17.99 42.86
N GLY B 236 12.14 -16.88 42.95
CA GLY B 236 11.69 -15.67 43.59
C GLY B 236 11.90 -14.47 42.67
N THR B 237 11.41 -13.30 43.12
CA THR B 237 11.68 -12.06 42.42
C THR B 237 12.40 -11.14 43.39
N ASP B 238 12.81 -9.96 42.90
CA ASP B 238 13.73 -9.09 43.64
C ASP B 238 13.71 -7.69 43.03
N ILE B 239 13.05 -6.78 43.76
CA ILE B 239 12.96 -5.34 43.47
C ILE B 239 13.75 -4.49 44.48
N GLY B 240 14.12 -5.04 45.64
CA GLY B 240 14.96 -4.32 46.60
C GLY B 240 15.80 -5.22 47.48
N GLY B 241 16.07 -6.45 47.04
CA GLY B 241 16.66 -7.51 47.86
C GLY B 241 15.75 -8.70 48.09
N SER B 242 14.56 -8.73 47.49
CA SER B 242 13.57 -9.78 47.76
C SER B 242 14.01 -11.22 47.50
N ILE B 243 15.06 -11.46 46.74
CA ILE B 243 15.70 -12.77 46.64
C ILE B 243 16.73 -12.94 47.72
N ARG B 244 17.60 -11.92 47.83
CA ARG B 244 18.82 -12.05 48.65
C ARG B 244 18.54 -11.97 50.16
N PHE B 245 17.53 -11.20 50.58
CA PHE B 245 17.10 -11.16 51.98
C PHE B 245 16.61 -12.49 52.48
N PRO B 246 15.61 -13.15 51.88
CA PRO B 246 15.22 -14.49 52.33
C PRO B 246 16.31 -15.53 52.20
N SER B 247 17.14 -15.46 51.16
CA SER B 247 18.26 -16.39 50.98
C SER B 247 19.26 -16.29 52.13
N ALA B 248 19.74 -15.08 52.43
CA ALA B 248 20.77 -14.87 53.45
C ALA B 248 20.26 -15.12 54.86
N PHE B 249 19.08 -14.56 55.21
CA PHE B 249 18.39 -14.78 56.47
C PHE B 249 18.14 -16.25 56.78
N CYS B 250 17.85 -17.07 55.74
CA CYS B 250 17.60 -18.52 55.88
C CYS B 250 18.79 -19.40 55.51
N GLY B 251 19.94 -18.81 55.17
CA GLY B 251 21.20 -19.56 55.01
C GLY B 251 21.20 -20.48 53.81
N ILE B 252 20.78 -19.92 52.66
CA ILE B 252 20.79 -20.61 51.36
C ILE B 252 21.34 -19.66 50.30
N CYS B 253 21.64 -20.21 49.14
CA CYS B 253 22.09 -19.42 47.99
C CYS B 253 20.93 -18.90 47.17
N GLY B 254 21.04 -17.65 46.70
CA GLY B 254 20.11 -17.05 45.76
C GLY B 254 20.80 -16.09 44.82
N LEU B 255 20.18 -15.85 43.64
CA LEU B 255 20.75 -14.99 42.61
C LEU B 255 19.73 -14.03 42.03
N LYS B 256 20.10 -12.74 41.94
CA LYS B 256 19.34 -11.72 41.22
C LYS B 256 20.13 -11.34 40.00
N PRO B 257 19.79 -11.91 38.80
CA PRO B 257 20.35 -11.47 37.51
C PRO B 257 20.01 -10.06 37.12
N THR B 258 20.57 -9.65 35.99
CA THR B 258 20.14 -8.45 35.29
C THR B 258 18.69 -8.66 34.90
N GLY B 259 17.82 -7.69 35.22
CA GLY B 259 16.38 -7.79 35.09
C GLY B 259 15.88 -8.47 33.82
N ASN B 260 16.39 -8.04 32.68
CA ASN B 260 16.00 -8.58 31.40
C ASN B 260 16.85 -9.78 30.96
N ARG B 261 17.43 -10.56 31.89
CA ARG B 261 18.07 -11.83 31.52
C ARG B 261 17.05 -12.97 31.42
N LEU B 262 15.95 -12.85 32.17
CA LEU B 262 14.88 -13.82 32.16
C LEU B 262 13.53 -13.14 31.94
N SER B 263 12.54 -13.93 31.49
CA SER B 263 11.23 -13.40 31.08
C SER B 263 10.35 -13.06 32.28
N LYS B 264 9.98 -11.79 32.38
CA LYS B 264 9.07 -11.24 33.39
C LYS B 264 7.57 -11.40 33.01
N SER B 265 7.28 -12.10 31.91
CA SER B 265 5.91 -12.21 31.38
C SER B 265 5.12 -13.13 32.28
N GLY B 266 3.88 -12.71 32.60
CA GLY B 266 2.99 -13.45 33.47
C GLY B 266 3.27 -13.34 34.94
N LEU B 267 4.12 -12.40 35.37
CA LEU B 267 4.42 -12.18 36.79
C LEU B 267 3.43 -11.19 37.40
N LYS B 268 2.83 -11.59 38.53
CA LYS B 268 1.88 -10.72 39.22
C LYS B 268 2.65 -9.61 39.95
N GLY B 269 2.02 -8.43 40.01
CA GLY B 269 2.63 -7.28 40.66
C GLY B 269 1.60 -6.19 40.91
N CYS B 270 1.98 -5.25 41.79
CA CYS B 270 1.08 -4.18 42.21
C CYS B 270 1.12 -3.01 41.26
N VAL B 271 2.33 -2.68 40.82
CA VAL B 271 2.61 -1.57 39.94
C VAL B 271 3.09 -2.14 38.61
N TYR B 272 2.50 -1.67 37.53
CA TYR B 272 2.90 -2.06 36.19
C TYR B 272 3.36 -0.80 35.46
N GLY B 273 4.48 -0.90 34.74
CA GLY B 273 5.02 0.17 33.91
C GLY B 273 6.12 1.02 34.51
N GLN B 274 6.58 0.67 35.71
CA GLN B 274 7.73 1.31 36.35
C GLN B 274 8.98 0.64 35.80
N THR B 275 9.69 1.33 34.89
CA THR B 275 10.83 0.76 34.19
C THR B 275 12.17 1.34 34.63
N ALA B 276 12.16 2.33 35.53
CA ALA B 276 13.39 2.95 36.01
C ALA B 276 14.22 1.97 36.81
N VAL B 277 13.63 1.41 37.86
CA VAL B 277 14.22 0.35 38.66
C VAL B 277 13.48 -0.92 38.27
N GLN B 278 14.06 -1.71 37.38
CA GLN B 278 13.26 -2.81 36.92
C GLN B 278 13.46 -4.03 37.79
N LEU B 279 12.47 -4.91 37.72
CA LEU B 279 12.48 -6.10 38.53
C LEU B 279 13.37 -7.14 37.90
N SER B 280 13.86 -8.04 38.75
CA SER B 280 14.64 -9.19 38.33
C SER B 280 14.12 -10.45 39.02
N LEU B 281 14.15 -11.59 38.32
CA LEU B 281 13.76 -12.86 38.92
C LEU B 281 14.89 -13.87 38.77
N GLY B 282 14.92 -14.89 39.63
CA GLY B 282 16.00 -15.83 39.63
C GLY B 282 15.94 -16.94 40.65
N PRO B 283 16.93 -17.84 40.60
CA PRO B 283 16.89 -19.07 41.41
C PRO B 283 17.26 -18.86 42.88
N MET B 284 16.70 -19.73 43.73
CA MET B 284 17.03 -19.84 45.14
C MET B 284 17.18 -21.32 45.42
N ALA B 285 18.29 -21.72 46.05
CA ALA B 285 18.60 -23.14 46.24
C ALA B 285 19.65 -23.36 47.33
N ARG B 286 19.81 -24.63 47.73
CA ARG B 286 20.71 -24.96 48.86
C ARG B 286 22.18 -24.77 48.53
N ASP B 287 22.58 -24.74 47.25
CA ASP B 287 23.97 -24.49 46.86
C ASP B 287 24.07 -23.76 45.50
N VAL B 288 25.26 -23.21 45.24
CA VAL B 288 25.47 -22.38 44.04
C VAL B 288 25.29 -23.21 42.78
N GLU B 289 25.76 -24.46 42.81
CA GLU B 289 25.66 -25.36 41.67
C GLU B 289 24.21 -25.56 41.21
N SER B 290 23.25 -25.58 42.15
CA SER B 290 21.82 -25.61 41.83
C SER B 290 21.34 -24.37 41.08
N LEU B 291 21.76 -23.17 41.52
CA LEU B 291 21.41 -21.92 40.85
C LEU B 291 21.86 -21.92 39.40
N ALA B 292 23.08 -22.39 39.14
CA ALA B 292 23.68 -22.43 37.80
C ALA B 292 23.00 -23.45 36.89
N LEU B 293 22.69 -24.63 37.42
CA LEU B 293 21.93 -25.60 36.65
C LEU B 293 20.56 -25.06 36.28
N CYS B 294 19.96 -24.32 37.21
CA CYS B 294 18.65 -23.73 36.98
C CYS B 294 18.70 -22.65 35.91
N LEU B 295 19.71 -21.77 35.92
CA LEU B 295 19.88 -20.80 34.83
C LEU B 295 20.21 -21.47 33.50
N LYS B 296 21.02 -22.54 33.54
CA LYS B 296 21.29 -23.37 32.37
C LYS B 296 19.99 -23.81 31.76
N ALA B 297 19.12 -24.37 32.60
CA ALA B 297 17.80 -24.85 32.21
C ALA B 297 16.93 -23.75 31.64
N LEU B 298 16.83 -22.62 32.34
CA LEU B 298 16.01 -21.49 31.90
C LEU B 298 16.52 -20.82 30.63
N LEU B 299 17.84 -20.60 30.52
CA LEU B 299 18.42 -19.93 29.36
C LEU B 299 18.60 -20.89 28.18
N CYS B 300 17.48 -21.16 27.48
CA CYS B 300 17.39 -22.09 26.36
C CYS B 300 16.32 -21.61 25.40
N GLU B 301 16.18 -22.30 24.26
CA GLU B 301 15.29 -21.83 23.18
C GLU B 301 13.81 -21.80 23.59
N HIS B 302 13.35 -22.70 24.45
CA HIS B 302 11.99 -22.63 25.00
C HIS B 302 11.65 -21.25 25.55
N LEU B 303 12.61 -20.63 26.26
CA LEU B 303 12.43 -19.30 26.86
C LEU B 303 12.40 -18.22 25.80
N PHE B 304 13.42 -18.25 24.93
CA PHE B 304 13.63 -17.20 23.95
C PHE B 304 12.55 -17.21 22.90
N THR B 305 12.01 -18.42 22.62
CA THR B 305 10.82 -18.57 21.78
C THR B 305 9.58 -18.01 22.45
N LEU B 306 9.30 -18.47 23.68
CA LEU B 306 8.06 -18.05 24.36
C LEU B 306 8.00 -16.55 24.65
N ASP B 307 9.15 -15.93 24.94
CA ASP B 307 9.25 -14.49 25.11
C ASP B 307 10.50 -13.95 24.43
N PRO B 308 10.41 -13.59 23.14
CA PRO B 308 11.57 -13.03 22.41
C PRO B 308 11.95 -11.60 22.73
N THR B 309 11.38 -10.96 23.76
CA THR B 309 11.89 -9.69 24.24
C THR B 309 13.11 -9.92 25.12
N VAL B 310 13.27 -11.13 25.61
CA VAL B 310 14.49 -11.56 26.31
C VAL B 310 15.59 -11.81 25.31
N PRO B 311 16.76 -11.17 25.43
CA PRO B 311 17.88 -11.42 24.50
C PRO B 311 18.35 -12.84 24.58
N PRO B 312 18.49 -13.55 23.44
CA PRO B 312 18.80 -14.98 23.49
C PRO B 312 20.26 -15.27 23.77
N LEU B 313 20.66 -14.96 25.00
CA LEU B 313 22.00 -15.16 25.51
C LEU B 313 22.06 -16.50 26.17
N PRO B 314 22.84 -17.46 25.65
CA PRO B 314 22.93 -18.77 26.31
C PRO B 314 23.69 -18.70 27.64
N PHE B 315 23.53 -19.75 28.46
CA PHE B 315 24.41 -19.95 29.60
C PHE B 315 25.80 -20.32 29.10
N ARG B 316 26.77 -19.45 29.36
CA ARG B 316 28.15 -19.64 28.94
C ARG B 316 28.87 -20.44 30.03
N GLU B 317 29.00 -21.75 29.80
CA GLU B 317 29.56 -22.69 30.77
C GLU B 317 31.03 -22.45 31.04
N GLU B 318 31.80 -21.99 30.05
CA GLU B 318 33.25 -21.79 30.17
C GLU B 318 33.56 -20.71 31.18
N VAL B 319 32.79 -19.62 31.15
CA VAL B 319 32.87 -18.52 32.13
C VAL B 319 32.62 -19.04 33.52
N TYR B 320 31.50 -19.74 33.70
CA TYR B 320 31.10 -20.32 34.99
C TYR B 320 32.15 -21.26 35.56
N ARG B 321 32.81 -22.07 34.72
CA ARG B 321 33.77 -23.04 35.22
C ARG B 321 35.24 -22.64 35.05
N SER B 322 35.51 -21.39 34.66
CA SER B 322 36.89 -20.88 34.65
C SER B 322 37.40 -20.71 36.06
N SER B 323 38.67 -21.08 36.28
CA SER B 323 39.34 -20.94 37.58
C SER B 323 40.48 -19.91 37.57
N ARG B 324 40.42 -18.92 36.67
CA ARG B 324 41.44 -17.86 36.61
C ARG B 324 41.34 -16.96 37.83
N PRO B 325 42.46 -16.43 38.35
CA PRO B 325 42.38 -15.48 39.47
C PRO B 325 41.56 -14.24 39.13
N LEU B 326 41.11 -13.53 40.17
CA LEU B 326 40.07 -12.51 40.04
C LEU B 326 40.44 -11.22 40.75
N ARG B 327 40.24 -10.11 40.08
CA ARG B 327 40.34 -8.82 40.71
C ARG B 327 39.00 -8.59 41.37
N VAL B 328 39.00 -8.71 42.69
CA VAL B 328 37.81 -8.65 43.53
C VAL B 328 37.82 -7.33 44.24
N GLY B 329 36.88 -6.45 43.93
CA GLY B 329 36.65 -5.28 44.75
C GLY B 329 36.02 -5.71 46.04
N TYR B 330 36.26 -4.95 47.13
CA TYR B 330 35.56 -5.21 48.39
C TYR B 330 35.32 -3.94 49.20
N TYR B 331 34.24 -3.94 49.98
CA TYR B 331 34.02 -2.91 50.98
C TYR B 331 33.39 -3.49 52.22
N GLU B 332 33.89 -3.09 53.39
CA GLU B 332 33.37 -3.65 54.65
C GLU B 332 32.08 -2.96 55.09
N THR B 333 31.91 -1.69 54.73
CA THR B 333 30.68 -0.95 55.02
C THR B 333 30.35 -0.08 53.83
N ASP B 334 29.05 0.26 53.67
CA ASP B 334 28.62 1.22 52.65
C ASP B 334 28.40 2.62 53.22
N ASN B 335 28.85 2.84 54.45
CA ASN B 335 28.69 4.10 55.19
C ASN B 335 27.23 4.56 55.33
N TYR B 336 26.28 3.65 55.15
CA TYR B 336 24.86 3.97 55.18
C TYR B 336 24.11 3.12 56.20
N THR B 337 24.32 1.81 56.13
CA THR B 337 23.87 0.77 57.06
C THR B 337 25.12 0.30 57.83
N MET B 338 25.22 0.55 59.12
CA MET B 338 26.39 -0.03 59.76
C MET B 338 26.22 -1.47 59.91
N PRO B 339 27.18 -2.27 59.45
CA PRO B 339 27.13 -3.69 59.48
C PRO B 339 27.21 -4.22 60.90
N SER B 340 26.52 -5.34 61.14
CA SER B 340 26.58 -6.20 62.30
C SER B 340 28.03 -6.65 62.50
N PRO B 341 28.43 -7.06 63.73
CA PRO B 341 29.77 -7.67 63.89
C PRO B 341 29.94 -8.94 63.08
N ALA B 342 28.83 -9.69 62.90
CA ALA B 342 28.81 -10.88 62.05
C ALA B 342 29.10 -10.54 60.60
N MET B 343 28.40 -9.54 60.05
CA MET B 343 28.59 -9.16 58.65
C MET B 343 30.00 -8.67 58.41
N ARG B 344 30.49 -7.81 59.32
CA ARG B 344 31.89 -7.37 59.26
C ARG B 344 32.86 -8.54 59.30
N ARG B 345 32.66 -9.49 60.25
CA ARG B 345 33.53 -10.66 60.32
C ARG B 345 33.45 -11.50 59.07
N ALA B 346 32.21 -11.79 58.60
CA ALA B 346 31.95 -12.61 57.42
C ALA B 346 32.69 -12.11 56.19
N LEU B 347 32.45 -10.83 55.87
CA LEU B 347 33.11 -10.16 54.75
C LEU B 347 34.62 -10.27 54.87
N ILE B 348 35.14 -9.90 56.05
CA ILE B 348 36.58 -9.89 56.31
C ILE B 348 37.19 -11.27 56.14
N GLU B 349 36.57 -12.29 56.76
CA GLU B 349 37.12 -13.65 56.64
C GLU B 349 37.01 -14.18 55.23
N THR B 350 35.91 -13.82 54.52
CA THR B 350 35.78 -14.15 53.08
C THR B 350 36.85 -13.48 52.26
N LYS B 351 37.10 -12.20 52.56
CA LYS B 351 38.14 -11.44 51.88
C LYS B 351 39.47 -12.12 52.04
N GLN B 352 39.83 -12.49 53.28
CA GLN B 352 41.16 -13.06 53.46
C GLN B 352 41.29 -14.51 52.91
N ARG B 353 40.24 -15.32 52.96
CA ARG B 353 40.30 -16.63 52.28
C ARG B 353 40.53 -16.51 50.77
N LEU B 354 39.95 -15.48 50.14
CA LEU B 354 40.14 -15.22 48.70
C LEU B 354 41.56 -14.79 48.34
N GLU B 355 42.20 -13.97 49.18
CA GLU B 355 43.61 -13.61 48.99
C GLU B 355 44.51 -14.83 49.13
N ALA B 356 44.18 -15.72 50.09
CA ALA B 356 44.90 -16.98 50.26
C ALA B 356 44.70 -17.92 49.07
N ALA B 357 43.56 -17.82 48.39
CA ALA B 357 43.34 -18.60 47.17
C ALA B 357 44.13 -18.08 45.96
N GLY B 358 44.64 -16.85 46.02
CA GLY B 358 45.43 -16.24 44.94
C GLY B 358 44.73 -15.13 44.18
N HIS B 359 43.51 -14.78 44.57
CA HIS B 359 42.77 -13.68 43.96
C HIS B 359 43.30 -12.37 44.53
N THR B 360 43.01 -11.27 43.84
CA THR B 360 43.50 -9.96 44.28
C THR B 360 42.33 -9.11 44.75
N LEU B 361 42.42 -8.66 46.01
CA LEU B 361 41.36 -7.95 46.69
C LEU B 361 41.70 -6.46 46.75
N ILE B 362 40.79 -5.64 46.26
CA ILE B 362 40.98 -4.21 46.06
C ILE B 362 39.93 -3.45 46.84
N PRO B 363 40.28 -2.50 47.69
CA PRO B 363 39.25 -1.64 48.30
C PRO B 363 38.49 -0.88 47.23
N PHE B 364 37.18 -1.11 47.15
CA PHE B 364 36.32 -0.45 46.20
C PHE B 364 34.97 -0.11 46.81
N LEU B 365 34.48 1.10 46.56
CA LEU B 365 33.12 1.46 46.94
C LEU B 365 32.45 2.22 45.80
N PRO B 366 31.26 1.80 45.39
CA PRO B 366 30.44 2.64 44.49
C PRO B 366 30.16 4.03 45.07
N ASN B 367 30.26 5.05 44.21
CA ASN B 367 30.10 6.44 44.63
C ASN B 367 28.64 6.83 44.89
N ASN B 368 28.48 7.99 45.52
CA ASN B 368 27.18 8.60 45.86
C ASN B 368 26.06 7.62 46.17
N ILE B 369 26.35 6.71 47.12
CA ILE B 369 25.30 5.66 47.53
C ILE B 369 24.11 6.34 48.14
N PRO B 370 24.16 7.29 49.09
CA PRO B 370 22.99 8.03 49.55
C PRO B 370 22.03 8.41 48.42
N TYR B 371 22.57 9.09 47.40
CA TYR B 371 21.87 9.49 46.18
C TYR B 371 21.14 8.35 45.48
N ALA B 372 21.85 7.24 45.30
CA ALA B 372 21.28 6.06 44.68
C ALA B 372 20.03 5.61 45.41
N LEU B 373 20.15 5.44 46.72
CA LEU B 373 19.07 4.89 47.54
C LEU B 373 17.96 5.89 47.69
N GLU B 374 18.32 7.15 47.94
CA GLU B 374 17.33 8.16 48.27
C GLU B 374 16.65 8.73 47.04
N VAL B 375 17.45 9.17 46.07
CA VAL B 375 16.98 9.88 44.88
C VAL B 375 16.51 8.91 43.84
N LEU B 376 17.45 8.07 43.41
CA LEU B 376 17.23 7.24 42.24
C LEU B 376 16.30 6.09 42.58
N SER B 377 16.72 5.21 43.47
CA SER B 377 15.97 3.98 43.78
C SER B 377 14.58 4.27 44.27
N THR B 378 14.48 4.99 45.39
CA THR B 378 13.21 5.37 46.00
C THR B 378 12.35 6.17 45.05
N GLY B 379 12.93 7.17 44.38
CA GLY B 379 12.21 7.99 43.40
C GLY B 379 11.70 7.19 42.22
N GLY B 380 12.54 6.28 41.73
CA GLY B 380 12.16 5.37 40.64
C GLY B 380 10.99 4.48 40.99
N LEU B 381 10.95 3.98 42.23
CA LEU B 381 9.87 3.12 42.69
C LEU B 381 8.59 3.87 43.09
N PHE B 382 8.65 5.17 43.35
CA PHE B 382 7.51 5.95 43.84
C PHE B 382 7.37 7.27 43.10
N SER B 383 7.52 7.24 41.78
CA SER B 383 7.43 8.45 40.98
C SER B 383 6.04 9.05 41.00
N ASP B 384 5.01 8.21 41.11
CA ASP B 384 3.62 8.68 41.16
C ASP B 384 3.17 9.09 42.57
N GLY B 385 4.10 9.09 43.53
CA GLY B 385 3.77 9.31 44.92
C GLY B 385 3.04 8.15 45.58
N GLY B 386 3.12 6.94 44.99
CA GLY B 386 2.45 5.76 45.51
C GLY B 386 1.05 5.49 45.00
N ARG B 387 0.43 6.42 44.28
CA ARG B 387 -1.01 6.29 44.01
C ARG B 387 -1.43 5.03 43.21
N SER B 388 -0.60 4.50 42.32
CA SER B 388 -0.90 3.20 41.65
C SER B 388 -0.82 2.06 42.62
N PHE B 389 0.24 2.06 43.43
CA PHE B 389 0.46 1.09 44.50
C PHE B 389 -0.65 1.14 45.54
N LEU B 390 -1.03 2.33 45.98
CA LEU B 390 -2.09 2.46 46.99
C LEU B 390 -3.48 2.08 46.48
N GLN B 391 -3.64 2.03 45.16
CA GLN B 391 -4.87 1.55 44.54
C GLN B 391 -5.20 0.12 44.96
N ASN B 392 -4.19 -0.71 45.21
CA ASN B 392 -4.37 -2.11 45.58
C ASN B 392 -4.94 -2.30 46.98
N PHE B 393 -4.77 -1.31 47.85
CA PHE B 393 -5.14 -1.39 49.26
C PHE B 393 -6.55 -0.83 49.56
N LYS B 394 -7.32 -0.44 48.56
CA LYS B 394 -8.57 0.21 48.88
C LYS B 394 -9.54 -0.81 49.41
N GLY B 395 -10.03 -0.51 50.62
CA GLY B 395 -10.93 -1.35 51.39
C GLY B 395 -10.29 -2.58 51.99
N ASP B 396 -8.95 -2.59 52.14
CA ASP B 396 -8.19 -3.76 52.58
C ASP B 396 -7.41 -3.50 53.87
N PHE B 397 -7.17 -4.56 54.61
CA PHE B 397 -6.30 -4.47 55.79
C PHE B 397 -4.88 -4.24 55.37
N VAL B 398 -4.22 -3.29 56.02
CA VAL B 398 -2.80 -3.16 55.84
C VAL B 398 -2.10 -3.94 56.91
N ASP B 399 -1.21 -4.83 56.46
CA ASP B 399 -0.40 -5.68 57.32
C ASP B 399 0.51 -4.82 58.16
N PRO B 400 0.73 -5.16 59.44
CA PRO B 400 1.67 -4.36 60.25
C PRO B 400 3.11 -4.40 59.78
N CYS B 401 3.54 -5.49 59.13
CA CYS B 401 4.96 -5.67 58.73
C CYS B 401 5.40 -4.77 57.58
N LEU B 402 4.49 -4.02 56.98
CA LEU B 402 4.89 -3.00 56.04
C LEU B 402 5.29 -1.67 56.73
N GLY B 403 5.12 -1.59 58.05
CA GLY B 403 5.47 -0.39 58.81
C GLY B 403 4.50 0.74 58.48
N ASP B 404 5.05 1.94 58.23
CA ASP B 404 4.26 3.14 57.92
C ASP B 404 4.18 3.48 56.42
N LEU B 405 4.80 2.67 55.56
CA LEU B 405 4.85 2.90 54.11
C LEU B 405 3.54 3.33 53.46
N ILE B 406 2.41 2.78 53.93
CA ILE B 406 1.09 3.12 53.38
C ILE B 406 0.64 4.46 53.89
N LEU B 407 0.76 4.66 55.20
CA LEU B 407 0.43 5.92 55.88
C LEU B 407 1.19 7.09 55.31
N ILE B 408 2.47 6.86 54.95
CA ILE B 408 3.34 7.88 54.38
C ILE B 408 2.94 8.20 52.95
N LEU B 409 2.79 7.16 52.13
CA LEU B 409 2.33 7.27 50.74
C LEU B 409 1.01 7.98 50.63
N ARG B 410 0.14 7.79 51.61
CA ARG B 410 -1.18 8.41 51.66
C ARG B 410 -1.16 9.90 52.01
N LEU B 411 -0.03 10.43 52.48
CA LEU B 411 0.08 11.85 52.85
C LEU B 411 0.09 12.70 51.59
N PRO B 412 -0.50 13.90 51.65
CA PRO B 412 -0.41 14.81 50.49
C PRO B 412 1.02 15.23 50.20
N SER B 413 1.24 15.65 48.93
CA SER B 413 2.56 16.06 48.47
C SER B 413 3.06 17.33 49.18
N TRP B 414 2.14 18.24 49.53
CA TRP B 414 2.51 19.46 50.29
C TRP B 414 3.03 19.11 51.69
N PHE B 415 2.43 18.09 52.33
CA PHE B 415 2.85 17.66 53.66
C PHE B 415 4.14 16.85 53.59
N LYS B 416 4.26 15.97 52.59
CA LYS B 416 5.50 15.23 52.35
C LYS B 416 6.69 16.16 52.20
N ARG B 417 6.52 17.28 51.47
CA ARG B 417 7.61 18.23 51.26
C ARG B 417 7.90 19.01 52.53
N LEU B 418 6.87 19.60 53.14
CA LEU B 418 6.98 20.40 54.36
C LEU B 418 7.64 19.61 55.47
N LEU B 419 7.08 18.45 55.78
CA LEU B 419 7.65 17.60 56.83
C LEU B 419 9.02 17.03 56.45
N SER B 420 9.35 16.94 55.16
CA SER B 420 10.72 16.64 54.76
C SER B 420 11.65 17.74 55.25
N LEU B 421 11.28 19.01 55.00
CA LEU B 421 12.01 20.21 55.47
C LEU B 421 12.25 20.22 56.95
N LEU B 422 11.19 20.00 57.72
CA LEU B 422 11.24 19.97 59.18
C LEU B 422 12.18 18.90 59.69
N LEU B 423 12.16 17.71 59.10
CA LEU B 423 13.05 16.60 59.47
C LEU B 423 14.48 16.73 58.93
N LYS B 424 14.71 17.53 57.89
CA LYS B 424 15.98 17.50 57.18
C LYS B 424 17.20 17.78 58.07
N PRO B 425 17.20 18.77 58.98
CA PRO B 425 18.40 18.94 59.83
C PRO B 425 18.64 17.83 60.83
N LEU B 426 17.61 17.34 61.53
CA LEU B 426 17.78 16.34 62.60
C LEU B 426 17.62 14.87 62.14
N PHE B 427 16.99 14.60 60.98
CA PHE B 427 16.77 13.25 60.49
C PHE B 427 16.86 13.19 58.96
N PRO B 428 18.05 13.49 58.39
CA PRO B 428 18.20 13.73 56.94
C PRO B 428 17.80 12.54 56.07
N ARG B 429 18.16 11.34 56.53
CA ARG B 429 17.85 10.12 55.82
C ARG B 429 16.35 9.94 55.64
N LEU B 430 15.57 10.22 56.70
CA LEU B 430 14.11 10.13 56.66
C LEU B 430 13.48 11.25 55.83
N ALA B 431 14.04 12.43 55.91
CA ALA B 431 13.60 13.56 55.09
C ALA B 431 13.80 13.26 53.63
N ALA B 432 14.99 12.76 53.28
CA ALA B 432 15.36 12.45 51.91
C ALA B 432 14.35 11.52 51.26
N PHE B 433 14.11 10.36 51.90
CA PHE B 433 13.12 9.39 51.44
C PHE B 433 11.76 10.05 51.30
N LEU B 434 11.34 10.75 52.34
CA LEU B 434 10.08 11.49 52.38
C LEU B 434 9.89 12.39 51.16
N ASN B 435 10.97 13.10 50.77
CA ASN B 435 10.95 14.03 49.64
C ASN B 435 10.91 13.32 48.30
N ASN B 436 11.65 12.22 48.14
CA ASN B 436 11.68 11.43 46.89
C ASN B 436 10.53 10.42 46.76
N MET B 437 9.44 10.59 47.51
CA MET B 437 8.26 9.73 47.41
C MET B 437 7.01 10.54 47.08
N ARG B 438 7.16 11.70 46.44
CA ARG B 438 6.06 12.56 46.04
C ARG B 438 5.70 12.34 44.57
N PRO B 439 4.50 12.73 44.15
CA PRO B 439 4.16 12.64 42.72
C PRO B 439 5.03 13.59 41.90
N ARG B 440 5.17 13.28 40.59
CA ARG B 440 5.85 14.18 39.68
C ARG B 440 5.34 14.01 38.27
N SER B 441 5.79 14.93 37.40
CA SER B 441 5.46 14.91 35.98
C SER B 441 6.29 13.88 35.21
N ALA B 442 5.88 13.64 33.96
CA ALA B 442 6.67 12.83 33.05
C ALA B 442 8.02 13.44 32.82
N GLU B 443 8.07 14.78 32.60
CA GLU B 443 9.32 15.50 32.43
C GLU B 443 10.33 15.22 33.53
N LYS B 444 9.87 15.27 34.79
CA LYS B 444 10.72 14.96 35.94
C LYS B 444 11.12 13.48 35.97
N LEU B 445 10.24 12.60 35.52
CA LEU B 445 10.53 11.16 35.48
C LEU B 445 11.58 10.84 34.43
N TRP B 446 11.48 11.53 33.27
CA TRP B 446 12.49 11.50 32.23
C TRP B 446 13.86 11.87 32.78
N LYS B 447 13.91 12.99 33.53
CA LYS B 447 15.14 13.46 34.16
C LYS B 447 15.73 12.40 35.03
N LEU B 448 14.89 11.79 35.85
CA LEU B 448 15.35 10.81 36.79
C LEU B 448 15.80 9.52 36.07
N GLN B 449 15.12 9.16 34.99
CA GLN B 449 15.53 7.98 34.26
C GLN B 449 16.88 8.18 33.59
N HIS B 450 17.17 9.42 33.18
CA HIS B 450 18.51 9.76 32.67
C HIS B 450 19.55 9.73 33.78
N GLU B 451 19.22 10.29 34.94
CA GLU B 451 20.11 10.27 36.09
C GLU B 451 20.53 8.86 36.44
N ILE B 452 19.57 7.91 36.34
CA ILE B 452 19.82 6.48 36.56
C ILE B 452 20.73 5.91 35.48
N GLU B 453 20.50 6.29 34.21
CA GLU B 453 21.35 5.86 33.11
C GLU B 453 22.79 6.26 33.37
N MET B 454 23.01 7.53 33.71
CA MET B 454 24.39 8.00 33.92
C MET B 454 24.97 7.55 35.25
N TYR B 455 24.18 7.38 36.31
CA TYR B 455 24.80 6.85 37.51
C TYR B 455 25.20 5.37 37.35
N ARG B 456 24.53 4.66 36.46
CA ARG B 456 24.99 3.33 36.05
C ARG B 456 26.31 3.42 35.34
N GLN B 457 26.41 4.34 34.36
CA GLN B 457 27.67 4.58 33.64
C GLN B 457 28.76 5.08 34.57
N SER B 458 28.38 5.81 35.63
CA SER B 458 29.43 6.29 36.53
C SER B 458 30.07 5.14 37.35
N VAL B 459 29.27 4.22 37.89
CA VAL B 459 29.85 3.08 38.61
C VAL B 459 30.61 2.15 37.69
N ILE B 460 30.14 1.99 36.45
CA ILE B 460 30.85 1.14 35.49
C ILE B 460 32.23 1.74 35.21
N ALA B 461 32.30 3.08 35.12
CA ALA B 461 33.58 3.77 34.94
C ALA B 461 34.54 3.53 36.10
N GLN B 462 34.07 3.75 37.35
CA GLN B 462 34.79 3.40 38.58
C GLN B 462 35.37 2.02 38.48
N TRP B 463 34.46 1.04 38.22
CA TRP B 463 34.75 -0.37 38.14
C TRP B 463 35.87 -0.64 37.18
N LYS B 464 35.77 -0.11 35.96
CA LYS B 464 36.79 -0.48 35.00
C LYS B 464 38.06 0.38 35.09
N ALA B 465 38.02 1.55 35.77
CA ALA B 465 39.27 2.24 36.15
C ALA B 465 40.10 1.42 37.14
N MET B 466 39.45 0.63 38.00
CA MET B 466 40.07 -0.30 38.93
C MET B 466 40.32 -1.67 38.32
N ASN B 467 39.77 -1.92 37.12
CA ASN B 467 39.97 -3.16 36.38
C ASN B 467 39.38 -4.36 37.12
N LEU B 468 38.26 -4.16 37.84
CA LEU B 468 37.66 -5.24 38.62
C LEU B 468 37.04 -6.30 37.71
N ASP B 469 37.09 -7.55 38.16
CA ASP B 469 36.34 -8.65 37.54
C ASP B 469 35.00 -8.80 38.25
N VAL B 470 35.01 -8.76 39.58
CA VAL B 470 33.81 -8.89 40.41
C VAL B 470 33.97 -8.04 41.68
N LEU B 471 32.88 -7.87 42.43
CA LEU B 471 32.85 -7.03 43.62
C LEU B 471 32.27 -7.83 44.79
N LEU B 472 32.99 -7.85 45.92
CA LEU B 472 32.50 -8.54 47.09
C LEU B 472 32.03 -7.53 48.11
N THR B 473 30.95 -7.89 48.79
CA THR B 473 30.11 -6.94 49.47
C THR B 473 29.48 -7.58 50.70
N PRO B 474 29.23 -6.82 51.78
CA PRO B 474 28.54 -7.40 52.92
C PRO B 474 27.09 -7.58 52.55
N MET B 475 26.50 -8.72 52.95
CA MET B 475 25.07 -8.95 52.86
C MET B 475 24.48 -8.77 54.25
N LEU B 476 23.29 -8.19 54.33
CA LEU B 476 22.63 -7.98 55.61
C LEU B 476 22.47 -9.28 56.40
N GLY B 477 22.65 -9.18 57.71
CA GLY B 477 22.55 -10.32 58.60
C GLY B 477 22.93 -9.97 60.02
N PRO B 478 22.48 -10.77 61.02
CA PRO B 478 21.59 -11.93 60.90
C PRO B 478 20.14 -11.51 60.71
N ALA B 479 19.25 -12.50 60.61
CA ALA B 479 17.81 -12.26 60.47
C ALA B 479 17.30 -11.31 61.54
N LEU B 480 16.35 -10.45 61.16
CA LEU B 480 15.72 -9.50 62.06
C LEU B 480 14.55 -10.16 62.76
N ASP B 481 14.14 -9.58 63.89
CA ASP B 481 12.87 -9.96 64.54
C ASP B 481 11.68 -9.71 63.61
N LEU B 482 10.58 -10.43 63.85
CA LEU B 482 9.41 -10.22 63.03
C LEU B 482 8.74 -8.88 63.32
N ASN B 483 8.08 -8.36 62.29
CA ASN B 483 7.47 -7.02 62.26
C ASN B 483 8.45 -5.86 62.54
N THR B 484 9.77 -6.07 62.33
CA THR B 484 10.75 -4.97 62.37
C THR B 484 11.32 -4.51 61.03
N PRO B 485 11.47 -5.38 59.99
CA PRO B 485 11.92 -4.91 58.66
C PRO B 485 11.18 -3.70 58.13
N GLY B 486 9.86 -3.69 58.28
CA GLY B 486 9.01 -2.57 57.84
C GLY B 486 9.30 -1.24 58.49
N ARG B 487 9.87 -1.23 59.70
CA ARG B 487 10.32 -0.01 60.36
C ARG B 487 11.85 0.09 60.43
N ALA B 488 12.55 -0.45 59.41
CA ALA B 488 14.01 -0.44 59.29
C ALA B 488 14.48 -0.48 57.83
N THR B 489 14.01 0.53 57.07
CA THR B 489 14.19 0.59 55.61
C THR B 489 15.64 0.75 55.20
N GLY B 490 16.42 1.55 55.93
CA GLY B 490 17.81 1.84 55.59
C GLY B 490 18.69 0.65 55.30
N ALA B 491 18.34 -0.52 55.89
CA ALA B 491 19.08 -1.79 55.71
C ALA B 491 19.04 -2.36 54.29
N VAL B 492 18.10 -1.89 53.46
CA VAL B 492 18.10 -2.24 52.03
C VAL B 492 19.36 -1.77 51.29
N SER B 493 20.11 -0.84 51.89
CA SER B 493 21.24 -0.20 51.25
C SER B 493 22.21 -1.15 50.57
N TYR B 494 22.50 -2.32 51.15
CA TYR B 494 23.47 -3.25 50.55
C TYR B 494 22.94 -3.93 49.30
N THR B 495 21.65 -4.23 49.26
CA THR B 495 21.00 -4.95 48.16
C THR B 495 20.40 -4.00 47.13
N MET B 496 19.55 -3.09 47.58
CA MET B 496 18.83 -2.10 46.75
C MET B 496 19.71 -1.38 45.75
N LEU B 497 20.96 -1.13 46.11
CA LEU B 497 21.94 -0.47 45.24
C LEU B 497 22.13 -1.15 43.91
N TYR B 498 22.06 -2.48 43.87
CA TYR B 498 22.30 -3.25 42.64
C TYR B 498 21.01 -3.58 41.87
N ASN B 499 19.86 -3.24 42.43
CA ASN B 499 18.65 -3.09 41.66
C ASN B 499 18.73 -1.84 40.83
N CYS B 500 19.15 -0.71 41.48
CA CYS B 500 19.38 0.57 40.84
C CYS B 500 20.39 0.50 39.70
N LEU B 501 21.53 -0.13 39.91
CA LEU B 501 22.54 -0.32 38.87
C LEU B 501 22.19 -1.41 37.89
N ASP B 502 21.27 -2.30 38.27
CA ASP B 502 20.91 -3.46 37.47
C ASP B 502 22.15 -4.29 37.14
N PHE B 503 22.85 -4.68 38.19
CA PHE B 503 24.00 -5.55 38.13
C PHE B 503 23.56 -6.92 38.61
N PRO B 504 24.09 -7.99 38.07
CA PRO B 504 23.82 -9.31 38.67
C PRO B 504 24.43 -9.37 40.05
N ALA B 505 23.62 -9.80 41.03
CA ALA B 505 24.04 -9.86 42.43
C ALA B 505 23.46 -11.09 43.10
N GLY B 506 24.30 -11.82 43.83
CA GLY B 506 23.89 -13.04 44.49
C GLY B 506 24.61 -13.24 45.80
N VAL B 507 24.07 -14.11 46.66
CA VAL B 507 24.56 -14.33 48.03
C VAL B 507 24.98 -15.76 48.29
N VAL B 508 26.03 -15.93 49.11
CA VAL B 508 26.47 -17.23 49.59
C VAL B 508 26.51 -17.19 51.10
N PRO B 509 25.91 -18.16 51.81
CA PRO B 509 26.11 -18.23 53.27
C PRO B 509 27.50 -18.71 53.57
N VAL B 510 28.24 -17.95 54.42
CA VAL B 510 29.65 -18.21 54.72
C VAL B 510 29.95 -18.57 56.19
N THR B 511 29.09 -18.16 57.11
CA THR B 511 29.34 -18.37 58.53
C THR B 511 28.02 -18.36 59.32
N THR B 512 28.13 -18.61 60.63
CA THR B 512 27.02 -18.50 61.58
C THR B 512 27.42 -17.59 62.73
N VAL B 513 26.41 -16.90 63.31
CA VAL B 513 26.63 -15.95 64.42
C VAL B 513 27.16 -16.67 65.66
N THR B 514 28.22 -16.13 66.27
CA THR B 514 28.76 -16.64 67.53
C THR B 514 28.19 -15.87 68.72
N ALA B 515 28.41 -16.42 69.93
CA ALA B 515 28.00 -15.73 71.17
C ALA B 515 28.75 -14.42 71.37
N GLU B 516 30.01 -14.39 70.90
CA GLU B 516 30.84 -13.18 70.83
C GLU B 516 30.25 -12.10 69.94
N ASP B 517 29.83 -12.48 68.72
CA ASP B 517 29.22 -11.56 67.74
C ASP B 517 27.97 -10.90 68.29
N ASP B 518 27.03 -11.71 68.79
CA ASP B 518 25.78 -11.21 69.33
C ASP B 518 25.99 -10.36 70.59
N ALA B 519 27.06 -10.65 71.35
CA ALA B 519 27.41 -9.84 72.51
C ALA B 519 27.90 -8.47 72.12
N GLN B 520 28.74 -8.40 71.07
CA GLN B 520 29.22 -7.14 70.49
C GLN B 520 28.10 -6.26 69.93
N MET B 521 26.93 -6.84 69.69
CA MET B 521 25.74 -6.10 69.24
C MET B 521 25.27 -5.06 70.26
N GLU B 522 25.49 -5.28 71.55
CA GLU B 522 25.06 -4.26 72.52
C GLU B 522 25.89 -2.95 72.44
N LEU B 523 27.07 -3.01 71.79
CA LEU B 523 28.03 -1.97 71.39
C LEU B 523 27.63 -1.20 70.10
N TYR B 524 26.61 -1.68 69.39
CA TYR B 524 26.28 -1.21 68.04
C TYR B 524 25.74 0.21 68.06
N LYS B 525 26.32 1.11 67.26
CA LYS B 525 25.76 2.46 67.33
C LYS B 525 25.03 2.84 66.00
N GLY B 526 25.60 2.75 64.81
CA GLY B 526 24.88 3.17 63.58
C GLY B 526 25.26 4.60 63.20
N TYR B 527 25.22 4.90 61.87
CA TYR B 527 25.76 6.14 61.34
C TYR B 527 24.86 7.35 61.51
N PHE B 528 23.56 7.14 61.52
CA PHE B 528 22.59 8.23 61.53
C PHE B 528 21.92 8.46 62.88
N GLY B 529 21.82 7.43 63.73
CA GLY B 529 21.11 7.52 65.00
C GLY B 529 19.62 7.83 64.91
N ASP B 530 18.99 7.53 63.78
CA ASP B 530 17.56 7.75 63.58
C ASP B 530 16.80 6.44 63.83
N ILE B 531 15.46 6.53 63.86
CA ILE B 531 14.54 5.42 64.20
C ILE B 531 14.91 4.06 63.63
N TRP B 532 15.45 4.04 62.40
CA TRP B 532 15.82 2.82 61.70
C TRP B 532 17.05 2.18 62.31
N ASP B 533 18.06 2.97 62.67
CA ASP B 533 19.25 2.44 63.35
C ASP B 533 18.90 1.79 64.67
N ILE B 534 18.02 2.45 65.43
CA ILE B 534 17.58 2.00 66.75
C ILE B 534 16.82 0.69 66.63
N ILE B 535 15.90 0.61 65.65
CA ILE B 535 15.10 -0.60 65.43
C ILE B 535 15.98 -1.74 64.92
N LEU B 536 16.87 -1.48 63.97
CA LEU B 536 17.70 -2.58 63.49
C LEU B 536 18.76 -2.99 64.54
N LYS B 537 19.25 -2.06 65.38
CA LYS B 537 20.09 -2.44 66.53
C LYS B 537 19.41 -3.53 67.38
N LYS B 538 18.17 -3.25 67.80
CA LYS B 538 17.34 -4.15 68.63
C LYS B 538 17.04 -5.45 67.93
N ALA B 539 16.66 -5.36 66.65
CA ALA B 539 16.17 -6.49 65.86
C ALA B 539 17.23 -7.54 65.55
N MET B 540 18.52 -7.20 65.51
CA MET B 540 19.61 -8.15 65.24
C MET B 540 20.18 -8.82 66.49
N LYS B 541 19.70 -8.43 67.68
CA LYS B 541 20.06 -9.12 68.93
C LYS B 541 19.33 -10.44 69.01
N ASN B 542 19.76 -11.33 69.92
CA ASN B 542 19.03 -12.59 70.10
C ASN B 542 19.28 -13.58 68.93
N SER B 543 20.44 -13.51 68.27
CA SER B 543 20.60 -14.13 66.96
C SER B 543 21.76 -15.13 66.95
N VAL B 544 21.98 -15.82 68.08
CA VAL B 544 23.16 -16.67 68.22
C VAL B 544 22.96 -17.90 67.36
N GLY B 545 23.99 -18.24 66.58
CA GLY B 545 23.99 -19.45 65.73
C GLY B 545 23.30 -19.33 64.38
N LEU B 546 22.67 -18.19 64.08
CA LEU B 546 22.00 -17.98 62.80
C LEU B 546 23.02 -17.79 61.68
N PRO B 547 22.65 -18.13 60.44
CA PRO B 547 23.60 -18.03 59.32
C PRO B 547 23.73 -16.62 58.84
N VAL B 548 24.88 -16.33 58.23
CA VAL B 548 25.22 -14.98 57.78
C VAL B 548 25.91 -15.12 56.43
N ALA B 549 25.71 -14.11 55.58
CA ALA B 549 26.06 -14.16 54.17
C ALA B 549 26.96 -13.01 53.75
N VAL B 550 27.56 -13.18 52.56
CA VAL B 550 28.21 -12.11 51.81
C VAL B 550 27.52 -12.02 50.43
N GLN B 551 27.70 -10.88 49.75
CA GLN B 551 27.10 -10.60 48.44
C GLN B 551 28.17 -10.57 47.35
N CYS B 552 27.98 -11.36 46.28
CA CYS B 552 28.86 -11.36 45.11
C CYS B 552 28.22 -10.59 43.96
N VAL B 553 28.97 -9.69 43.30
CA VAL B 553 28.47 -8.83 42.24
C VAL B 553 29.38 -8.91 41.00
N ALA B 554 28.76 -8.83 39.81
CA ALA B 554 29.44 -8.72 38.53
C ALA B 554 28.79 -7.63 37.68
N LEU B 555 29.37 -7.37 36.49
CA LEU B 555 28.81 -6.39 35.53
C LEU B 555 27.60 -6.95 34.78
N PRO B 556 26.75 -6.07 34.21
CA PRO B 556 25.51 -6.55 33.55
C PRO B 556 25.75 -7.62 32.50
N TRP B 557 24.86 -8.62 32.48
CA TRP B 557 24.95 -9.77 31.56
C TRP B 557 26.07 -10.75 31.89
N GLN B 558 26.77 -10.58 33.03
CA GLN B 558 27.85 -11.48 33.47
C GLN B 558 27.40 -12.34 34.66
N GLU B 559 26.20 -12.95 34.52
CA GLU B 559 25.64 -13.83 35.54
C GLU B 559 26.55 -15.03 35.75
N GLU B 560 27.00 -15.60 34.62
CA GLU B 560 27.99 -16.69 34.58
C GLU B 560 29.25 -16.39 35.38
N LEU B 561 29.72 -15.14 35.37
CA LEU B 561 30.88 -14.73 36.15
C LEU B 561 30.53 -14.56 37.62
N CYS B 562 29.41 -13.86 37.88
CA CYS B 562 28.88 -13.70 39.22
C CYS B 562 28.70 -15.03 39.93
N LEU B 563 28.15 -16.03 39.22
CA LEU B 563 27.99 -17.39 39.73
C LEU B 563 29.32 -18.09 40.00
N ARG B 564 30.28 -17.90 39.09
CA ARG B 564 31.65 -18.38 39.24
C ARG B 564 32.23 -17.93 40.55
N PHE B 565 32.10 -16.62 40.81
CA PHE B 565 32.62 -16.01 42.01
C PHE B 565 31.98 -16.58 43.27
N MET B 566 30.64 -16.77 43.25
CA MET B 566 29.91 -17.39 44.35
C MET B 566 30.38 -18.81 44.64
N ARG B 567 30.60 -19.60 43.58
CA ARG B 567 31.17 -20.94 43.70
C ARG B 567 32.50 -20.93 44.45
N GLU B 568 33.34 -19.92 44.19
CA GLU B 568 34.62 -19.80 44.89
C GLU B 568 34.41 -19.50 46.36
N VAL B 569 33.62 -18.45 46.65
CA VAL B 569 33.26 -18.07 48.01
C VAL B 569 32.74 -19.27 48.76
N GLU B 570 31.72 -19.95 48.20
CA GLU B 570 31.09 -21.12 48.83
C GLU B 570 32.09 -22.21 49.14
N GLN B 571 33.03 -22.46 48.24
CA GLN B 571 34.01 -23.54 48.41
C GLN B 571 35.02 -23.22 49.51
N LEU B 572 35.45 -21.95 49.60
CA LEU B 572 36.41 -21.54 50.62
C LEU B 572 35.78 -21.34 52.00
N MET B 573 34.45 -21.14 52.08
CA MET B 573 33.76 -20.92 53.35
C MET B 573 32.89 -22.10 53.83
N THR B 574 33.08 -23.30 53.25
CA THR B 574 32.47 -24.55 53.76
C THR B 574 33.09 -24.90 55.13
N PRO B 575 32.38 -25.73 55.97
CA PRO B 575 32.68 -25.95 57.40
C PRO B 575 34.08 -25.54 57.94
N GLY C 34 2.08 -27.77 -5.36
CA GLY C 34 1.96 -27.20 -4.00
C GLY C 34 0.83 -26.18 -3.91
N ARG C 35 -0.21 -26.49 -3.14
CA ARG C 35 -1.32 -25.54 -3.04
C ARG C 35 -1.62 -25.15 -1.61
N GLN C 36 -0.53 -24.86 -0.87
CA GLN C 36 -0.68 -24.25 0.43
C GLN C 36 -1.21 -22.81 0.31
N LYS C 37 -0.77 -22.08 -0.72
CA LYS C 37 -1.30 -20.70 -0.91
C LYS C 37 -2.79 -20.73 -1.28
N ALA C 38 -3.23 -21.72 -2.07
CA ALA C 38 -4.66 -21.81 -2.44
C ALA C 38 -5.55 -22.19 -1.27
N ARG C 39 -5.19 -23.29 -0.57
CA ARG C 39 -5.94 -23.75 0.61
C ARG C 39 -6.15 -22.66 1.63
N GLY C 40 -5.06 -21.93 1.96
CA GLY C 40 -5.11 -20.83 2.91
C GLY C 40 -6.15 -19.81 2.54
N ALA C 41 -6.13 -19.38 1.27
CA ALA C 41 -7.13 -18.45 0.72
C ALA C 41 -8.54 -19.00 0.84
N ALA C 42 -8.71 -20.28 0.52
CA ALA C 42 -10.02 -20.92 0.66
C ALA C 42 -10.53 -20.81 2.08
N THR C 43 -9.70 -21.25 3.05
CA THR C 43 -10.04 -21.19 4.48
C THR C 43 -10.47 -19.79 4.90
N ARG C 44 -9.63 -18.76 4.62
CA ARG C 44 -9.97 -17.39 4.96
C ARG C 44 -11.26 -16.95 4.31
N ALA C 45 -11.43 -17.29 3.02
CA ALA C 45 -12.64 -16.97 2.26
C ALA C 45 -13.90 -17.56 2.89
N ARG C 46 -13.84 -18.84 3.29
CA ARG C 46 -14.99 -19.54 3.86
C ARG C 46 -15.45 -18.97 5.19
N GLN C 47 -14.48 -18.60 6.08
CA GLN C 47 -14.81 -17.99 7.39
C GLN C 47 -15.41 -16.61 7.23
N LYS C 48 -14.88 -15.82 6.27
CA LYS C 48 -15.43 -14.51 5.91
C LYS C 48 -16.87 -14.60 5.51
N GLN C 49 -17.20 -15.64 4.71
CA GLN C 49 -18.56 -15.94 4.27
C GLN C 49 -19.42 -16.36 5.44
N ARG C 50 -18.98 -17.37 6.18
CA ARG C 50 -19.71 -17.86 7.36
C ARG C 50 -19.98 -16.74 8.36
N ALA C 51 -18.96 -15.89 8.61
CA ALA C 51 -19.12 -14.76 9.51
C ALA C 51 -20.04 -13.68 8.95
N SER C 52 -20.08 -13.51 7.61
CA SER C 52 -21.03 -12.58 6.98
C SER C 52 -22.47 -13.01 7.22
N LEU C 53 -22.74 -14.31 7.03
CA LEU C 53 -24.09 -14.88 7.13
C LEU C 53 -24.58 -14.95 8.55
N GLU C 54 -23.68 -15.22 9.50
CA GLU C 54 -24.03 -15.19 10.92
C GLU C 54 -24.43 -13.77 11.38
N THR C 55 -23.74 -12.73 10.86
CA THR C 55 -24.07 -11.33 11.15
C THR C 55 -25.43 -10.94 10.59
N MET C 56 -25.68 -11.35 9.32
CA MET C 56 -27.00 -11.21 8.71
C MET C 56 -28.07 -11.87 9.56
N ASP C 57 -27.82 -13.10 10.00
CA ASP C 57 -28.78 -13.84 10.84
C ASP C 57 -29.07 -13.07 12.10
N LYS C 58 -28.04 -12.68 12.87
CA LYS C 58 -28.29 -12.01 14.14
C LYS C 58 -29.01 -10.65 13.94
N ALA C 59 -28.68 -9.91 12.88
CA ALA C 59 -29.38 -8.62 12.64
C ALA C 59 -30.85 -8.81 12.30
N VAL C 60 -31.15 -9.86 11.53
CA VAL C 60 -32.53 -10.18 11.12
C VAL C 60 -33.37 -10.60 12.31
N GLN C 61 -32.80 -11.44 13.21
CA GLN C 61 -33.49 -11.85 14.44
C GLN C 61 -33.84 -10.62 15.26
N ARG C 62 -32.83 -9.79 15.57
CA ARG C 62 -33.03 -8.55 16.30
C ARG C 62 -34.13 -7.67 15.68
N PHE C 63 -34.24 -7.65 14.34
CA PHE C 63 -35.31 -6.89 13.68
C PHE C 63 -36.68 -7.54 13.87
N ARG C 64 -36.78 -8.85 13.66
CA ARG C 64 -38.06 -9.57 13.71
C ARG C 64 -38.63 -9.66 15.13
N LEU C 65 -37.76 -9.66 16.15
CA LEU C 65 -38.20 -9.58 17.54
C LEU C 65 -38.74 -8.20 17.89
N GLN C 66 -38.22 -7.14 17.26
CA GLN C 66 -38.74 -5.77 17.42
C GLN C 66 -39.96 -5.51 16.54
N ASN C 67 -40.03 -6.17 15.37
CA ASN C 67 -41.02 -5.90 14.32
C ASN C 67 -41.80 -7.19 13.98
N PRO C 68 -42.61 -7.71 14.91
CA PRO C 68 -43.25 -9.03 14.70
C PRO C 68 -44.61 -9.01 14.01
N ASP C 69 -45.23 -7.84 13.84
CA ASP C 69 -46.53 -7.70 13.16
C ASP C 69 -46.39 -7.33 11.68
N LEU C 70 -45.17 -7.13 11.19
CA LEU C 70 -44.97 -6.85 9.77
C LEU C 70 -45.29 -8.07 8.95
N ASP C 71 -45.88 -7.83 7.76
CA ASP C 71 -46.18 -8.88 6.79
C ASP C 71 -44.95 -9.09 5.91
N SER C 72 -44.13 -10.10 6.26
CA SER C 72 -42.91 -10.44 5.53
C SER C 72 -43.24 -10.79 4.11
N GLU C 73 -44.09 -11.79 3.90
CA GLU C 73 -44.25 -12.27 2.52
C GLU C 73 -45.03 -11.28 1.60
N ALA C 74 -45.82 -10.36 2.14
CA ALA C 74 -46.44 -9.31 1.28
C ALA C 74 -45.43 -8.31 0.79
N LEU C 75 -44.54 -7.86 1.69
CA LEU C 75 -43.49 -6.89 1.34
C LEU C 75 -42.54 -7.44 0.27
N LEU C 76 -42.09 -8.69 0.43
CA LEU C 76 -41.14 -9.33 -0.50
C LEU C 76 -41.71 -9.48 -1.90
N THR C 77 -43.00 -9.80 -1.99
CA THR C 77 -43.71 -10.04 -3.24
C THR C 77 -44.38 -8.78 -3.81
N LEU C 78 -44.11 -7.60 -3.24
CA LEU C 78 -44.37 -6.34 -3.95
C LEU C 78 -43.42 -6.22 -5.13
N PRO C 79 -43.89 -5.82 -6.32
CA PRO C 79 -42.97 -5.58 -7.44
C PRO C 79 -42.26 -4.24 -7.27
N LEU C 80 -41.04 -4.14 -7.82
CA LEU C 80 -40.10 -3.06 -7.44
C LEU C 80 -40.68 -1.65 -7.54
N LEU C 81 -41.54 -1.37 -8.54
CA LEU C 81 -42.06 -0.02 -8.75
C LEU C 81 -42.97 0.42 -7.60
N GLN C 82 -43.88 -0.45 -7.16
CA GLN C 82 -44.77 -0.17 -6.03
C GLN C 82 -44.01 -0.08 -4.70
N LEU C 83 -42.95 -0.88 -4.55
CA LEU C 83 -42.06 -0.79 -3.39
C LEU C 83 -41.50 0.60 -3.22
N VAL C 84 -40.91 1.16 -4.29
CA VAL C 84 -40.31 2.50 -4.16
C VAL C 84 -41.39 3.57 -3.90
N GLN C 85 -42.59 3.43 -4.47
CA GLN C 85 -43.66 4.40 -4.17
C GLN C 85 -44.04 4.38 -2.68
N LYS C 86 -43.91 3.21 -2.02
CA LYS C 86 -44.14 3.09 -0.57
C LYS C 86 -42.92 3.49 0.27
N LEU C 87 -41.70 3.25 -0.24
CA LEU C 87 -40.48 3.76 0.40
C LEU C 87 -40.41 5.29 0.34
N GLN C 88 -40.84 5.88 -0.80
CA GLN C 88 -40.78 7.32 -1.01
C GLN C 88 -41.86 8.07 -0.23
N SER C 89 -43.08 7.51 -0.18
CA SER C 89 -44.16 8.03 0.66
C SER C 89 -43.91 7.77 2.14
N GLY C 90 -43.01 6.83 2.47
CA GLY C 90 -42.70 6.46 3.84
C GLY C 90 -43.75 5.60 4.50
N GLU C 91 -44.64 4.97 3.73
CA GLU C 91 -45.62 4.10 4.33
C GLU C 91 -44.93 2.80 4.77
N LEU C 92 -44.09 2.23 3.90
CA LEU C 92 -43.04 1.26 4.25
C LEU C 92 -41.75 2.05 4.52
N SER C 93 -40.98 1.68 5.55
CA SER C 93 -39.72 2.36 5.86
C SER C 93 -38.53 1.66 5.21
N PRO C 94 -37.36 2.32 5.14
CA PRO C 94 -36.15 1.62 4.65
C PRO C 94 -35.67 0.49 5.54
N GLU C 95 -35.83 0.64 6.87
CA GLU C 95 -35.42 -0.40 7.83
C GLU C 95 -36.23 -1.66 7.61
N ALA C 96 -37.55 -1.50 7.40
CA ALA C 96 -38.43 -2.64 7.11
C ALA C 96 -37.95 -3.41 5.91
N VAL C 97 -37.83 -2.70 4.77
CA VAL C 97 -37.52 -3.33 3.48
C VAL C 97 -36.16 -4.03 3.52
N PHE C 98 -35.15 -3.36 4.08
CA PHE C 98 -33.80 -3.91 4.14
C PHE C 98 -33.77 -5.22 4.91
N PHE C 99 -34.23 -5.20 6.16
CA PHE C 99 -34.11 -6.37 7.04
C PHE C 99 -35.00 -7.53 6.62
N THR C 100 -36.15 -7.24 5.99
CA THR C 100 -36.99 -8.27 5.39
C THR C 100 -36.25 -8.99 4.28
N TYR C 101 -35.72 -8.24 3.30
CA TYR C 101 -34.93 -8.82 2.20
C TYR C 101 -33.66 -9.47 2.70
N LEU C 102 -33.01 -8.88 3.70
CA LEU C 102 -31.83 -9.48 4.30
C LEU C 102 -32.17 -10.84 4.86
N GLY C 103 -33.28 -10.91 5.61
CA GLY C 103 -33.81 -12.17 6.13
C GLY C 103 -34.13 -13.19 5.07
N LYS C 104 -34.68 -12.74 3.94
CA LYS C 104 -35.03 -13.71 2.91
C LYS C 104 -33.80 -14.15 2.11
N ALA C 105 -32.84 -13.24 1.87
CA ALA C 105 -31.57 -13.61 1.21
C ALA C 105 -30.85 -14.71 1.97
N TRP C 106 -30.73 -14.55 3.29
CA TRP C 106 -30.12 -15.55 4.16
C TRP C 106 -30.79 -16.92 4.00
N GLU C 107 -32.13 -16.93 3.99
CA GLU C 107 -32.91 -18.17 3.86
C GLU C 107 -32.60 -18.89 2.55
N VAL C 108 -32.81 -18.19 1.41
CA VAL C 108 -32.55 -18.68 0.05
C VAL C 108 -31.13 -19.16 -0.16
N ASN C 109 -30.17 -18.49 0.47
CA ASN C 109 -28.77 -18.87 0.40
C ASN C 109 -28.50 -20.26 0.96
N LYS C 110 -29.30 -20.75 1.89
CA LYS C 110 -28.91 -22.04 2.45
C LYS C 110 -29.19 -23.18 1.45
N GLY C 111 -30.16 -23.03 0.55
CA GLY C 111 -30.33 -23.99 -0.55
C GLY C 111 -29.52 -23.72 -1.81
N THR C 112 -29.05 -22.49 -1.98
CA THR C 112 -28.47 -22.03 -3.25
C THR C 112 -26.97 -21.72 -3.21
N ASN C 113 -26.46 -21.15 -2.10
CA ASN C 113 -25.05 -20.74 -1.97
C ASN C 113 -24.65 -19.61 -2.94
N CYS C 114 -25.45 -18.54 -3.00
CA CYS C 114 -25.19 -17.41 -3.88
C CYS C 114 -24.41 -16.28 -3.17
N VAL C 115 -24.75 -16.00 -1.90
CA VAL C 115 -24.14 -14.92 -1.12
C VAL C 115 -22.72 -15.28 -0.68
N THR C 116 -21.73 -14.43 -0.99
CA THR C 116 -20.35 -14.57 -0.54
C THR C 116 -19.98 -13.59 0.58
N SER C 117 -20.50 -12.37 0.52
CA SER C 117 -20.25 -11.40 1.55
C SER C 117 -21.47 -10.54 1.84
N TYR C 118 -21.54 -10.07 3.08
CA TYR C 118 -22.54 -9.12 3.53
C TYR C 118 -21.83 -7.77 3.55
N LEU C 119 -22.22 -6.87 2.65
CA LEU C 119 -21.55 -5.58 2.50
C LEU C 119 -21.73 -4.74 3.76
N THR C 120 -20.63 -4.20 4.27
CA THR C 120 -20.50 -3.84 5.69
C THR C 120 -21.19 -2.51 6.06
N ASP C 121 -20.95 -1.48 5.28
CA ASP C 121 -21.47 -0.10 5.29
C ASP C 121 -23.00 0.02 5.24
N CYS C 122 -23.68 -1.03 4.79
CA CYS C 122 -25.05 -0.86 4.27
C CYS C 122 -26.10 -0.52 5.33
N GLU C 123 -25.87 -0.87 6.60
CA GLU C 123 -26.75 -0.41 7.69
C GLU C 123 -26.53 1.07 8.02
N THR C 124 -25.31 1.58 7.81
CA THR C 124 -25.02 3.02 7.82
C THR C 124 -25.70 3.68 6.65
N GLN C 125 -25.43 3.14 5.45
CA GLN C 125 -25.96 3.60 4.16
C GLN C 125 -27.47 3.76 4.16
N LEU C 126 -28.16 2.82 4.83
CA LEU C 126 -29.63 2.73 4.89
C LEU C 126 -30.26 3.99 5.47
N SER C 127 -29.83 4.38 6.68
CA SER C 127 -30.38 5.60 7.28
C SER C 127 -29.72 6.88 6.76
N GLN C 128 -28.60 6.78 6.02
CA GLN C 128 -27.91 7.89 5.37
C GLN C 128 -28.37 8.15 3.93
N ALA C 129 -29.31 7.36 3.40
CA ALA C 129 -29.63 7.38 1.97
C ALA C 129 -30.40 8.63 1.56
N PRO C 130 -30.07 9.23 0.36
CA PRO C 130 -30.82 10.41 -0.14
C PRO C 130 -32.31 10.16 -0.37
N ARG C 131 -33.14 10.83 0.45
CA ARG C 131 -34.60 10.70 0.42
C ARG C 131 -35.22 11.02 -0.93
N GLN C 132 -34.65 11.96 -1.68
CA GLN C 132 -35.31 12.14 -2.97
C GLN C 132 -34.67 11.30 -4.12
N GLY C 133 -33.72 10.44 -3.78
CA GLY C 133 -33.21 9.44 -4.74
C GLY C 133 -34.27 8.50 -5.29
N LEU C 134 -34.03 8.05 -6.55
CA LEU C 134 -34.99 7.20 -7.29
C LEU C 134 -35.07 5.77 -6.78
N LEU C 135 -34.02 5.28 -6.14
CA LEU C 135 -33.96 3.96 -5.57
C LEU C 135 -33.92 4.04 -4.05
N TYR C 136 -34.60 5.04 -3.50
CA TYR C 136 -34.50 5.30 -2.07
C TYR C 136 -34.89 4.05 -1.32
N GLY C 137 -33.93 3.50 -0.56
CA GLY C 137 -34.17 2.35 0.30
C GLY C 137 -34.29 1.01 -0.42
N VAL C 138 -33.96 0.94 -1.70
CA VAL C 138 -33.96 -0.32 -2.43
C VAL C 138 -32.73 -1.12 -2.04
N PRO C 139 -32.90 -2.33 -1.49
CA PRO C 139 -31.75 -3.22 -1.31
C PRO C 139 -31.35 -3.77 -2.66
N VAL C 140 -30.04 -3.77 -2.98
CA VAL C 140 -29.53 -4.18 -4.29
C VAL C 140 -28.39 -5.17 -4.10
N SER C 141 -28.50 -6.36 -4.66
CA SER C 141 -27.38 -7.31 -4.65
C SER C 141 -26.37 -6.96 -5.74
N LEU C 142 -25.08 -7.21 -5.48
CA LEU C 142 -24.01 -6.95 -6.42
C LEU C 142 -23.25 -8.21 -6.74
N LYS C 143 -22.97 -8.42 -8.02
CA LYS C 143 -22.04 -9.46 -8.49
C LYS C 143 -20.67 -9.16 -7.89
N GLU C 144 -19.88 -10.21 -7.62
CA GLU C 144 -18.62 -10.04 -6.88
C GLU C 144 -17.66 -9.07 -7.56
N CYS C 145 -17.57 -9.12 -8.89
CA CYS C 145 -16.66 -8.25 -9.64
C CYS C 145 -16.90 -6.74 -9.45
N PHE C 146 -18.09 -6.33 -9.02
CA PHE C 146 -18.33 -4.93 -8.67
C PHE C 146 -17.61 -4.58 -7.38
N SER C 147 -16.71 -3.59 -7.44
CA SER C 147 -15.89 -3.23 -6.28
C SER C 147 -16.75 -2.59 -5.20
N TYR C 148 -16.47 -2.98 -3.95
CA TYR C 148 -17.06 -2.36 -2.78
C TYR C 148 -15.99 -2.07 -1.72
N LYS C 149 -16.08 -0.89 -1.09
CA LYS C 149 -15.00 -0.47 -0.19
C LYS C 149 -14.87 -1.41 0.98
N GLY C 150 -13.65 -1.92 1.16
CA GLY C 150 -13.32 -2.85 2.23
C GLY C 150 -13.64 -4.30 1.96
N HIS C 151 -13.97 -4.66 0.72
CA HIS C 151 -14.35 -6.01 0.35
C HIS C 151 -13.54 -6.51 -0.83
N ASP C 152 -13.24 -7.80 -0.84
CA ASP C 152 -12.52 -8.32 -2.00
C ASP C 152 -13.45 -8.57 -3.17
N SER C 153 -12.83 -8.59 -4.35
CA SER C 153 -13.42 -9.12 -5.57
C SER C 153 -12.50 -10.25 -6.01
N THR C 154 -12.70 -11.42 -5.41
CA THR C 154 -11.79 -12.55 -5.63
C THR C 154 -11.93 -13.13 -7.02
N LEU C 155 -13.15 -13.15 -7.56
CA LEU C 155 -13.48 -13.84 -8.81
C LEU C 155 -13.19 -15.33 -8.72
N GLY C 156 -13.28 -15.89 -7.50
CA GLY C 156 -12.95 -17.28 -7.24
C GLY C 156 -11.49 -17.61 -7.26
N LEU C 157 -10.61 -16.59 -7.33
CA LEU C 157 -9.18 -16.80 -7.51
C LEU C 157 -8.42 -16.44 -6.22
N SER C 158 -7.46 -17.31 -5.86
CA SER C 158 -6.53 -17.19 -4.71
C SER C 158 -5.80 -15.88 -4.71
N LEU C 159 -5.25 -15.54 -5.87
CA LEU C 159 -4.58 -14.30 -6.23
C LEU C 159 -5.20 -13.05 -5.65
N ASN C 160 -6.54 -12.97 -5.61
CA ASN C 160 -7.26 -11.77 -5.20
C ASN C 160 -7.96 -11.88 -3.85
N GLU C 161 -7.60 -12.88 -3.03
CA GLU C 161 -8.09 -12.98 -1.65
C GLU C 161 -7.18 -12.17 -0.74
N GLY C 162 -7.79 -11.51 0.26
CA GLY C 162 -7.06 -10.73 1.25
C GLY C 162 -6.59 -9.39 0.72
N MET C 163 -7.33 -8.82 -0.23
CA MET C 163 -6.95 -7.61 -0.96
C MET C 163 -8.20 -6.79 -1.20
N PRO C 164 -8.78 -6.22 -0.14
CA PRO C 164 -10.04 -5.48 -0.27
C PRO C 164 -9.92 -4.26 -1.15
N SER C 165 -11.05 -3.86 -1.73
CA SER C 165 -11.03 -2.71 -2.61
C SER C 165 -11.04 -1.43 -1.81
N GLU C 166 -10.21 -0.46 -2.20
CA GLU C 166 -10.18 0.69 -1.31
C GLU C 166 -11.21 1.77 -1.72
N SER C 167 -12.01 1.53 -2.76
CA SER C 167 -13.23 2.33 -3.01
C SER C 167 -14.29 1.59 -3.84
N ASP C 168 -15.53 2.10 -3.78
CA ASP C 168 -16.61 1.62 -4.62
C ASP C 168 -16.37 1.93 -6.09
N CYS C 169 -16.72 0.99 -6.99
CA CYS C 169 -16.77 1.24 -8.43
C CYS C 169 -17.85 2.29 -8.76
N VAL C 170 -17.77 2.88 -9.97
CA VAL C 170 -18.58 4.06 -10.32
C VAL C 170 -20.07 3.77 -10.19
N VAL C 171 -20.57 2.67 -10.78
CA VAL C 171 -22.01 2.40 -10.74
C VAL C 171 -22.52 2.21 -9.33
N VAL C 172 -21.73 1.59 -8.45
CA VAL C 172 -22.24 1.46 -7.10
C VAL C 172 -22.22 2.83 -6.38
N GLN C 173 -21.27 3.71 -6.69
CA GLN C 173 -21.40 5.10 -6.20
C GLN C 173 -22.70 5.76 -6.64
N VAL C 174 -23.15 5.48 -7.87
CA VAL C 174 -24.35 6.12 -8.42
C VAL C 174 -25.61 5.55 -7.78
N LEU C 175 -25.67 4.21 -7.61
CA LEU C 175 -26.77 3.57 -6.88
C LEU C 175 -26.94 4.17 -5.50
N LYS C 176 -25.84 4.22 -4.72
CA LYS C 176 -25.82 4.85 -3.40
C LYS C 176 -26.28 6.28 -3.46
N LEU C 177 -25.80 7.03 -4.46
CA LEU C 177 -26.19 8.43 -4.68
C LEU C 177 -27.63 8.56 -5.15
N GLN C 178 -28.17 7.50 -5.72
CA GLN C 178 -29.57 7.42 -6.12
C GLN C 178 -30.49 6.83 -5.03
N GLY C 179 -29.95 6.53 -3.85
CA GLY C 179 -30.73 6.11 -2.69
C GLY C 179 -30.76 4.62 -2.43
N ALA C 180 -30.19 3.82 -3.33
CA ALA C 180 -30.14 2.39 -3.17
C ALA C 180 -29.15 1.97 -2.09
N VAL C 181 -29.33 0.74 -1.61
CA VAL C 181 -28.54 0.17 -0.52
C VAL C 181 -27.95 -1.15 -0.96
N PRO C 182 -26.73 -1.16 -1.50
CA PRO C 182 -26.06 -2.42 -1.82
C PRO C 182 -25.75 -3.17 -0.54
N PHE C 183 -26.10 -4.47 -0.53
CA PHE C 183 -25.98 -5.29 0.68
C PHE C 183 -25.35 -6.68 0.54
N VAL C 184 -25.21 -7.24 -0.66
CA VAL C 184 -24.49 -8.52 -0.81
C VAL C 184 -23.58 -8.57 -2.02
N HIS C 185 -22.50 -9.34 -1.91
CA HIS C 185 -21.71 -9.77 -3.05
C HIS C 185 -22.09 -11.20 -3.34
N THR C 186 -22.52 -11.47 -4.58
CA THR C 186 -22.97 -12.81 -4.99
C THR C 186 -21.91 -13.57 -5.80
N ASN C 187 -22.04 -14.90 -5.77
CA ASN C 187 -21.02 -15.82 -6.30
C ASN C 187 -20.90 -15.77 -7.82
N VAL C 188 -19.75 -16.21 -8.31
CA VAL C 188 -19.41 -16.27 -9.73
C VAL C 188 -18.61 -17.52 -9.98
N PRO C 189 -18.54 -18.02 -11.22
CA PRO C 189 -17.58 -19.08 -11.54
C PRO C 189 -16.15 -18.55 -11.48
N GLN C 190 -15.20 -19.43 -11.17
CA GLN C 190 -13.79 -19.06 -11.08
C GLN C 190 -13.33 -18.37 -12.34
N SER C 191 -12.90 -17.11 -12.23
CA SER C 191 -12.40 -16.26 -13.34
C SER C 191 -13.51 -15.61 -14.17
N MET C 192 -14.77 -15.90 -13.89
CA MET C 192 -15.92 -15.44 -14.69
C MET C 192 -15.98 -15.94 -16.17
N PHE C 193 -15.20 -16.96 -16.55
CA PHE C 193 -15.23 -17.49 -17.93
C PHE C 193 -16.01 -18.82 -18.06
N SER C 194 -17.24 -18.81 -17.53
CA SER C 194 -18.15 -19.93 -17.61
C SER C 194 -19.58 -19.44 -17.44
N TYR C 195 -20.54 -20.21 -17.97
CA TYR C 195 -21.95 -19.99 -17.65
C TYR C 195 -22.42 -21.03 -16.65
N ASP C 196 -21.50 -21.57 -15.87
CA ASP C 196 -21.78 -22.26 -14.61
C ASP C 196 -21.45 -21.27 -13.48
N CYS C 197 -21.42 -21.72 -12.23
CA CYS C 197 -21.19 -20.81 -11.11
C CYS C 197 -20.59 -21.55 -9.91
N SER C 198 -19.36 -22.03 -10.08
CA SER C 198 -18.57 -22.64 -9.03
C SER C 198 -17.15 -22.07 -8.96
N ASN C 199 -16.62 -21.93 -7.75
CA ASN C 199 -15.21 -21.55 -7.51
C ASN C 199 -14.62 -22.25 -6.28
N PRO C 200 -13.30 -22.52 -6.27
CA PRO C 200 -12.71 -23.22 -5.12
C PRO C 200 -12.70 -22.45 -3.79
N LEU C 201 -12.96 -21.13 -3.80
CA LEU C 201 -13.06 -20.36 -2.56
C LEU C 201 -14.40 -20.56 -1.90
N PHE C 202 -15.48 -20.16 -2.58
CA PHE C 202 -16.83 -20.11 -1.98
C PHE C 202 -17.70 -21.31 -2.34
N GLY C 203 -17.17 -22.22 -3.15
CA GLY C 203 -17.91 -23.39 -3.58
C GLY C 203 -18.86 -23.09 -4.71
N GLN C 204 -19.81 -24.00 -4.90
CA GLN C 204 -20.67 -24.04 -6.07
C GLN C 204 -22.05 -23.48 -5.74
N THR C 205 -22.57 -22.65 -6.64
CA THR C 205 -23.92 -22.10 -6.56
C THR C 205 -24.86 -23.01 -7.33
N MET C 206 -26.12 -23.12 -6.86
CA MET C 206 -27.09 -23.96 -7.51
C MET C 206 -28.40 -23.25 -7.78
N ASN C 207 -29.11 -23.79 -8.79
CA ASN C 207 -30.36 -23.25 -9.27
C ASN C 207 -31.40 -23.37 -8.17
N PRO C 208 -32.13 -22.28 -7.84
CA PRO C 208 -33.16 -22.37 -6.80
C PRO C 208 -34.38 -23.16 -7.19
N TRP C 209 -34.58 -23.39 -8.49
CA TRP C 209 -35.71 -24.18 -8.97
C TRP C 209 -35.48 -25.69 -8.84
N LYS C 210 -34.23 -26.15 -8.93
CA LYS C 210 -33.88 -27.56 -8.88
C LYS C 210 -32.39 -27.65 -8.60
N SER C 211 -32.01 -28.20 -7.45
CA SER C 211 -30.62 -28.10 -6.98
C SER C 211 -29.59 -28.95 -7.74
N SER C 212 -30.04 -29.89 -8.59
CA SER C 212 -29.13 -30.60 -9.51
C SER C 212 -28.66 -29.71 -10.68
N LYS C 213 -29.26 -28.55 -10.86
CA LYS C 213 -29.10 -27.73 -12.04
C LYS C 213 -28.21 -26.51 -11.77
N SER C 214 -27.46 -26.12 -12.80
CA SER C 214 -26.67 -24.90 -12.75
C SER C 214 -27.58 -23.67 -12.67
N PRO C 215 -27.19 -22.64 -11.92
CA PRO C 215 -27.95 -21.38 -11.92
C PRO C 215 -27.66 -20.54 -13.13
N GLY C 216 -26.70 -20.94 -13.96
CA GLY C 216 -26.21 -20.12 -15.04
C GLY C 216 -24.96 -19.43 -14.59
N GLY C 217 -24.50 -18.45 -15.37
CA GLY C 217 -23.34 -17.65 -14.99
C GLY C 217 -22.90 -16.79 -16.16
N SER C 218 -21.82 -15.99 -15.97
CA SER C 218 -21.07 -15.86 -14.72
C SER C 218 -21.79 -15.12 -13.58
N SER C 219 -22.87 -14.40 -13.88
CA SER C 219 -23.66 -13.72 -12.85
C SER C 219 -24.64 -14.69 -12.15
N GLY C 220 -24.14 -15.85 -11.72
CA GLY C 220 -25.01 -16.93 -11.28
C GLY C 220 -25.65 -16.73 -9.94
N GLY C 221 -24.88 -16.18 -8.98
CA GLY C 221 -25.42 -15.84 -7.67
C GLY C 221 -26.50 -14.79 -7.71
N GLU C 222 -26.38 -13.80 -8.60
CA GLU C 222 -27.44 -12.82 -8.82
C GLU C 222 -28.72 -13.48 -9.27
N GLY C 223 -28.60 -14.34 -10.30
CA GLY C 223 -29.73 -15.10 -10.81
C GLY C 223 -30.46 -15.88 -9.74
N ALA C 224 -29.71 -16.72 -9.01
CA ALA C 224 -30.29 -17.57 -7.98
C ALA C 224 -30.92 -16.77 -6.87
N LEU C 225 -30.27 -15.65 -6.48
CA LEU C 225 -30.76 -14.82 -5.39
C LEU C 225 -32.02 -14.11 -5.78
N ILE C 226 -31.96 -13.30 -6.83
CA ILE C 226 -33.14 -12.57 -7.32
C ILE C 226 -34.24 -13.53 -7.70
N GLY C 227 -33.86 -14.61 -8.39
CA GLY C 227 -34.77 -15.64 -8.85
C GLY C 227 -35.56 -16.34 -7.75
N SER C 228 -34.96 -16.53 -6.56
CA SER C 228 -35.63 -17.13 -5.42
C SER C 228 -36.35 -16.11 -4.55
N GLY C 229 -36.23 -14.83 -4.84
CA GLY C 229 -36.87 -13.74 -4.10
C GLY C 229 -36.00 -13.06 -3.04
N GLY C 230 -34.69 -13.24 -3.10
CA GLY C 230 -33.75 -12.71 -2.12
C GLY C 230 -33.12 -11.37 -2.44
N SER C 231 -33.59 -10.69 -3.50
CA SER C 231 -33.18 -9.35 -3.86
C SER C 231 -34.08 -8.84 -4.97
N PRO C 232 -34.55 -7.57 -4.90
CA PRO C 232 -35.47 -7.03 -5.91
C PRO C 232 -34.78 -6.60 -7.20
N LEU C 233 -33.49 -6.36 -7.12
CA LEU C 233 -32.70 -5.73 -8.18
C LEU C 233 -31.24 -6.10 -7.96
N GLY C 234 -30.49 -6.21 -9.05
CA GLY C 234 -29.08 -6.55 -8.96
C GLY C 234 -28.32 -6.27 -10.24
N LEU C 235 -27.01 -6.06 -10.12
CA LEU C 235 -26.15 -5.77 -11.26
C LEU C 235 -25.22 -6.95 -11.52
N GLY C 236 -24.99 -7.23 -12.82
CA GLY C 236 -24.09 -8.27 -13.26
C GLY C 236 -23.26 -7.79 -14.44
N THR C 237 -22.45 -8.68 -15.00
CA THR C 237 -21.63 -8.37 -16.17
C THR C 237 -21.83 -9.44 -17.23
N ASP C 238 -21.61 -9.08 -18.50
CA ASP C 238 -21.83 -9.93 -19.65
C ASP C 238 -20.67 -9.90 -20.62
N ILE C 239 -20.00 -11.04 -20.83
CA ILE C 239 -18.98 -11.16 -21.86
C ILE C 239 -19.23 -12.28 -22.89
N GLY C 240 -19.97 -13.33 -22.50
CA GLY C 240 -20.42 -14.34 -23.47
C GLY C 240 -21.88 -14.76 -23.27
N GLY C 241 -22.66 -13.91 -22.58
CA GLY C 241 -23.99 -14.24 -22.09
C GLY C 241 -24.22 -14.12 -20.60
N SER C 242 -23.26 -13.52 -19.86
CA SER C 242 -23.20 -13.72 -18.40
C SER C 242 -24.27 -12.99 -17.57
N ILE C 243 -25.02 -12.06 -18.14
CA ILE C 243 -26.25 -11.55 -17.55
C ILE C 243 -27.44 -12.41 -17.98
N ARG C 244 -27.42 -12.90 -19.22
CA ARG C 244 -28.59 -13.49 -19.85
C ARG C 244 -28.75 -14.99 -19.52
N PHE C 245 -27.66 -15.75 -19.49
CA PHE C 245 -27.65 -17.14 -19.03
C PHE C 245 -28.27 -17.34 -17.65
N PRO C 246 -27.80 -16.66 -16.60
CA PRO C 246 -28.44 -16.86 -15.29
C PRO C 246 -29.86 -16.32 -15.26
N SER C 247 -30.11 -15.18 -15.91
CA SER C 247 -31.45 -14.62 -16.01
C SER C 247 -32.42 -15.62 -16.64
N ALA C 248 -32.00 -16.26 -17.73
CA ALA C 248 -32.82 -17.26 -18.41
C ALA C 248 -33.03 -18.51 -17.55
N PHE C 249 -31.96 -19.03 -16.97
CA PHE C 249 -31.99 -20.26 -16.18
C PHE C 249 -32.79 -20.13 -14.88
N CYS C 250 -32.97 -18.91 -14.36
CA CYS C 250 -33.62 -18.68 -13.08
C CYS C 250 -34.98 -18.00 -13.19
N GLY C 251 -35.46 -17.78 -14.40
CA GLY C 251 -36.77 -17.18 -14.59
C GLY C 251 -36.86 -15.74 -14.17
N ILE C 252 -35.83 -14.95 -14.44
CA ILE C 252 -35.83 -13.51 -14.20
C ILE C 252 -35.41 -12.77 -15.46
N CYS C 253 -35.57 -11.45 -15.44
CA CYS C 253 -35.19 -10.59 -16.57
C CYS C 253 -33.76 -10.09 -16.43
N GLY C 254 -33.03 -10.03 -17.55
CA GLY C 254 -31.75 -9.38 -17.60
C GLY C 254 -31.66 -8.45 -18.80
N LEU C 255 -30.78 -7.43 -18.71
CA LEU C 255 -30.43 -6.57 -19.85
C LEU C 255 -28.94 -6.36 -19.93
N LYS C 256 -28.33 -6.72 -21.06
CA LYS C 256 -26.97 -6.35 -21.42
C LYS C 256 -27.02 -5.17 -22.39
N PRO C 257 -26.73 -3.94 -21.95
CA PRO C 257 -26.64 -2.79 -22.87
C PRO C 257 -25.47 -2.85 -23.82
N THR C 258 -25.46 -1.88 -24.73
CA THR C 258 -24.23 -1.67 -25.48
C THR C 258 -23.16 -1.30 -24.50
N GLY C 259 -21.97 -1.86 -24.75
CA GLY C 259 -20.84 -1.85 -23.84
C GLY C 259 -20.64 -0.57 -23.07
N ASN C 260 -20.58 0.55 -23.79
CA ASN C 260 -20.20 1.83 -23.19
C ASN C 260 -21.39 2.72 -22.83
N ARG C 261 -22.61 2.16 -22.71
CA ARG C 261 -23.73 2.93 -22.17
C ARG C 261 -23.55 3.18 -20.69
N LEU C 262 -22.80 2.30 -20.01
CA LEU C 262 -22.51 2.39 -18.58
C LEU C 262 -21.01 2.23 -18.28
N SER C 263 -20.62 2.76 -17.12
CA SER C 263 -19.21 2.82 -16.71
C SER C 263 -18.65 1.50 -16.23
N LYS C 264 -17.65 0.96 -16.93
CA LYS C 264 -16.85 -0.19 -16.48
C LYS C 264 -15.79 0.17 -15.43
N SER C 265 -15.64 1.45 -15.08
CA SER C 265 -14.65 1.88 -14.08
C SER C 265 -14.85 1.17 -12.74
N GLY C 266 -13.75 0.65 -12.17
CA GLY C 266 -13.78 -0.07 -10.91
C GLY C 266 -14.25 -1.51 -10.97
N LEU C 267 -14.44 -2.10 -12.16
CA LEU C 267 -14.82 -3.50 -12.27
C LEU C 267 -13.59 -4.38 -12.37
N LYS C 268 -13.57 -5.46 -11.57
CA LYS C 268 -12.42 -6.36 -11.49
C LYS C 268 -12.58 -7.49 -12.51
N GLY C 269 -11.46 -7.93 -13.09
CA GLY C 269 -11.47 -8.99 -14.10
C GLY C 269 -10.09 -9.55 -14.36
N CYS C 270 -10.05 -10.67 -15.09
CA CYS C 270 -8.80 -11.40 -15.34
C CYS C 270 -7.89 -10.74 -16.38
N VAL C 271 -8.47 -10.11 -17.38
CA VAL C 271 -7.77 -9.68 -18.58
C VAL C 271 -8.12 -8.23 -18.88
N TYR C 272 -7.21 -7.33 -18.58
CA TYR C 272 -7.39 -5.91 -18.88
C TYR C 272 -6.72 -5.58 -20.21
N GLY C 273 -7.39 -4.74 -21.00
CA GLY C 273 -6.85 -4.26 -22.26
C GLY C 273 -7.48 -4.84 -23.52
N GLN C 274 -8.22 -5.93 -23.39
CA GLN C 274 -8.95 -6.51 -24.53
C GLN C 274 -10.18 -5.69 -24.90
N THR C 275 -10.26 -5.21 -26.14
CA THR C 275 -11.32 -4.33 -26.63
C THR C 275 -12.15 -4.87 -27.79
N ALA C 276 -11.69 -5.92 -28.47
CA ALA C 276 -12.46 -6.55 -29.55
C ALA C 276 -13.87 -6.95 -29.12
N VAL C 277 -13.99 -7.86 -28.19
CA VAL C 277 -15.28 -8.19 -27.60
C VAL C 277 -15.27 -7.52 -26.25
N GLN C 278 -15.97 -6.39 -26.20
CA GLN C 278 -16.16 -5.45 -25.09
C GLN C 278 -16.91 -6.12 -23.93
N LEU C 279 -16.68 -5.66 -22.71
CA LEU C 279 -17.56 -6.10 -21.64
C LEU C 279 -18.68 -5.12 -21.46
N SER C 280 -19.83 -5.63 -21.02
CA SER C 280 -20.98 -4.80 -20.68
C SER C 280 -21.54 -5.24 -19.35
N LEU C 281 -22.23 -4.31 -18.68
CA LEU C 281 -22.86 -4.57 -17.40
C LEU C 281 -24.27 -4.00 -17.39
N GLY C 282 -25.15 -4.60 -16.60
CA GLY C 282 -26.51 -4.10 -16.54
C GLY C 282 -27.40 -4.79 -15.53
N PRO C 283 -28.67 -4.37 -15.49
CA PRO C 283 -29.56 -4.83 -14.42
C PRO C 283 -30.05 -6.26 -14.62
N MET C 284 -30.28 -6.93 -13.50
CA MET C 284 -30.98 -8.18 -13.41
C MET C 284 -32.09 -7.98 -12.41
N ALA C 285 -33.30 -8.40 -12.74
CA ALA C 285 -34.47 -8.13 -11.90
C ALA C 285 -35.64 -9.03 -12.27
N ARG C 286 -36.69 -8.99 -11.43
CA ARG C 286 -37.84 -9.87 -11.62
C ARG C 286 -38.84 -9.42 -12.68
N ASP C 287 -38.78 -8.15 -13.14
CA ASP C 287 -39.70 -7.65 -14.16
C ASP C 287 -39.08 -6.49 -14.93
N VAL C 288 -39.44 -6.35 -16.21
CA VAL C 288 -38.79 -5.40 -17.12
C VAL C 288 -38.77 -4.01 -16.53
N GLU C 289 -39.89 -3.58 -15.96
CA GLU C 289 -40.05 -2.24 -15.36
C GLU C 289 -38.92 -1.88 -14.39
N SER C 290 -38.44 -2.87 -13.63
CA SER C 290 -37.31 -2.74 -12.72
C SER C 290 -36.03 -2.39 -13.46
N LEU C 291 -35.75 -3.13 -14.57
CA LEU C 291 -34.55 -2.87 -15.39
C LEU C 291 -34.52 -1.46 -15.90
N ALA C 292 -35.68 -0.98 -16.38
CA ALA C 292 -35.84 0.35 -16.93
C ALA C 292 -35.75 1.43 -15.85
N LEU C 293 -36.35 1.15 -14.69
CA LEU C 293 -36.21 2.01 -13.51
C LEU C 293 -34.75 2.11 -13.06
N CYS C 294 -34.06 0.98 -13.11
CA CYS C 294 -32.64 0.93 -12.77
C CYS C 294 -31.73 1.66 -13.78
N LEU C 295 -31.96 1.48 -15.09
CA LEU C 295 -31.21 2.26 -16.08
C LEU C 295 -31.51 3.75 -15.97
N LYS C 296 -32.78 4.12 -15.84
CA LYS C 296 -33.16 5.52 -15.62
C LYS C 296 -32.40 6.10 -14.44
N ALA C 297 -32.24 5.33 -13.37
CA ALA C 297 -31.50 5.74 -12.18
C ALA C 297 -30.01 5.93 -12.45
N LEU C 298 -29.40 5.01 -13.20
CA LEU C 298 -27.96 5.09 -13.49
C LEU C 298 -27.60 6.16 -14.55
N LEU C 299 -28.49 6.44 -15.50
CA LEU C 299 -28.17 7.33 -16.60
C LEU C 299 -28.49 8.80 -16.27
N CYS C 300 -27.70 9.37 -15.35
CA CYS C 300 -27.88 10.74 -14.87
C CYS C 300 -26.53 11.44 -14.74
N GLU C 301 -26.57 12.76 -14.49
CA GLU C 301 -25.34 13.57 -14.40
C GLU C 301 -24.33 13.09 -13.36
N HIS C 302 -24.74 12.33 -12.34
CA HIS C 302 -23.82 11.68 -11.41
C HIS C 302 -22.86 10.77 -12.15
N LEU C 303 -23.41 9.82 -12.91
CA LEU C 303 -22.61 8.89 -13.69
C LEU C 303 -21.72 9.61 -14.66
N PHE C 304 -22.30 10.52 -15.45
CA PHE C 304 -21.59 11.14 -16.56
C PHE C 304 -20.47 12.05 -16.04
N THR C 305 -20.68 12.68 -14.88
CA THR C 305 -19.63 13.48 -14.22
C THR C 305 -18.55 12.61 -13.62
N LEU C 306 -18.93 11.48 -13.02
CA LEU C 306 -17.98 10.54 -12.43
C LEU C 306 -17.15 9.82 -13.49
N ASP C 307 -17.77 9.43 -14.62
CA ASP C 307 -17.05 8.84 -15.74
C ASP C 307 -17.34 9.58 -17.01
N PRO C 308 -16.62 10.69 -17.26
CA PRO C 308 -16.76 11.46 -18.49
C PRO C 308 -16.69 10.65 -19.75
N THR C 309 -15.89 9.58 -19.78
CA THR C 309 -15.67 8.76 -20.98
C THR C 309 -16.95 8.00 -21.42
N VAL C 310 -17.95 7.92 -20.56
CA VAL C 310 -19.29 7.47 -20.92
C VAL C 310 -20.04 8.60 -21.60
N PRO C 311 -20.70 8.36 -22.74
CA PRO C 311 -21.41 9.42 -23.44
C PRO C 311 -22.69 9.77 -22.75
N PRO C 312 -22.96 11.06 -22.50
CA PRO C 312 -24.12 11.46 -21.68
C PRO C 312 -25.46 11.30 -22.40
N LEU C 313 -25.93 10.06 -22.48
CA LEU C 313 -27.18 9.69 -23.13
C LEU C 313 -28.19 9.50 -22.07
N PRO C 314 -29.07 10.45 -21.79
CA PRO C 314 -30.07 10.23 -20.74
C PRO C 314 -31.04 9.13 -21.15
N PHE C 315 -31.74 8.55 -20.17
CA PHE C 315 -32.73 7.53 -20.45
C PHE C 315 -33.91 8.18 -21.15
N ARG C 316 -34.13 7.82 -22.42
CA ARG C 316 -35.25 8.32 -23.20
C ARG C 316 -36.52 7.56 -22.82
N GLU C 317 -37.29 8.13 -21.88
CA GLU C 317 -38.46 7.42 -21.37
C GLU C 317 -39.61 7.33 -22.40
N GLU C 318 -39.62 8.23 -23.38
CA GLU C 318 -40.67 8.26 -24.43
C GLU C 318 -40.58 7.05 -25.33
N VAL C 319 -39.34 6.59 -25.59
CA VAL C 319 -39.05 5.43 -26.42
C VAL C 319 -39.46 4.17 -25.69
N TYR C 320 -39.16 4.11 -24.38
CA TYR C 320 -39.50 2.94 -23.56
C TYR C 320 -41.00 2.70 -23.52
N ARG C 321 -41.80 3.76 -23.40
CA ARG C 321 -43.25 3.70 -23.25
C ARG C 321 -44.04 3.75 -24.54
N SER C 322 -43.38 3.93 -25.69
CA SER C 322 -44.03 3.83 -27.01
C SER C 322 -44.80 2.53 -27.14
N SER C 323 -46.08 2.65 -27.50
CA SER C 323 -46.89 1.49 -27.87
C SER C 323 -47.16 1.54 -29.37
N ARG C 324 -46.10 1.73 -30.17
CA ARG C 324 -46.18 1.66 -31.63
C ARG C 324 -45.99 0.22 -32.08
N PRO C 325 -46.70 -0.21 -33.12
CA PRO C 325 -46.39 -1.50 -33.76
C PRO C 325 -44.94 -1.59 -34.21
N LEU C 326 -44.39 -2.81 -34.23
CA LEU C 326 -42.98 -3.05 -34.38
C LEU C 326 -42.71 -3.99 -35.54
N ARG C 327 -41.67 -3.68 -36.29
CA ARG C 327 -41.13 -4.62 -37.26
C ARG C 327 -40.10 -5.44 -36.49
N VAL C 328 -40.40 -6.73 -36.30
CA VAL C 328 -39.67 -7.63 -35.42
C VAL C 328 -38.99 -8.68 -36.26
N GLY C 329 -37.67 -8.64 -36.34
CA GLY C 329 -36.92 -9.74 -36.95
C GLY C 329 -36.98 -10.95 -36.05
N TYR C 330 -36.91 -12.15 -36.64
CA TYR C 330 -36.88 -13.37 -35.82
C TYR C 330 -36.19 -14.56 -36.47
N TYR C 331 -35.70 -15.46 -35.63
CA TYR C 331 -35.30 -16.78 -36.06
C TYR C 331 -35.52 -17.81 -34.95
N GLU C 332 -35.76 -19.05 -35.34
CA GLU C 332 -36.01 -20.15 -34.42
C GLU C 332 -34.74 -20.90 -34.10
N THR C 333 -33.69 -20.70 -34.90
CA THR C 333 -32.40 -21.39 -34.71
C THR C 333 -31.27 -20.60 -35.35
N ASP C 334 -30.09 -20.67 -34.77
CA ASP C 334 -28.87 -20.08 -35.37
C ASP C 334 -28.14 -21.04 -36.29
N ASN C 335 -28.63 -22.28 -36.41
CA ASN C 335 -27.99 -23.35 -37.17
C ASN C 335 -26.65 -23.78 -36.62
N TYR C 336 -26.31 -23.27 -35.44
CA TYR C 336 -25.03 -23.54 -34.80
C TYR C 336 -25.25 -24.46 -33.64
N THR C 337 -26.10 -24.01 -32.70
CA THR C 337 -26.56 -24.79 -31.55
C THR C 337 -28.03 -25.06 -31.77
N MET C 338 -28.39 -26.33 -31.82
CA MET C 338 -29.78 -26.65 -32.07
C MET C 338 -30.62 -26.41 -30.88
N PRO C 339 -31.72 -25.66 -31.00
CA PRO C 339 -32.55 -25.32 -29.88
C PRO C 339 -33.19 -26.57 -29.32
N SER C 340 -33.41 -26.58 -27.99
CA SER C 340 -34.18 -27.61 -27.34
C SER C 340 -35.62 -27.51 -27.82
N PRO C 341 -36.43 -28.56 -27.58
CA PRO C 341 -37.87 -28.42 -27.82
C PRO C 341 -38.49 -27.23 -27.10
N ALA C 342 -38.12 -27.05 -25.83
CA ALA C 342 -38.63 -25.96 -24.99
C ALA C 342 -38.31 -24.57 -25.54
N MET C 343 -37.11 -24.39 -26.09
CA MET C 343 -36.71 -23.13 -26.67
C MET C 343 -37.55 -22.81 -27.89
N ARG C 344 -37.65 -23.78 -28.80
CA ARG C 344 -38.38 -23.61 -30.03
C ARG C 344 -39.82 -23.21 -29.75
N ARG C 345 -40.46 -23.87 -28.79
CA ARG C 345 -41.86 -23.55 -28.49
C ARG C 345 -42.02 -22.16 -27.89
N ALA C 346 -41.12 -21.80 -26.95
CA ALA C 346 -41.10 -20.43 -26.39
C ALA C 346 -40.90 -19.34 -27.43
N LEU C 347 -40.09 -19.61 -28.45
CA LEU C 347 -39.84 -18.66 -29.52
C LEU C 347 -41.07 -18.54 -30.42
N ILE C 348 -41.61 -19.69 -30.83
CA ILE C 348 -42.76 -19.75 -31.73
C ILE C 348 -43.98 -19.12 -31.09
N GLU C 349 -44.28 -19.54 -29.85
CA GLU C 349 -45.43 -19.03 -29.12
C GLU C 349 -45.31 -17.54 -28.92
N THR C 350 -44.07 -17.07 -28.73
CA THR C 350 -43.83 -15.64 -28.56
C THR C 350 -44.01 -14.90 -29.88
N LYS C 351 -43.45 -15.46 -30.97
CA LYS C 351 -43.63 -14.97 -32.33
C LYS C 351 -45.11 -14.85 -32.67
N GLN C 352 -45.91 -15.86 -32.28
CA GLN C 352 -47.34 -15.90 -32.55
C GLN C 352 -48.11 -14.84 -31.81
N ARG C 353 -47.90 -14.70 -30.50
CA ARG C 353 -48.71 -13.74 -29.77
C ARG C 353 -48.32 -12.27 -30.11
N LEU C 354 -47.12 -12.06 -30.65
CA LEU C 354 -46.74 -10.73 -31.18
C LEU C 354 -47.43 -10.40 -32.50
N GLU C 355 -47.63 -11.41 -33.36
CA GLU C 355 -48.34 -11.22 -34.63
C GLU C 355 -49.77 -10.83 -34.33
N ALA C 356 -50.40 -11.62 -33.43
CA ALA C 356 -51.73 -11.32 -32.91
C ALA C 356 -51.84 -9.91 -32.33
N ALA C 357 -50.79 -9.43 -31.65
CA ALA C 357 -50.75 -8.08 -31.09
C ALA C 357 -50.57 -6.98 -32.15
N GLY C 358 -50.33 -7.34 -33.40
CA GLY C 358 -50.29 -6.37 -34.50
C GLY C 358 -48.90 -5.88 -34.83
N HIS C 359 -47.87 -6.59 -34.39
CA HIS C 359 -46.50 -6.33 -34.80
C HIS C 359 -46.22 -7.21 -36.02
N THR C 360 -45.31 -6.74 -36.88
CA THR C 360 -44.93 -7.46 -38.08
C THR C 360 -43.68 -8.31 -37.80
N LEU C 361 -43.79 -9.63 -37.97
CA LEU C 361 -42.69 -10.60 -37.73
C LEU C 361 -41.99 -11.03 -39.05
N ILE C 362 -40.78 -10.57 -39.27
CA ILE C 362 -39.99 -10.84 -40.48
C ILE C 362 -38.90 -11.85 -40.18
N PRO C 363 -38.77 -12.95 -40.92
CA PRO C 363 -37.63 -13.86 -40.73
C PRO C 363 -36.32 -13.14 -40.97
N PHE C 364 -35.34 -13.33 -40.07
CA PHE C 364 -34.05 -12.67 -40.14
C PHE C 364 -32.97 -13.51 -39.48
N LEU C 365 -31.77 -13.55 -40.07
CA LEU C 365 -30.61 -14.23 -39.48
C LEU C 365 -29.32 -13.48 -39.84
N PRO C 366 -28.55 -13.02 -38.86
CA PRO C 366 -27.21 -12.48 -39.15
C PRO C 366 -26.33 -13.40 -39.98
N ASN C 367 -25.54 -12.83 -40.87
CA ASN C 367 -24.65 -13.60 -41.72
C ASN C 367 -23.50 -14.21 -40.94
N ASN C 368 -22.94 -15.30 -41.46
CA ASN C 368 -21.69 -15.91 -40.95
C ASN C 368 -21.60 -16.06 -39.43
N ILE C 369 -22.66 -16.60 -38.81
CA ILE C 369 -22.63 -16.81 -37.33
C ILE C 369 -21.40 -17.61 -37.02
N PRO C 370 -21.06 -18.75 -37.63
CA PRO C 370 -19.87 -19.53 -37.31
C PRO C 370 -18.55 -18.73 -37.28
N TYR C 371 -18.37 -17.83 -38.25
CA TYR C 371 -17.22 -16.93 -38.28
C TYR C 371 -17.22 -16.00 -37.07
N ALA C 372 -18.39 -15.43 -36.75
CA ALA C 372 -18.57 -14.55 -35.60
C ALA C 372 -18.15 -15.21 -34.29
N LEU C 373 -18.51 -16.49 -34.09
CA LEU C 373 -18.20 -17.20 -32.88
C LEU C 373 -16.80 -17.76 -32.92
N GLU C 374 -16.51 -18.56 -33.94
CA GLU C 374 -15.26 -19.35 -33.96
C GLU C 374 -14.05 -18.46 -34.20
N VAL C 375 -14.18 -17.45 -35.06
CA VAL C 375 -13.02 -16.66 -35.49
C VAL C 375 -12.97 -15.33 -34.78
N LEU C 376 -14.05 -14.55 -34.84
CA LEU C 376 -14.07 -13.21 -34.25
C LEU C 376 -14.17 -13.23 -32.72
N SER C 377 -15.26 -13.80 -32.15
CA SER C 377 -15.45 -13.81 -30.70
C SER C 377 -14.36 -14.59 -29.99
N THR C 378 -14.12 -15.83 -30.41
CA THR C 378 -13.12 -16.68 -29.78
C THR C 378 -11.72 -16.10 -29.95
N GLY C 379 -11.41 -15.56 -31.15
CA GLY C 379 -10.14 -14.94 -31.40
C GLY C 379 -9.95 -13.64 -30.65
N GLY C 380 -11.05 -12.90 -30.43
CA GLY C 380 -11.00 -11.62 -29.75
C GLY C 380 -10.74 -11.77 -28.29
N LEU C 381 -11.43 -12.73 -27.66
CA LEU C 381 -11.27 -13.03 -26.25
C LEU C 381 -9.91 -13.65 -25.94
N PHE C 382 -9.35 -14.44 -26.85
CA PHE C 382 -8.12 -15.18 -26.62
C PHE C 382 -7.05 -14.86 -27.63
N SER C 383 -6.85 -13.55 -27.87
CA SER C 383 -5.89 -13.08 -28.87
C SER C 383 -4.46 -13.37 -28.47
N ASP C 384 -4.17 -13.34 -27.16
CA ASP C 384 -2.83 -13.58 -26.62
C ASP C 384 -2.54 -15.04 -26.28
N GLY C 385 -3.40 -15.97 -26.72
CA GLY C 385 -3.30 -17.38 -26.32
C GLY C 385 -3.90 -17.68 -24.96
N GLY C 386 -4.54 -16.69 -24.32
CA GLY C 386 -4.98 -16.79 -22.95
C GLY C 386 -3.87 -16.67 -21.92
N ARG C 387 -2.72 -16.14 -22.33
CA ARG C 387 -1.58 -16.00 -21.42
C ARG C 387 -1.86 -15.08 -20.25
N SER C 388 -2.59 -13.99 -20.48
CA SER C 388 -2.94 -13.03 -19.44
C SER C 388 -3.96 -13.61 -18.49
N PHE C 389 -5.01 -14.24 -19.06
CA PHE C 389 -5.98 -15.03 -18.31
C PHE C 389 -5.32 -16.06 -17.42
N LEU C 390 -4.40 -16.85 -18.00
CA LEU C 390 -3.75 -17.97 -17.31
C LEU C 390 -2.87 -17.55 -16.15
N GLN C 391 -2.32 -16.33 -16.12
CA GLN C 391 -1.45 -16.05 -14.99
C GLN C 391 -2.26 -15.83 -13.68
N ASN C 392 -3.56 -15.62 -13.79
CA ASN C 392 -4.45 -15.67 -12.62
C ASN C 392 -4.55 -17.04 -11.94
N PHE C 393 -4.24 -18.13 -12.65
CA PHE C 393 -4.31 -19.48 -12.13
C PHE C 393 -2.98 -20.04 -11.60
N LYS C 394 -1.89 -19.27 -11.64
CA LYS C 394 -0.59 -19.67 -11.09
C LYS C 394 -0.76 -20.20 -9.66
N GLY C 395 -0.52 -21.51 -9.46
CA GLY C 395 -0.60 -22.14 -8.12
C GLY C 395 -1.99 -22.24 -7.55
N ASP C 396 -3.02 -22.26 -8.41
CA ASP C 396 -4.42 -22.20 -8.02
C ASP C 396 -5.13 -23.48 -8.46
N PHE C 397 -6.21 -23.83 -7.75
CA PHE C 397 -7.05 -24.94 -8.13
C PHE C 397 -7.82 -24.57 -9.39
N VAL C 398 -8.09 -25.56 -10.23
CA VAL C 398 -8.84 -25.35 -11.48
C VAL C 398 -10.22 -25.97 -11.28
N ASP C 399 -11.24 -25.12 -11.18
CA ASP C 399 -12.59 -25.59 -10.89
C ASP C 399 -13.09 -26.49 -12.01
N PRO C 400 -13.76 -27.60 -11.69
CA PRO C 400 -14.35 -28.45 -12.74
C PRO C 400 -15.35 -27.75 -13.65
N CYS C 401 -16.04 -26.72 -13.16
CA CYS C 401 -17.07 -26.03 -13.94
C CYS C 401 -16.51 -25.29 -15.14
N LEU C 402 -15.22 -24.98 -15.10
CA LEU C 402 -14.51 -24.41 -16.24
C LEU C 402 -14.22 -25.45 -17.33
N GLY C 403 -14.33 -26.74 -17.00
CA GLY C 403 -14.08 -27.79 -17.98
C GLY C 403 -12.62 -27.80 -18.40
N ASP C 404 -12.39 -27.96 -19.71
CA ASP C 404 -11.03 -28.12 -20.26
C ASP C 404 -10.41 -26.78 -20.74
N LEU C 405 -11.11 -25.65 -20.51
CA LEU C 405 -10.66 -24.33 -20.95
C LEU C 405 -9.22 -24.06 -20.57
N ILE C 406 -8.83 -24.38 -19.33
CA ILE C 406 -7.47 -24.08 -18.83
C ILE C 406 -6.44 -24.98 -19.47
N LEU C 407 -6.73 -26.28 -19.53
CA LEU C 407 -5.82 -27.24 -20.11
C LEU C 407 -5.56 -26.95 -21.59
N ILE C 408 -6.56 -26.43 -22.31
CA ILE C 408 -6.41 -26.16 -23.74
C ILE C 408 -5.60 -24.89 -23.99
N LEU C 409 -5.87 -23.83 -23.20
CA LEU C 409 -5.08 -22.60 -23.32
C LEU C 409 -3.62 -22.84 -22.99
N ARG C 410 -3.33 -23.70 -22.01
CA ARG C 410 -1.94 -24.05 -21.64
C ARG C 410 -1.18 -24.81 -22.72
N LEU C 411 -1.85 -25.41 -23.68
CA LEU C 411 -1.06 -26.14 -24.64
C LEU C 411 -0.40 -25.20 -25.60
N PRO C 412 0.80 -25.56 -26.05
CA PRO C 412 1.61 -24.78 -26.99
C PRO C 412 0.87 -24.47 -28.27
N SER C 413 1.20 -23.31 -28.84
CA SER C 413 0.55 -22.84 -30.07
C SER C 413 0.65 -23.85 -31.20
N TRP C 414 1.81 -24.50 -31.35
CA TRP C 414 1.98 -25.54 -32.37
C TRP C 414 1.07 -26.75 -32.13
N PHE C 415 0.88 -27.13 -30.86
CA PHE C 415 -0.01 -28.23 -30.53
C PHE C 415 -1.46 -27.86 -30.76
N LYS C 416 -1.84 -26.61 -30.53
CA LYS C 416 -3.18 -26.12 -30.86
C LYS C 416 -3.46 -26.20 -32.36
N ARG C 417 -2.50 -25.82 -33.19
CA ARG C 417 -2.72 -25.84 -34.64
C ARG C 417 -2.75 -27.27 -35.17
N LEU C 418 -1.71 -28.06 -34.87
CA LEU C 418 -1.61 -29.45 -35.34
C LEU C 418 -2.86 -30.23 -35.03
N LEU C 419 -3.36 -30.10 -33.81
CA LEU C 419 -4.53 -30.89 -33.56
C LEU C 419 -5.81 -30.17 -34.06
N SER C 420 -5.78 -28.86 -34.25
CA SER C 420 -6.89 -28.26 -35.05
C SER C 420 -7.01 -28.87 -36.45
N LEU C 421 -5.87 -29.15 -37.09
CA LEU C 421 -5.86 -29.70 -38.46
C LEU C 421 -6.37 -31.14 -38.53
N LEU C 422 -5.99 -31.97 -37.55
CA LEU C 422 -6.44 -33.37 -37.52
C LEU C 422 -7.92 -33.51 -37.17
N LEU C 423 -8.47 -32.59 -36.39
CA LEU C 423 -9.89 -32.60 -36.04
C LEU C 423 -10.79 -32.01 -37.11
N LYS C 424 -10.31 -31.06 -37.92
CA LYS C 424 -11.18 -30.30 -38.85
C LYS C 424 -12.18 -31.13 -39.66
N PRO C 425 -11.81 -32.23 -40.34
CA PRO C 425 -12.84 -33.00 -41.07
C PRO C 425 -13.90 -33.65 -40.19
N LEU C 426 -13.50 -34.16 -39.03
CA LEU C 426 -14.38 -34.90 -38.14
C LEU C 426 -15.10 -34.00 -37.14
N PHE C 427 -14.40 -33.02 -36.57
CA PHE C 427 -14.93 -32.10 -35.57
C PHE C 427 -14.51 -30.69 -35.93
N PRO C 428 -15.11 -30.12 -37.01
CA PRO C 428 -14.68 -28.80 -37.53
C PRO C 428 -14.88 -27.67 -36.54
N ARG C 429 -15.93 -27.78 -35.73
CA ARG C 429 -16.31 -26.76 -34.77
C ARG C 429 -15.29 -26.64 -33.69
N LEU C 430 -14.91 -27.73 -33.07
CA LEU C 430 -13.91 -27.56 -32.04
C LEU C 430 -12.48 -27.41 -32.65
N ALA C 431 -12.23 -27.99 -33.81
CA ALA C 431 -11.02 -27.59 -34.56
C ALA C 431 -10.91 -26.08 -34.72
N ALA C 432 -12.03 -25.42 -35.03
CA ALA C 432 -12.07 -23.99 -35.33
C ALA C 432 -11.80 -23.15 -34.09
N PHE C 433 -12.44 -23.47 -32.95
CA PHE C 433 -12.17 -22.77 -31.69
C PHE C 433 -10.72 -22.90 -31.32
N LEU C 434 -10.26 -24.14 -31.21
CA LEU C 434 -8.87 -24.46 -30.90
C LEU C 434 -7.86 -23.71 -31.78
N ASN C 435 -8.15 -23.56 -33.08
CA ASN C 435 -7.29 -22.78 -33.99
C ASN C 435 -7.26 -21.30 -33.66
N ASN C 436 -8.39 -20.72 -33.27
CA ASN C 436 -8.50 -19.28 -33.00
C ASN C 436 -8.33 -18.96 -31.52
N MET C 437 -7.74 -19.86 -30.76
CA MET C 437 -7.33 -19.63 -29.39
C MET C 437 -5.81 -19.61 -29.30
N ARG C 438 -5.13 -19.48 -30.45
CA ARG C 438 -3.68 -19.39 -30.47
C ARG C 438 -3.24 -17.96 -30.25
N PRO C 439 -2.01 -17.74 -29.75
CA PRO C 439 -1.49 -16.38 -29.61
C PRO C 439 -1.16 -15.79 -30.98
N ARG C 440 -1.12 -14.45 -31.07
CA ARG C 440 -0.88 -13.77 -32.34
C ARG C 440 -0.26 -12.38 -32.16
N SER C 441 0.26 -11.84 -33.28
CA SER C 441 0.90 -10.55 -33.29
C SER C 441 -0.15 -9.44 -33.31
N ALA C 442 0.27 -8.22 -32.88
CA ALA C 442 -0.58 -7.05 -32.97
C ALA C 442 -1.09 -6.79 -34.38
N GLU C 443 -0.29 -7.10 -35.42
CA GLU C 443 -0.70 -6.98 -36.82
C GLU C 443 -1.94 -7.81 -37.06
N LYS C 444 -1.91 -9.10 -36.66
CA LYS C 444 -3.10 -9.87 -37.01
C LYS C 444 -4.25 -9.54 -36.05
N LEU C 445 -4.00 -8.94 -34.90
CA LEU C 445 -5.16 -8.48 -34.13
C LEU C 445 -5.72 -7.15 -34.67
N TRP C 446 -4.88 -6.30 -35.26
CA TRP C 446 -5.44 -5.16 -36.02
C TRP C 446 -6.38 -5.68 -37.07
N LYS C 447 -5.96 -6.70 -37.83
CA LYS C 447 -6.89 -7.25 -38.81
C LYS C 447 -8.16 -7.80 -38.12
N LEU C 448 -7.99 -8.62 -37.09
CA LEU C 448 -9.13 -9.20 -36.38
C LEU C 448 -10.11 -8.14 -35.88
N GLN C 449 -9.61 -6.98 -35.42
CA GLN C 449 -10.47 -5.90 -34.93
C GLN C 449 -11.18 -5.20 -36.07
N HIS C 450 -10.47 -5.02 -37.20
CA HIS C 450 -11.10 -4.45 -38.39
C HIS C 450 -12.24 -5.31 -38.91
N GLU C 451 -12.07 -6.65 -38.87
CA GLU C 451 -13.13 -7.58 -39.29
C GLU C 451 -14.38 -7.45 -38.42
N ILE C 452 -14.20 -7.27 -37.11
CA ILE C 452 -15.28 -7.08 -36.17
C ILE C 452 -16.07 -5.81 -36.46
N GLU C 453 -15.34 -4.72 -36.76
CA GLU C 453 -15.86 -3.42 -37.22
C GLU C 453 -16.80 -3.62 -38.34
N MET C 454 -16.31 -4.29 -39.39
CA MET C 454 -17.07 -4.33 -40.58
C MET C 454 -18.15 -5.45 -40.54
N TYR C 455 -17.94 -6.51 -39.76
CA TYR C 455 -19.05 -7.46 -39.52
C TYR C 455 -20.23 -6.79 -38.84
N ARG C 456 -19.93 -5.88 -37.92
CA ARG C 456 -20.94 -5.11 -37.21
C ARG C 456 -21.80 -4.33 -38.16
N GLN C 457 -21.17 -3.65 -39.13
CA GLN C 457 -21.86 -2.85 -40.14
C GLN C 457 -22.58 -3.73 -41.18
N SER C 458 -22.00 -4.90 -41.45
CA SER C 458 -22.65 -5.93 -42.25
C SER C 458 -24.02 -6.28 -41.70
N VAL C 459 -24.09 -6.59 -40.41
CA VAL C 459 -25.34 -6.97 -39.76
C VAL C 459 -26.25 -5.77 -39.62
N ILE C 460 -25.69 -4.57 -39.41
CA ILE C 460 -26.49 -3.34 -39.46
C ILE C 460 -27.12 -3.19 -40.83
N ALA C 461 -26.33 -3.45 -41.89
CA ALA C 461 -26.81 -3.31 -43.26
C ALA C 461 -27.97 -4.23 -43.50
N GLN C 462 -27.81 -5.52 -43.16
CA GLN C 462 -28.92 -6.50 -43.21
C GLN C 462 -30.13 -5.97 -42.48
N TRP C 463 -29.91 -5.49 -41.24
CA TRP C 463 -30.95 -5.02 -40.35
C TRP C 463 -31.75 -3.93 -41.01
N LYS C 464 -31.07 -2.86 -41.46
CA LYS C 464 -31.78 -1.74 -42.08
C LYS C 464 -32.42 -2.13 -43.42
N ALA C 465 -31.78 -3.02 -44.18
CA ALA C 465 -32.39 -3.53 -45.45
C ALA C 465 -33.76 -4.15 -45.25
N MET C 466 -34.04 -4.75 -44.10
CA MET C 466 -35.34 -5.31 -43.76
C MET C 466 -36.15 -4.32 -42.93
N ASN C 467 -35.64 -3.12 -42.78
CA ASN C 467 -36.22 -2.07 -41.94
C ASN C 467 -36.75 -2.57 -40.60
N LEU C 468 -35.93 -3.35 -39.88
CA LEU C 468 -36.42 -3.82 -38.59
C LEU C 468 -36.26 -2.80 -37.49
N ASP C 469 -37.13 -2.91 -36.49
CA ASP C 469 -37.05 -2.16 -35.25
C ASP C 469 -36.28 -2.97 -34.21
N VAL C 470 -36.58 -4.26 -34.10
CA VAL C 470 -35.99 -5.17 -33.10
C VAL C 470 -35.83 -6.57 -33.67
N LEU C 471 -35.11 -7.43 -32.91
CA LEU C 471 -34.86 -8.81 -33.29
C LEU C 471 -35.14 -9.78 -32.13
N LEU C 472 -35.96 -10.82 -32.39
CA LEU C 472 -36.35 -11.86 -31.43
C LEU C 472 -35.53 -13.12 -31.66
N THR C 473 -35.19 -13.82 -30.58
CA THR C 473 -34.14 -14.82 -30.64
C THR C 473 -34.41 -15.95 -29.67
N PRO C 474 -34.00 -17.18 -29.98
CA PRO C 474 -34.04 -18.23 -28.96
C PRO C 474 -32.95 -17.93 -27.96
N MET C 475 -33.34 -17.83 -26.69
CA MET C 475 -32.39 -17.81 -25.59
C MET C 475 -32.17 -19.24 -25.17
N LEU C 476 -30.96 -19.60 -24.79
CA LEU C 476 -30.67 -20.97 -24.39
C LEU C 476 -31.46 -21.36 -23.13
N GLY C 477 -32.01 -22.59 -23.13
CA GLY C 477 -32.73 -23.12 -21.99
C GLY C 477 -33.26 -24.52 -22.25
N PRO C 478 -33.74 -25.22 -21.21
CA PRO C 478 -33.76 -24.84 -19.79
C PRO C 478 -32.36 -24.96 -19.17
N ALA C 479 -32.25 -24.67 -17.87
CA ALA C 479 -30.96 -24.67 -17.19
C ALA C 479 -30.23 -26.00 -17.35
N LEU C 480 -28.91 -25.93 -17.59
CA LEU C 480 -28.09 -27.13 -17.72
C LEU C 480 -27.77 -27.72 -16.36
N ASP C 481 -27.38 -29.00 -16.36
CA ASP C 481 -26.91 -29.71 -15.16
C ASP C 481 -25.58 -29.14 -14.67
N LEU C 482 -25.38 -29.19 -13.33
CA LEU C 482 -24.15 -28.67 -12.72
C LEU C 482 -22.92 -29.31 -13.34
N ASN C 483 -21.88 -28.49 -13.56
CA ASN C 483 -20.60 -28.90 -14.14
C ASN C 483 -20.66 -29.38 -15.60
N THR C 484 -21.74 -29.08 -16.33
CA THR C 484 -21.80 -29.30 -17.79
C THR C 484 -21.58 -28.06 -18.66
N PRO C 485 -22.00 -26.84 -18.25
CA PRO C 485 -21.68 -25.65 -19.07
C PRO C 485 -20.25 -25.58 -19.56
N GLY C 486 -19.30 -26.01 -18.73
CA GLY C 486 -17.89 -26.08 -19.08
C GLY C 486 -17.54 -26.89 -20.30
N ARG C 487 -18.31 -27.94 -20.62
CA ARG C 487 -18.05 -28.71 -21.83
C ARG C 487 -19.19 -28.71 -22.82
N ALA C 488 -19.91 -27.59 -22.89
CA ALA C 488 -20.93 -27.32 -23.89
C ALA C 488 -20.74 -25.87 -24.38
N THR C 489 -19.52 -25.61 -24.87
CA THR C 489 -19.11 -24.26 -25.24
C THR C 489 -19.89 -23.72 -26.44
N GLY C 490 -20.38 -24.58 -27.32
CA GLY C 490 -21.13 -24.15 -28.49
C GLY C 490 -22.40 -23.42 -28.14
N ALA C 491 -22.98 -23.71 -26.98
CA ALA C 491 -24.25 -23.13 -26.56
C ALA C 491 -24.20 -21.62 -26.24
N VAL C 492 -22.99 -21.04 -26.13
CA VAL C 492 -22.71 -19.58 -26.11
C VAL C 492 -23.30 -18.85 -27.30
N SER C 493 -23.36 -19.56 -28.43
CA SER C 493 -23.73 -19.03 -29.73
C SER C 493 -24.87 -18.01 -29.73
N TYR C 494 -26.00 -18.33 -29.08
CA TYR C 494 -27.17 -17.42 -29.10
C TYR C 494 -26.91 -16.09 -28.42
N THR C 495 -26.16 -16.11 -27.33
CA THR C 495 -25.86 -14.90 -26.56
C THR C 495 -24.60 -14.22 -27.07
N MET C 496 -23.46 -14.94 -27.09
CA MET C 496 -22.16 -14.47 -27.57
C MET C 496 -22.20 -13.59 -28.81
N LEU C 497 -23.02 -13.96 -29.80
CA LEU C 497 -23.09 -13.19 -31.04
C LEU C 497 -23.33 -11.68 -30.84
N TYR C 498 -24.10 -11.29 -29.83
CA TYR C 498 -24.38 -9.88 -29.65
C TYR C 498 -23.39 -9.21 -28.71
N ASN C 499 -22.54 -9.98 -28.04
CA ASN C 499 -21.30 -9.45 -27.52
C ASN C 499 -20.38 -9.08 -28.67
N CYS C 500 -20.23 -10.02 -29.60
CA CYS C 500 -19.46 -9.78 -30.81
C CYS C 500 -19.97 -8.53 -31.50
N LEU C 501 -21.27 -8.50 -31.80
CA LEU C 501 -21.86 -7.34 -32.48
C LEU C 501 -21.93 -6.11 -31.58
N ASP C 502 -21.94 -6.29 -30.27
CA ASP C 502 -22.11 -5.19 -29.29
C ASP C 502 -23.46 -4.52 -29.57
N PHE C 503 -24.51 -5.33 -29.60
CA PHE C 503 -25.87 -4.85 -29.70
C PHE C 503 -26.44 -5.02 -28.33
N PRO C 504 -27.32 -4.10 -27.88
CA PRO C 504 -28.10 -4.38 -26.67
C PRO C 504 -28.95 -5.63 -26.81
N ALA C 505 -29.07 -6.37 -25.71
CA ALA C 505 -29.74 -7.66 -25.68
C ALA C 505 -30.21 -7.99 -24.27
N GLY C 506 -31.47 -8.42 -24.14
CA GLY C 506 -32.02 -8.79 -22.85
C GLY C 506 -32.87 -10.05 -22.98
N VAL C 507 -33.11 -10.73 -21.85
CA VAL C 507 -33.92 -11.93 -21.82
C VAL C 507 -35.15 -11.74 -20.96
N VAL C 508 -36.24 -12.38 -21.39
CA VAL C 508 -37.53 -12.35 -20.70
C VAL C 508 -37.99 -13.78 -20.60
N PRO C 509 -38.28 -14.30 -19.40
CA PRO C 509 -38.88 -15.63 -19.32
C PRO C 509 -40.31 -15.58 -19.82
N VAL C 510 -40.70 -16.58 -20.64
CA VAL C 510 -42.05 -16.64 -21.22
C VAL C 510 -42.77 -17.97 -20.99
N THR C 511 -42.08 -19.03 -20.60
CA THR C 511 -42.74 -20.29 -20.31
C THR C 511 -41.89 -21.19 -19.40
N THR C 512 -42.39 -22.41 -19.20
CA THR C 512 -41.70 -23.43 -18.40
C THR C 512 -41.76 -24.79 -19.10
N VAL C 513 -40.72 -25.60 -18.88
CA VAL C 513 -40.54 -26.87 -19.61
C VAL C 513 -41.61 -27.85 -19.21
N THR C 514 -42.38 -28.30 -20.19
CA THR C 514 -43.43 -29.30 -19.99
C THR C 514 -42.85 -30.71 -20.04
N ALA C 515 -43.66 -31.66 -19.62
CA ALA C 515 -43.28 -33.07 -19.72
C ALA C 515 -43.08 -33.49 -21.16
N GLU C 516 -44.00 -33.04 -22.06
CA GLU C 516 -43.85 -33.22 -23.51
C GLU C 516 -42.50 -32.75 -24.01
N ASP C 517 -42.12 -31.50 -23.65
CA ASP C 517 -40.85 -30.89 -24.05
C ASP C 517 -39.67 -31.70 -23.56
N ASP C 518 -39.73 -32.12 -22.30
CA ASP C 518 -38.64 -32.85 -21.69
C ASP C 518 -38.46 -34.16 -22.38
N ALA C 519 -39.59 -34.86 -22.65
CA ALA C 519 -39.56 -36.13 -23.35
C ALA C 519 -39.00 -35.98 -24.75
N GLN C 520 -39.37 -34.91 -25.44
CA GLN C 520 -38.91 -34.68 -26.82
C GLN C 520 -37.39 -34.51 -26.92
N MET C 521 -36.72 -34.24 -25.79
CA MET C 521 -35.26 -34.15 -25.75
C MET C 521 -34.53 -35.42 -26.17
N GLU C 522 -35.19 -36.58 -26.07
CA GLU C 522 -34.59 -37.84 -26.53
C GLU C 522 -34.39 -37.84 -28.03
N LEU C 523 -35.15 -37.03 -28.77
CA LEU C 523 -35.01 -36.88 -30.21
C LEU C 523 -34.21 -35.65 -30.59
N TYR C 524 -33.27 -35.25 -29.74
CA TYR C 524 -32.38 -34.12 -29.98
C TYR C 524 -31.08 -34.71 -30.50
N LYS C 525 -30.69 -34.33 -31.72
CA LYS C 525 -29.45 -34.88 -32.26
C LYS C 525 -28.30 -33.83 -32.32
N GLY C 526 -28.59 -32.54 -32.26
CA GLY C 526 -27.58 -31.50 -32.45
C GLY C 526 -27.38 -31.25 -33.93
N TYR C 527 -26.70 -30.15 -34.28
CA TYR C 527 -26.34 -29.90 -35.68
C TYR C 527 -24.98 -30.46 -36.06
N PHE C 528 -24.11 -30.84 -35.11
CA PHE C 528 -22.73 -31.25 -35.42
C PHE C 528 -22.37 -32.65 -34.98
N GLY C 529 -22.91 -33.14 -33.86
CA GLY C 529 -22.60 -34.46 -33.35
C GLY C 529 -21.43 -34.53 -32.40
N ASP C 530 -20.66 -33.44 -32.26
CA ASP C 530 -19.46 -33.43 -31.42
C ASP C 530 -19.84 -33.31 -29.94
N ILE C 531 -18.87 -33.59 -29.05
CA ILE C 531 -19.11 -33.63 -27.61
C ILE C 531 -19.98 -32.50 -27.04
N TRP C 532 -19.86 -31.27 -27.55
CA TRP C 532 -20.66 -30.17 -27.05
C TRP C 532 -22.13 -30.46 -27.21
N ASP C 533 -22.52 -30.98 -28.38
CA ASP C 533 -23.90 -31.43 -28.62
C ASP C 533 -24.24 -32.65 -27.77
N ILE C 534 -23.31 -33.61 -27.67
CA ILE C 534 -23.50 -34.83 -26.85
C ILE C 534 -23.82 -34.45 -25.44
N ILE C 535 -22.95 -33.62 -24.85
CA ILE C 535 -23.01 -33.16 -23.47
C ILE C 535 -24.22 -32.27 -23.27
N LEU C 536 -24.52 -31.41 -24.23
CA LEU C 536 -25.64 -30.49 -24.11
C LEU C 536 -26.98 -31.22 -24.04
N LYS C 537 -27.15 -32.29 -24.86
CA LYS C 537 -28.32 -33.18 -24.81
C LYS C 537 -28.63 -33.59 -23.40
N LYS C 538 -27.72 -34.38 -22.79
CA LYS C 538 -27.92 -34.94 -21.46
C LYS C 538 -28.09 -33.87 -20.40
N ALA C 539 -27.39 -32.73 -20.53
CA ALA C 539 -27.47 -31.65 -19.55
C ALA C 539 -28.83 -30.96 -19.53
N MET C 540 -29.47 -30.82 -20.68
CA MET C 540 -30.79 -30.19 -20.77
C MET C 540 -31.94 -31.14 -20.40
N LYS C 541 -31.67 -32.44 -20.26
CA LYS C 541 -32.67 -33.39 -19.79
C LYS C 541 -32.96 -33.24 -18.30
N ASN C 542 -34.11 -33.79 -17.89
CA ASN C 542 -34.59 -33.78 -16.51
C ASN C 542 -34.85 -32.36 -16.02
N SER C 543 -35.65 -31.62 -16.79
CA SER C 543 -35.85 -30.18 -16.56
C SER C 543 -37.32 -29.73 -16.44
N VAL C 544 -38.25 -30.66 -16.23
CA VAL C 544 -39.67 -30.29 -16.22
C VAL C 544 -39.95 -29.24 -15.17
N GLY C 545 -40.69 -28.21 -15.52
CA GLY C 545 -40.98 -27.11 -14.63
C GLY C 545 -40.00 -25.95 -14.68
N LEU C 546 -38.81 -26.14 -15.24
CA LEU C 546 -37.81 -25.06 -15.27
C LEU C 546 -38.14 -24.00 -16.30
N PRO C 547 -37.71 -22.75 -16.05
CA PRO C 547 -38.12 -21.63 -16.92
C PRO C 547 -37.35 -21.59 -18.21
N VAL C 548 -38.02 -21.05 -19.23
CA VAL C 548 -37.48 -20.86 -20.57
C VAL C 548 -37.70 -19.41 -20.98
N ALA C 549 -36.74 -18.85 -21.70
CA ALA C 549 -36.77 -17.43 -22.08
C ALA C 549 -36.60 -17.26 -23.57
N VAL C 550 -36.72 -16.01 -24.01
CA VAL C 550 -36.36 -15.57 -25.35
C VAL C 550 -35.51 -14.32 -25.19
N GLN C 551 -34.64 -14.10 -26.16
CA GLN C 551 -33.76 -12.96 -26.20
C GLN C 551 -34.36 -11.88 -27.10
N CYS C 552 -34.28 -10.63 -26.65
CA CYS C 552 -34.73 -9.45 -27.38
C CYS C 552 -33.51 -8.66 -27.75
N VAL C 553 -33.46 -8.14 -28.97
CA VAL C 553 -32.29 -7.41 -29.47
C VAL C 553 -32.69 -6.13 -30.17
N ALA C 554 -31.88 -5.07 -29.99
CA ALA C 554 -31.97 -3.83 -30.77
C ALA C 554 -30.60 -3.40 -31.27
N LEU C 555 -30.57 -2.30 -32.04
CA LEU C 555 -29.23 -1.90 -32.44
C LEU C 555 -28.59 -1.04 -31.37
N PRO C 556 -27.27 -0.84 -31.48
CA PRO C 556 -26.48 -0.05 -30.52
C PRO C 556 -27.14 1.23 -30.06
N TRP C 557 -27.05 1.51 -28.75
CA TRP C 557 -27.64 2.68 -28.07
C TRP C 557 -29.17 2.71 -28.02
N GLN C 558 -29.85 1.64 -28.43
CA GLN C 558 -31.29 1.52 -28.40
C GLN C 558 -31.67 0.57 -27.26
N GLU C 559 -31.14 0.84 -26.08
CA GLU C 559 -31.48 0.09 -24.87
C GLU C 559 -32.93 0.29 -24.52
N GLU C 560 -33.37 1.56 -24.50
CA GLU C 560 -34.76 1.88 -24.22
C GLU C 560 -35.75 1.18 -25.15
N LEU C 561 -35.41 1.03 -26.44
CA LEU C 561 -36.26 0.30 -27.40
C LEU C 561 -36.25 -1.19 -27.12
N CYS C 562 -35.04 -1.74 -26.95
CA CYS C 562 -34.85 -3.10 -26.51
C CYS C 562 -35.71 -3.40 -25.30
N LEU C 563 -35.76 -2.48 -24.34
CA LEU C 563 -36.58 -2.63 -23.12
C LEU C 563 -38.07 -2.49 -23.41
N ARG C 564 -38.44 -1.60 -24.33
CA ARG C 564 -39.82 -1.48 -24.78
C ARG C 564 -40.33 -2.78 -25.39
N PHE C 565 -39.49 -3.44 -26.20
CA PHE C 565 -39.82 -4.71 -26.81
C PHE C 565 -39.98 -5.80 -25.77
N MET C 566 -39.01 -5.90 -24.84
CA MET C 566 -39.08 -6.85 -23.72
C MET C 566 -40.33 -6.67 -22.86
N ARG C 567 -40.78 -5.43 -22.65
CA ARG C 567 -41.99 -5.14 -21.89
C ARG C 567 -43.24 -5.73 -22.54
N GLU C 568 -43.36 -5.65 -23.86
CA GLU C 568 -44.55 -6.21 -24.46
C GLU C 568 -44.44 -7.75 -24.56
N VAL C 569 -43.23 -8.29 -24.71
CA VAL C 569 -43.03 -9.75 -24.64
C VAL C 569 -43.43 -10.28 -23.28
N GLU C 570 -43.00 -9.58 -22.21
CA GLU C 570 -43.44 -9.84 -20.85
C GLU C 570 -44.95 -9.78 -20.76
N GLN C 571 -45.52 -8.67 -21.24
CA GLN C 571 -46.95 -8.41 -21.12
C GLN C 571 -47.78 -9.42 -21.89
N LEU C 572 -47.27 -9.92 -23.00
CA LEU C 572 -48.02 -10.89 -23.78
C LEU C 572 -47.65 -12.35 -23.49
N MET C 573 -46.80 -12.62 -22.49
CA MET C 573 -46.51 -13.99 -22.06
C MET C 573 -46.59 -14.21 -20.53
N THR C 574 -47.18 -13.28 -19.76
CA THR C 574 -47.64 -13.57 -18.40
C THR C 574 -49.01 -14.20 -18.53
N PRO C 575 -49.18 -15.51 -18.17
CA PRO C 575 -50.51 -16.14 -18.23
C PRO C 575 -51.43 -15.70 -17.08
N GLY D 34 10.66 -2.15 -60.40
CA GLY D 34 9.24 -2.17 -59.98
C GLY D 34 8.66 -0.82 -59.59
N ARG D 35 8.97 0.24 -60.34
CA ARG D 35 8.24 1.49 -60.12
C ARG D 35 7.76 2.11 -61.42
N GLN D 36 7.46 1.25 -62.39
CA GLN D 36 6.91 1.82 -63.59
C GLN D 36 5.39 2.03 -63.44
N LYS D 37 4.66 1.08 -62.85
CA LYS D 37 3.23 1.45 -62.63
C LYS D 37 3.04 2.64 -61.66
N ALA D 38 4.03 2.95 -60.81
CA ALA D 38 3.95 4.14 -59.93
C ALA D 38 3.94 5.45 -60.69
N ARG D 39 4.72 5.57 -61.77
CA ARG D 39 4.63 6.82 -62.51
C ARG D 39 3.49 6.77 -63.54
N GLY D 40 3.10 5.56 -63.97
CA GLY D 40 1.81 5.40 -64.63
C GLY D 40 0.65 5.93 -63.81
N ALA D 41 0.73 5.75 -62.50
CA ALA D 41 -0.29 6.29 -61.58
C ALA D 41 -0.30 7.81 -61.56
N ALA D 42 0.86 8.42 -61.42
CA ALA D 42 0.96 9.88 -61.28
C ALA D 42 0.44 10.60 -62.51
N THR D 43 0.71 10.07 -63.71
CA THR D 43 0.29 10.76 -64.92
C THR D 43 -1.25 10.78 -65.04
N ARG D 44 -1.92 9.66 -64.70
CA ARG D 44 -3.41 9.65 -64.69
C ARG D 44 -3.98 10.65 -63.68
N ALA D 45 -3.43 10.66 -62.46
CA ALA D 45 -3.91 11.57 -61.43
C ALA D 45 -3.82 13.03 -61.87
N ARG D 46 -2.76 13.38 -62.64
CA ARG D 46 -2.52 14.77 -63.03
C ARG D 46 -3.45 15.24 -64.16
N GLN D 47 -3.74 14.33 -65.12
CA GLN D 47 -4.76 14.47 -66.17
C GLN D 47 -6.09 14.75 -65.58
N LYS D 48 -6.52 13.82 -64.71
CA LYS D 48 -7.77 13.86 -63.99
C LYS D 48 -7.91 15.15 -63.21
N GLN D 49 -6.81 15.60 -62.59
CA GLN D 49 -6.72 16.92 -61.97
C GLN D 49 -6.86 18.04 -62.99
N ARG D 50 -6.14 17.96 -64.12
CA ARG D 50 -6.27 18.98 -65.18
C ARG D 50 -7.69 19.04 -65.73
N ALA D 51 -8.23 17.86 -66.07
CA ALA D 51 -9.61 17.72 -66.56
C ALA D 51 -10.61 18.33 -65.61
N SER D 52 -10.48 18.02 -64.31
CA SER D 52 -11.34 18.56 -63.25
C SER D 52 -11.29 20.08 -63.20
N LEU D 53 -10.08 20.64 -63.29
CA LEU D 53 -9.90 22.09 -63.25
C LEU D 53 -10.39 22.77 -64.52
N GLU D 54 -10.12 22.17 -65.69
CA GLU D 54 -10.65 22.70 -66.96
C GLU D 54 -12.17 22.62 -66.99
N THR D 55 -12.74 21.54 -66.41
CA THR D 55 -14.19 21.42 -66.24
C THR D 55 -14.74 22.49 -65.33
N MET D 56 -14.02 22.77 -64.21
CA MET D 56 -14.40 23.84 -63.29
C MET D 56 -14.35 25.20 -63.97
N ASP D 57 -13.31 25.43 -64.77
CA ASP D 57 -13.15 26.72 -65.46
C ASP D 57 -14.24 26.94 -66.49
N LYS D 58 -14.56 25.91 -67.28
CA LYS D 58 -15.60 26.10 -68.28
C LYS D 58 -17.00 26.27 -67.64
N ALA D 59 -17.24 25.67 -66.47
CA ALA D 59 -18.50 25.87 -65.73
C ALA D 59 -18.69 27.30 -65.23
N VAL D 60 -17.64 27.87 -64.62
CA VAL D 60 -17.69 29.23 -64.03
C VAL D 60 -17.83 30.28 -65.09
N GLN D 61 -17.18 30.10 -66.26
CA GLN D 61 -17.27 31.02 -67.39
C GLN D 61 -18.67 31.02 -68.00
N ARG D 62 -19.26 29.84 -68.25
CA ARG D 62 -20.60 29.82 -68.83
C ARG D 62 -21.62 30.50 -67.89
N PHE D 63 -21.45 30.32 -66.58
CA PHE D 63 -22.24 31.07 -65.58
C PHE D 63 -21.93 32.55 -65.57
N ARG D 64 -20.65 32.94 -65.73
CA ARG D 64 -20.19 34.35 -65.57
C ARG D 64 -20.54 35.31 -66.73
N LEU D 65 -20.58 34.80 -67.99
CA LEU D 65 -21.10 35.47 -69.21
C LEU D 65 -22.52 35.94 -69.01
N GLN D 66 -23.29 35.03 -68.44
CA GLN D 66 -24.60 35.27 -67.94
C GLN D 66 -24.45 35.78 -66.51
N ASN D 67 -25.52 36.29 -65.88
CA ASN D 67 -25.41 36.79 -64.48
C ASN D 67 -24.31 37.83 -64.27
N PRO D 68 -24.11 38.76 -65.21
CA PRO D 68 -22.83 39.53 -65.25
C PRO D 68 -22.68 40.58 -64.15
N ASP D 69 -23.75 40.91 -63.42
CA ASP D 69 -23.73 41.96 -62.39
C ASP D 69 -23.89 41.42 -60.97
N LEU D 70 -23.80 40.10 -60.78
CA LEU D 70 -23.83 39.53 -59.44
C LEU D 70 -22.53 39.93 -58.74
N ASP D 71 -22.64 40.63 -57.61
CA ASP D 71 -21.47 41.05 -56.81
C ASP D 71 -20.92 39.85 -56.05
N SER D 72 -19.93 39.19 -56.69
CA SER D 72 -19.32 37.97 -56.16
C SER D 72 -18.37 38.28 -55.00
N GLU D 73 -17.59 39.36 -55.07
CA GLU D 73 -16.68 39.52 -53.95
C GLU D 73 -17.40 40.00 -52.65
N ALA D 74 -18.64 40.48 -52.75
CA ALA D 74 -19.48 40.61 -51.52
C ALA D 74 -19.94 39.25 -51.03
N LEU D 75 -20.48 38.44 -51.96
CA LEU D 75 -21.01 37.11 -51.65
C LEU D 75 -19.97 36.22 -51.00
N LEU D 76 -18.76 36.17 -51.55
CA LEU D 76 -17.74 35.27 -50.98
C LEU D 76 -17.29 35.72 -49.58
N THR D 77 -17.32 37.01 -49.30
CA THR D 77 -16.96 37.72 -48.05
C THR D 77 -17.93 37.53 -46.90
N LEU D 78 -19.14 37.05 -47.16
CA LEU D 78 -20.16 36.89 -46.11
C LEU D 78 -19.77 35.79 -45.14
N PRO D 79 -20.15 35.90 -43.84
CA PRO D 79 -20.01 34.75 -42.93
C PRO D 79 -21.05 33.68 -43.25
N LEU D 80 -20.71 32.42 -42.90
CA LEU D 80 -21.54 31.28 -43.31
C LEU D 80 -22.94 31.29 -42.73
N LEU D 81 -23.15 31.92 -41.55
CA LEU D 81 -24.52 32.05 -41.00
C LEU D 81 -25.41 32.96 -41.85
N GLN D 82 -24.84 34.10 -42.28
CA GLN D 82 -25.34 35.06 -43.28
C GLN D 82 -25.75 34.42 -44.55
N LEU D 83 -24.80 33.63 -45.06
CA LEU D 83 -24.89 32.93 -46.33
C LEU D 83 -26.03 31.95 -46.34
N VAL D 84 -26.07 31.05 -45.32
CA VAL D 84 -27.18 30.10 -45.23
C VAL D 84 -28.53 30.81 -44.92
N GLN D 85 -28.49 31.90 -44.14
CA GLN D 85 -29.70 32.71 -43.93
C GLN D 85 -30.24 33.25 -45.24
N LYS D 86 -29.36 33.85 -46.05
CA LYS D 86 -29.77 34.43 -47.34
C LYS D 86 -30.06 33.33 -48.36
N LEU D 87 -29.41 32.18 -48.24
CA LEU D 87 -29.79 31.00 -49.02
C LEU D 87 -31.17 30.49 -48.64
N GLN D 88 -31.49 30.54 -47.34
CA GLN D 88 -32.79 30.08 -46.81
C GLN D 88 -33.91 31.05 -47.14
N SER D 89 -33.65 32.36 -47.07
CA SER D 89 -34.65 33.39 -47.34
C SER D 89 -35.08 33.44 -48.79
N GLY D 90 -34.25 32.89 -49.70
CA GLY D 90 -34.45 32.97 -51.13
C GLY D 90 -33.74 34.15 -51.76
N GLU D 91 -32.97 34.90 -50.97
CA GLU D 91 -32.31 36.12 -51.45
C GLU D 91 -31.21 35.79 -52.44
N LEU D 92 -30.25 34.96 -52.04
CA LEU D 92 -29.17 34.51 -52.90
C LEU D 92 -29.54 33.11 -53.37
N SER D 93 -29.36 32.86 -54.67
CA SER D 93 -29.68 31.54 -55.22
C SER D 93 -28.60 30.52 -54.84
N PRO D 94 -28.95 29.21 -54.87
CA PRO D 94 -27.92 28.16 -54.71
C PRO D 94 -26.90 28.13 -55.83
N GLU D 95 -27.34 28.42 -57.06
CA GLU D 95 -26.46 28.44 -58.22
C GLU D 95 -25.47 29.59 -58.11
N ALA D 96 -25.96 30.76 -57.67
CA ALA D 96 -25.11 31.92 -57.44
C ALA D 96 -23.94 31.56 -56.57
N VAL D 97 -24.22 31.01 -55.37
CA VAL D 97 -23.15 30.72 -54.39
C VAL D 97 -22.22 29.60 -54.87
N PHE D 98 -22.75 28.58 -55.55
CA PHE D 98 -21.96 27.43 -55.96
C PHE D 98 -20.94 27.78 -57.01
N PHE D 99 -21.38 28.37 -58.12
CA PHE D 99 -20.48 28.76 -59.21
C PHE D 99 -19.60 29.97 -58.87
N THR D 100 -20.02 30.81 -57.93
CA THR D 100 -19.15 31.88 -57.41
C THR D 100 -17.97 31.30 -56.70
N TYR D 101 -18.24 30.44 -55.69
CA TYR D 101 -17.19 29.75 -54.94
C TYR D 101 -16.36 28.84 -55.85
N LEU D 102 -17.01 28.15 -56.79
CA LEU D 102 -16.30 27.29 -57.74
C LEU D 102 -15.27 28.08 -58.55
N GLY D 103 -15.57 29.37 -58.82
CA GLY D 103 -14.61 30.26 -59.44
C GLY D 103 -13.47 30.58 -58.51
N LYS D 104 -13.79 31.01 -57.29
CA LYS D 104 -12.78 31.35 -56.29
C LYS D 104 -11.84 30.18 -55.98
N ALA D 105 -12.38 28.95 -55.91
CA ALA D 105 -11.60 27.73 -55.66
C ALA D 105 -10.61 27.45 -56.77
N TRP D 106 -11.10 27.48 -58.03
CA TRP D 106 -10.26 27.34 -59.22
C TRP D 106 -9.11 28.34 -59.24
N GLU D 107 -9.39 29.59 -58.84
CA GLU D 107 -8.40 30.66 -58.83
C GLU D 107 -7.33 30.43 -57.78
N VAL D 108 -7.76 30.22 -56.52
CA VAL D 108 -6.81 30.04 -55.41
C VAL D 108 -6.03 28.72 -55.53
N ASN D 109 -6.56 27.75 -56.27
CA ASN D 109 -5.82 26.50 -56.53
C ASN D 109 -4.56 26.71 -57.37
N LYS D 110 -4.56 27.71 -58.26
CA LYS D 110 -3.37 27.93 -59.09
C LYS D 110 -2.14 28.22 -58.20
N GLY D 111 -2.30 29.06 -57.16
CA GLY D 111 -1.22 29.32 -56.21
C GLY D 111 -0.96 28.25 -55.15
N THR D 112 -2.01 27.55 -54.68
CA THR D 112 -1.91 26.61 -53.55
C THR D 112 -1.75 25.13 -53.95
N ASN D 113 -2.43 24.67 -55.02
CA ASN D 113 -2.45 23.25 -55.42
C ASN D 113 -3.13 22.37 -54.36
N CYS D 114 -4.35 22.76 -53.96
CA CYS D 114 -5.11 21.99 -52.98
C CYS D 114 -6.17 21.06 -53.59
N VAL D 115 -6.80 21.44 -54.72
CA VAL D 115 -7.84 20.61 -55.34
C VAL D 115 -7.16 19.45 -56.10
N THR D 116 -7.55 18.21 -55.79
CA THR D 116 -7.16 17.03 -56.57
C THR D 116 -8.23 16.63 -57.58
N SER D 117 -9.49 16.91 -57.27
CA SER D 117 -10.62 16.44 -58.06
C SER D 117 -11.88 17.29 -57.85
N TYR D 118 -12.63 17.46 -58.93
CA TYR D 118 -13.91 18.17 -58.96
C TYR D 118 -15.00 17.11 -58.98
N LEU D 119 -15.89 17.14 -58.01
CA LEU D 119 -16.86 16.04 -57.81
C LEU D 119 -18.03 16.21 -58.77
N THR D 120 -17.76 16.01 -60.09
CA THR D 120 -18.54 16.68 -61.19
C THR D 120 -20.07 16.45 -61.21
N ASP D 121 -20.56 15.42 -60.52
CA ASP D 121 -22.00 15.20 -60.30
C ASP D 121 -22.68 16.17 -59.30
N CYS D 122 -21.89 17.02 -58.63
CA CYS D 122 -22.23 18.10 -57.68
C CYS D 122 -23.32 19.07 -58.14
N GLU D 123 -23.28 19.37 -59.44
CA GLU D 123 -24.24 20.26 -60.09
C GLU D 123 -25.66 19.66 -60.14
N THR D 124 -25.78 18.32 -60.18
CA THR D 124 -27.10 17.70 -60.09
C THR D 124 -27.58 17.61 -58.61
N GLN D 125 -26.65 17.37 -57.67
CA GLN D 125 -26.95 17.50 -56.22
C GLN D 125 -27.35 18.93 -55.85
N LEU D 126 -26.81 19.92 -56.57
CA LEU D 126 -27.15 21.33 -56.36
C LEU D 126 -28.64 21.62 -56.59
N SER D 127 -29.24 20.95 -57.58
CA SER D 127 -30.64 20.95 -58.05
C SER D 127 -31.64 20.28 -57.09
N GLN D 128 -31.18 19.12 -56.59
CA GLN D 128 -31.85 18.07 -55.83
C GLN D 128 -31.76 18.24 -54.29
N ALA D 129 -31.13 19.32 -53.81
CA ALA D 129 -30.80 19.42 -52.37
C ALA D 129 -32.05 19.63 -51.52
N PRO D 130 -32.17 18.94 -50.37
CA PRO D 130 -33.31 19.21 -49.46
C PRO D 130 -33.33 20.64 -48.93
N ARG D 131 -34.47 21.34 -49.11
CA ARG D 131 -34.35 22.77 -48.85
C ARG D 131 -34.64 23.17 -47.36
N GLN D 132 -35.39 22.39 -46.59
CA GLN D 132 -35.46 22.69 -45.13
C GLN D 132 -34.20 22.26 -44.35
N GLY D 133 -33.25 21.60 -45.04
CA GLY D 133 -31.97 21.22 -44.42
C GLY D 133 -31.11 22.40 -44.00
N LEU D 134 -30.33 22.19 -42.93
CA LEU D 134 -29.60 23.28 -42.25
C LEU D 134 -28.39 23.79 -43.03
N LEU D 135 -27.96 23.11 -44.08
CA LEU D 135 -26.88 23.53 -44.97
C LEU D 135 -27.30 23.63 -46.43
N TYR D 136 -28.57 23.95 -46.68
CA TYR D 136 -29.13 24.06 -48.04
C TYR D 136 -28.30 24.97 -48.94
N GLY D 137 -27.70 24.38 -49.97
CA GLY D 137 -26.91 25.10 -50.96
C GLY D 137 -25.62 25.66 -50.43
N VAL D 138 -24.96 24.96 -49.51
CA VAL D 138 -23.64 25.31 -49.02
C VAL D 138 -22.60 24.50 -49.74
N PRO D 139 -21.68 25.10 -50.50
CA PRO D 139 -20.50 24.37 -50.98
C PRO D 139 -19.66 23.87 -49.82
N VAL D 140 -19.28 22.59 -49.86
CA VAL D 140 -18.45 21.96 -48.84
C VAL D 140 -17.27 21.24 -49.52
N SER D 141 -16.05 21.58 -49.13
CA SER D 141 -14.85 20.90 -49.62
C SER D 141 -14.61 19.68 -48.76
N LEU D 142 -14.23 18.56 -49.36
CA LEU D 142 -13.93 17.39 -48.58
C LEU D 142 -12.49 16.98 -48.76
N LYS D 143 -11.90 16.58 -47.64
CA LYS D 143 -10.59 15.98 -47.61
C LYS D 143 -10.67 14.70 -48.43
N GLU D 144 -9.58 14.38 -49.15
CA GLU D 144 -9.61 13.28 -50.14
C GLU D 144 -10.03 11.93 -49.56
N CYS D 145 -9.63 11.64 -48.33
CA CYS D 145 -9.91 10.36 -47.66
C CYS D 145 -11.39 10.10 -47.37
N PHE D 146 -12.23 11.13 -47.41
CA PHE D 146 -13.69 10.95 -47.36
C PHE D 146 -14.15 10.38 -48.69
N SER D 147 -14.78 9.18 -48.68
CA SER D 147 -15.22 8.55 -49.91
C SER D 147 -16.33 9.35 -50.58
N TYR D 148 -16.20 9.51 -51.89
CA TYR D 148 -17.21 10.09 -52.75
C TYR D 148 -17.48 9.10 -53.87
N LYS D 149 -18.72 9.01 -54.30
CA LYS D 149 -19.12 7.97 -55.27
C LYS D 149 -18.49 8.21 -56.66
N GLY D 150 -17.72 7.23 -57.11
CA GLY D 150 -17.07 7.28 -58.42
C GLY D 150 -15.78 8.05 -58.46
N HIS D 151 -15.15 8.31 -57.31
CA HIS D 151 -13.88 9.02 -57.24
C HIS D 151 -12.85 8.21 -56.46
N ASP D 152 -11.59 8.33 -56.85
CA ASP D 152 -10.49 7.76 -56.07
C ASP D 152 -10.34 8.59 -54.80
N SER D 153 -10.13 7.88 -53.68
CA SER D 153 -9.50 8.47 -52.49
C SER D 153 -8.09 7.85 -52.42
N THR D 154 -7.15 8.49 -53.12
CA THR D 154 -5.82 7.90 -53.30
C THR D 154 -4.94 7.95 -52.05
N LEU D 155 -5.14 8.96 -51.20
CA LEU D 155 -4.23 9.42 -50.13
C LEU D 155 -2.80 9.55 -50.61
N GLY D 156 -2.66 9.92 -51.88
CA GLY D 156 -1.37 10.02 -52.55
C GLY D 156 -0.62 8.73 -52.75
N LEU D 157 -1.27 7.58 -52.61
CA LEU D 157 -0.65 6.28 -52.76
C LEU D 157 -0.99 5.64 -54.10
N SER D 158 0.00 4.95 -54.68
CA SER D 158 -0.10 4.39 -56.04
C SER D 158 -1.15 3.31 -56.17
N LEU D 159 -1.34 2.51 -55.11
CA LEU D 159 -2.25 1.37 -55.20
C LEU D 159 -3.72 1.82 -55.16
N ASN D 160 -4.02 2.96 -54.52
CA ASN D 160 -5.39 3.48 -54.42
C ASN D 160 -5.86 4.26 -55.65
N GLU D 161 -5.01 4.39 -56.67
CA GLU D 161 -5.41 4.95 -57.95
C GLU D 161 -6.08 3.87 -58.78
N GLY D 162 -7.14 4.26 -59.50
CA GLY D 162 -7.93 3.32 -60.30
C GLY D 162 -8.76 2.43 -59.43
N MET D 163 -9.16 2.92 -58.27
CA MET D 163 -9.95 2.19 -57.29
C MET D 163 -11.08 3.10 -56.83
N PRO D 164 -12.04 3.41 -57.71
CA PRO D 164 -13.10 4.37 -57.37
C PRO D 164 -13.99 3.80 -56.29
N SER D 165 -14.45 4.69 -55.40
CA SER D 165 -15.37 4.33 -54.32
C SER D 165 -16.72 3.92 -54.93
N GLU D 166 -17.28 2.77 -54.51
CA GLU D 166 -18.61 2.36 -55.01
C GLU D 166 -19.77 3.09 -54.31
N SER D 167 -19.50 3.92 -53.30
CA SER D 167 -20.55 4.62 -52.55
C SER D 167 -19.99 5.75 -51.71
N ASP D 168 -20.84 6.76 -51.46
CA ASP D 168 -20.50 7.86 -50.56
C ASP D 168 -20.34 7.37 -49.13
N CYS D 169 -19.35 7.92 -48.42
CA CYS D 169 -19.19 7.65 -46.99
C CYS D 169 -20.32 8.33 -46.24
N VAL D 170 -20.49 7.94 -44.97
CA VAL D 170 -21.71 8.30 -44.22
C VAL D 170 -21.86 9.81 -44.07
N VAL D 171 -20.84 10.52 -43.56
CA VAL D 171 -20.96 11.98 -43.33
C VAL D 171 -21.32 12.76 -44.61
N VAL D 172 -20.75 12.35 -45.76
CA VAL D 172 -21.10 12.94 -47.04
C VAL D 172 -22.58 12.82 -47.31
N GLN D 173 -23.16 11.63 -47.05
CA GLN D 173 -24.61 11.42 -47.20
C GLN D 173 -25.40 12.31 -46.29
N VAL D 174 -24.92 12.52 -45.06
CA VAL D 174 -25.67 13.35 -44.13
C VAL D 174 -25.55 14.81 -44.52
N LEU D 175 -24.38 15.22 -45.04
CA LEU D 175 -24.25 16.58 -45.59
C LEU D 175 -25.20 16.80 -46.75
N LYS D 176 -25.31 15.80 -47.65
CA LYS D 176 -26.21 15.91 -48.81
C LYS D 176 -27.66 15.92 -48.36
N LEU D 177 -28.01 15.00 -47.44
CA LEU D 177 -29.35 14.97 -46.86
C LEU D 177 -29.65 16.23 -46.08
N GLN D 178 -28.62 16.92 -45.59
CA GLN D 178 -28.76 18.24 -44.96
C GLN D 178 -28.65 19.41 -45.93
N GLY D 179 -28.51 19.14 -47.23
CA GLY D 179 -28.61 20.17 -48.28
C GLY D 179 -27.32 20.78 -48.77
N ALA D 180 -26.18 20.43 -48.18
CA ALA D 180 -24.90 20.92 -48.62
C ALA D 180 -24.50 20.26 -49.94
N VAL D 181 -23.56 20.91 -50.63
CA VAL D 181 -23.10 20.33 -51.88
C VAL D 181 -21.62 20.20 -51.83
N PRO D 182 -21.17 18.97 -51.59
CA PRO D 182 -19.76 18.62 -51.69
C PRO D 182 -19.29 18.75 -53.12
N PHE D 183 -18.19 19.49 -53.33
CA PHE D 183 -17.73 19.82 -54.70
C PHE D 183 -16.26 19.57 -55.02
N VAL D 184 -15.37 19.45 -54.04
CA VAL D 184 -13.96 19.20 -54.31
C VAL D 184 -13.33 18.21 -53.33
N HIS D 185 -12.35 17.45 -53.85
CA HIS D 185 -11.54 16.55 -53.05
C HIS D 185 -10.18 17.22 -52.89
N THR D 186 -9.94 17.83 -51.74
CA THR D 186 -8.71 18.55 -51.48
C THR D 186 -7.56 17.59 -51.16
N ASN D 187 -6.33 18.11 -51.28
CA ASN D 187 -5.12 17.29 -51.25
C ASN D 187 -4.70 16.91 -49.83
N VAL D 188 -3.99 15.77 -49.73
CA VAL D 188 -3.39 15.29 -48.48
C VAL D 188 -1.95 14.89 -48.74
N PRO D 189 -1.13 14.80 -47.68
CA PRO D 189 0.19 14.19 -47.82
C PRO D 189 0.05 12.70 -47.96
N GLN D 190 0.98 12.09 -48.72
CA GLN D 190 1.03 10.64 -48.94
C GLN D 190 0.82 9.86 -47.63
N SER D 191 -0.14 8.92 -47.64
CA SER D 191 -0.51 8.12 -46.47
C SER D 191 -1.21 8.86 -45.32
N MET D 192 -1.10 10.19 -45.26
CA MET D 192 -1.68 11.08 -44.23
C MET D 192 -0.98 11.03 -42.86
N PHE D 193 0.16 10.36 -42.75
CA PHE D 193 0.95 10.36 -41.50
C PHE D 193 2.05 11.43 -41.55
N SER D 194 1.64 12.69 -41.75
CA SER D 194 2.53 13.82 -41.83
C SER D 194 1.72 15.10 -41.79
N TYR D 195 2.21 16.13 -41.07
CA TYR D 195 1.53 17.42 -41.03
C TYR D 195 2.08 18.42 -42.05
N ASP D 196 2.79 17.92 -43.06
CA ASP D 196 3.01 18.62 -44.32
C ASP D 196 1.89 18.18 -45.25
N CYS D 197 1.93 18.56 -46.53
CA CYS D 197 0.87 18.19 -47.50
C CYS D 197 1.46 18.05 -48.91
N SER D 198 2.12 16.91 -49.16
CA SER D 198 2.70 16.61 -50.46
C SER D 198 2.67 15.11 -50.76
N ASN D 199 2.33 14.75 -52.01
CA ASN D 199 2.37 13.36 -52.47
C ASN D 199 2.82 13.27 -53.92
N PRO D 200 3.35 12.11 -54.38
CA PRO D 200 3.85 12.00 -55.76
C PRO D 200 2.78 12.11 -56.84
N LEU D 201 1.50 11.90 -56.53
CA LEU D 201 0.45 11.88 -57.56
C LEU D 201 0.03 13.29 -57.93
N PHE D 202 -0.51 14.05 -56.96
CA PHE D 202 -1.01 15.40 -57.19
C PHE D 202 0.00 16.47 -56.79
N GLY D 203 1.16 16.07 -56.28
CA GLY D 203 2.24 16.99 -55.98
C GLY D 203 2.14 17.60 -54.61
N GLN D 204 2.67 18.83 -54.48
CA GLN D 204 2.75 19.46 -53.17
C GLN D 204 1.87 20.66 -53.06
N THR D 205 1.13 20.71 -51.95
CA THR D 205 0.23 21.80 -51.58
C THR D 205 0.97 22.84 -50.75
N MET D 206 0.60 24.13 -50.93
CA MET D 206 1.28 25.27 -50.36
C MET D 206 0.33 26.20 -49.60
N ASN D 207 0.91 26.96 -48.66
CA ASN D 207 0.16 27.84 -47.78
C ASN D 207 -0.23 29.09 -48.56
N PRO D 208 -1.50 29.53 -48.50
CA PRO D 208 -1.92 30.75 -49.23
C PRO D 208 -1.31 32.04 -48.73
N TRP D 209 -0.95 32.12 -47.44
CA TRP D 209 -0.31 33.30 -46.87
C TRP D 209 1.13 33.48 -47.37
N LYS D 210 1.88 32.38 -47.54
CA LYS D 210 3.28 32.45 -47.99
C LYS D 210 3.71 31.13 -48.60
N SER D 211 4.25 31.16 -49.82
CA SER D 211 4.31 29.85 -50.47
C SER D 211 5.60 29.06 -50.23
N SER D 212 6.53 29.59 -49.47
CA SER D 212 7.63 28.78 -48.93
C SER D 212 7.17 27.90 -47.79
N LYS D 213 6.03 28.26 -47.18
CA LYS D 213 5.43 27.67 -45.98
C LYS D 213 4.53 26.47 -46.34
N SER D 214 4.55 25.45 -45.47
CA SER D 214 3.55 24.37 -45.54
C SER D 214 2.16 24.88 -45.12
N PRO D 215 1.09 24.30 -45.63
CA PRO D 215 -0.29 24.64 -45.18
C PRO D 215 -0.75 23.85 -43.98
N GLY D 216 0.12 22.99 -43.41
CA GLY D 216 -0.27 22.05 -42.38
C GLY D 216 -0.85 20.82 -43.03
N GLY D 217 -1.11 19.79 -42.22
CA GLY D 217 -1.74 18.58 -42.74
C GLY D 217 -1.98 17.62 -41.60
N SER D 218 -2.49 16.40 -41.91
CA SER D 218 -2.78 15.91 -43.25
C SER D 218 -4.02 16.49 -43.97
N SER D 219 -4.83 17.29 -43.27
CA SER D 219 -5.96 18.02 -43.89
C SER D 219 -5.49 19.36 -44.47
N GLY D 220 -4.46 19.29 -45.33
CA GLY D 220 -3.71 20.45 -45.76
C GLY D 220 -4.37 21.20 -46.89
N GLY D 221 -4.89 20.44 -47.85
CA GLY D 221 -5.63 21.02 -48.95
C GLY D 221 -6.86 21.75 -48.48
N GLU D 222 -7.57 21.18 -47.51
CA GLU D 222 -8.70 21.85 -46.87
C GLU D 222 -8.28 23.19 -46.30
N GLY D 223 -7.19 23.19 -45.52
CA GLY D 223 -6.66 24.42 -44.90
C GLY D 223 -6.37 25.50 -45.91
N ALA D 224 -5.66 25.13 -46.99
CA ALA D 224 -5.27 26.06 -48.03
C ALA D 224 -6.47 26.62 -48.75
N LEU D 225 -7.45 25.77 -49.11
CA LEU D 225 -8.58 26.25 -49.88
C LEU D 225 -9.51 27.13 -49.04
N ILE D 226 -9.82 26.70 -47.82
CA ILE D 226 -10.67 27.52 -46.92
C ILE D 226 -9.94 28.77 -46.50
N GLY D 227 -8.63 28.62 -46.20
CA GLY D 227 -7.77 29.72 -45.80
C GLY D 227 -7.65 30.85 -46.81
N SER D 228 -7.80 30.54 -48.11
CA SER D 228 -7.79 31.53 -49.18
C SER D 228 -9.20 31.99 -49.60
N GLY D 229 -10.23 31.71 -48.79
CA GLY D 229 -11.60 32.15 -49.05
C GLY D 229 -12.37 31.39 -50.12
N GLY D 230 -11.85 30.25 -50.62
CA GLY D 230 -12.48 29.46 -51.68
C GLY D 230 -13.36 28.31 -51.25
N SER D 231 -13.72 28.24 -49.98
CA SER D 231 -14.70 27.30 -49.43
C SER D 231 -15.14 27.79 -48.06
N PRO D 232 -16.46 27.90 -47.81
CA PRO D 232 -16.93 28.40 -46.51
C PRO D 232 -16.92 27.33 -45.42
N LEU D 233 -16.95 26.06 -45.80
CA LEU D 233 -16.94 24.93 -44.89
C LEU D 233 -16.19 23.74 -45.49
N GLY D 234 -15.50 23.01 -44.64
CA GLY D 234 -14.82 21.80 -45.07
C GLY D 234 -14.82 20.73 -43.98
N LEU D 235 -14.48 19.51 -44.39
CA LEU D 235 -14.35 18.36 -43.50
C LEU D 235 -12.93 17.80 -43.56
N GLY D 236 -12.31 17.59 -42.38
CA GLY D 236 -11.02 16.96 -42.28
C GLY D 236 -11.04 15.75 -41.33
N THR D 237 -9.87 15.12 -41.18
CA THR D 237 -9.66 14.07 -40.18
C THR D 237 -8.41 14.35 -39.36
N ASP D 238 -8.51 14.19 -38.04
CA ASP D 238 -7.39 14.43 -37.14
C ASP D 238 -6.95 13.15 -36.46
N ILE D 239 -5.64 12.85 -36.57
CA ILE D 239 -5.05 11.70 -35.89
C ILE D 239 -3.84 12.05 -35.03
N GLY D 240 -3.06 13.06 -35.41
CA GLY D 240 -2.00 13.58 -34.55
C GLY D 240 -1.86 15.08 -34.69
N GLY D 241 -2.99 15.77 -34.82
CA GLY D 241 -3.04 17.19 -35.14
C GLY D 241 -3.49 17.51 -36.56
N SER D 242 -3.91 16.50 -37.32
CA SER D 242 -4.15 16.61 -38.77
C SER D 242 -5.26 17.60 -39.18
N ILE D 243 -6.21 17.93 -38.31
CA ILE D 243 -7.14 19.05 -38.49
C ILE D 243 -6.54 20.34 -37.94
N ARG D 244 -5.91 20.24 -36.76
CA ARG D 244 -5.52 21.44 -36.01
C ARG D 244 -4.29 22.13 -36.61
N PHE D 245 -3.32 21.36 -37.16
CA PHE D 245 -2.16 21.92 -37.85
C PHE D 245 -2.54 22.79 -39.01
N PRO D 246 -3.26 22.33 -40.04
CA PRO D 246 -3.65 23.21 -41.13
C PRO D 246 -4.61 24.32 -40.72
N SER D 247 -5.53 24.06 -39.78
CA SER D 247 -6.40 25.12 -39.24
C SER D 247 -5.61 26.29 -38.63
N ALA D 248 -4.54 25.98 -37.87
CA ALA D 248 -3.67 26.99 -37.30
C ALA D 248 -2.71 27.61 -38.33
N PHE D 249 -2.04 26.75 -39.11
CA PHE D 249 -1.02 27.17 -40.08
C PHE D 249 -1.57 28.10 -41.14
N CYS D 250 -2.85 27.94 -41.50
CA CYS D 250 -3.52 28.76 -42.52
C CYS D 250 -4.51 29.78 -41.94
N GLY D 251 -4.69 29.84 -40.63
CA GLY D 251 -5.44 30.92 -40.00
C GLY D 251 -6.94 30.81 -40.06
N ILE D 252 -7.47 29.63 -39.79
CA ILE D 252 -8.90 29.35 -39.75
C ILE D 252 -9.23 28.63 -38.44
N CYS D 253 -10.49 28.19 -38.27
CA CYS D 253 -10.88 27.43 -37.10
C CYS D 253 -11.14 25.99 -37.47
N GLY D 254 -10.83 25.08 -36.56
CA GLY D 254 -11.18 23.67 -36.71
C GLY D 254 -11.36 22.98 -35.38
N LEU D 255 -12.14 21.88 -35.39
CA LEU D 255 -12.51 21.16 -34.18
C LEU D 255 -12.35 19.67 -34.38
N LYS D 256 -11.58 19.02 -33.51
CA LYS D 256 -11.46 17.58 -33.44
C LYS D 256 -12.40 17.12 -32.35
N PRO D 257 -13.55 16.53 -32.69
CA PRO D 257 -14.42 15.99 -31.64
C PRO D 257 -13.87 14.71 -31.01
N THR D 258 -14.64 14.19 -30.05
CA THR D 258 -14.34 12.91 -29.47
C THR D 258 -14.53 11.91 -30.59
N GLY D 259 -13.54 11.02 -30.78
CA GLY D 259 -13.54 10.00 -31.81
C GLY D 259 -14.91 9.58 -32.34
N ASN D 260 -15.69 8.93 -31.47
CA ASN D 260 -16.97 8.39 -31.87
C ASN D 260 -18.17 9.34 -31.67
N ARG D 261 -17.96 10.66 -31.72
CA ARG D 261 -19.06 11.60 -31.87
C ARG D 261 -19.59 11.60 -33.32
N LEU D 262 -18.73 11.27 -34.30
CA LEU D 262 -19.10 11.21 -35.72
C LEU D 262 -18.66 9.89 -36.38
N SER D 263 -19.34 9.56 -37.49
CA SER D 263 -19.15 8.26 -38.16
C SER D 263 -17.89 8.23 -39.02
N LYS D 264 -17.12 7.16 -38.88
CA LYS D 264 -15.90 6.89 -39.66
C LYS D 264 -16.15 5.86 -40.77
N SER D 265 -17.42 5.58 -41.06
CA SER D 265 -17.79 4.58 -42.06
C SER D 265 -17.59 5.18 -43.45
N GLY D 266 -16.80 4.48 -44.27
CA GLY D 266 -16.47 4.95 -45.61
C GLY D 266 -15.33 5.94 -45.68
N LEU D 267 -14.56 6.10 -44.62
CA LEU D 267 -13.32 6.87 -44.68
C LEU D 267 -12.17 5.96 -45.12
N LYS D 268 -11.35 6.44 -46.04
CA LYS D 268 -10.22 5.67 -46.57
C LYS D 268 -8.98 5.91 -45.73
N GLY D 269 -8.23 4.86 -45.45
CA GLY D 269 -6.99 4.99 -44.69
C GLY D 269 -6.01 3.87 -44.99
N CYS D 270 -4.79 4.03 -44.48
CA CYS D 270 -3.72 3.05 -44.65
C CYS D 270 -3.89 1.88 -43.71
N VAL D 271 -4.26 2.17 -42.47
CA VAL D 271 -4.37 1.20 -41.40
C VAL D 271 -5.84 1.06 -41.04
N TYR D 272 -6.29 -0.17 -40.79
CA TYR D 272 -7.59 -0.44 -40.21
C TYR D 272 -7.44 -1.39 -39.02
N GLY D 273 -8.30 -1.21 -38.01
CA GLY D 273 -8.27 -2.01 -36.79
C GLY D 273 -7.38 -1.51 -35.67
N GLN D 274 -6.60 -0.45 -35.91
CA GLN D 274 -5.83 0.23 -34.88
C GLN D 274 -6.80 1.09 -34.10
N THR D 275 -7.16 0.65 -32.90
CA THR D 275 -8.20 1.28 -32.08
C THR D 275 -7.65 1.93 -30.80
N ALA D 276 -6.34 1.87 -30.59
CA ALA D 276 -5.71 2.43 -29.39
C ALA D 276 -5.76 3.95 -29.42
N VAL D 277 -5.26 4.53 -30.51
CA VAL D 277 -5.39 5.95 -30.80
C VAL D 277 -6.35 6.04 -31.98
N GLN D 278 -7.60 6.40 -31.70
CA GLN D 278 -8.64 6.34 -32.72
C GLN D 278 -8.64 7.60 -33.56
N LEU D 279 -9.12 7.45 -34.80
CA LEU D 279 -9.23 8.58 -35.69
C LEU D 279 -10.46 9.39 -35.34
N SER D 280 -10.38 10.68 -35.64
CA SER D 280 -11.43 11.62 -35.38
C SER D 280 -11.58 12.50 -36.60
N LEU D 281 -12.78 13.02 -36.83
CA LEU D 281 -13.08 13.83 -38.00
C LEU D 281 -14.00 14.97 -37.61
N GLY D 282 -13.89 16.10 -38.31
CA GLY D 282 -14.65 17.27 -37.92
C GLY D 282 -14.49 18.46 -38.83
N PRO D 283 -15.23 19.53 -38.54
CA PRO D 283 -15.30 20.66 -39.47
C PRO D 283 -14.07 21.56 -39.41
N MET D 284 -13.91 22.32 -40.49
CA MET D 284 -12.96 23.42 -40.58
C MET D 284 -13.66 24.57 -41.29
N ALA D 285 -13.47 25.79 -40.80
CA ALA D 285 -14.22 26.95 -41.31
C ALA D 285 -13.63 28.26 -40.83
N ARG D 286 -13.94 29.34 -41.54
CA ARG D 286 -13.35 30.66 -41.25
C ARG D 286 -13.65 31.15 -39.85
N ASP D 287 -14.84 30.86 -39.32
CA ASP D 287 -15.17 31.19 -37.93
C ASP D 287 -15.67 29.99 -37.12
N VAL D 288 -15.80 30.21 -35.79
CA VAL D 288 -16.22 29.15 -34.87
C VAL D 288 -17.71 28.84 -35.03
N GLU D 289 -18.54 29.87 -35.28
CA GLU D 289 -19.99 29.69 -35.43
C GLU D 289 -20.35 28.74 -36.56
N SER D 290 -19.51 28.69 -37.60
CA SER D 290 -19.63 27.74 -38.71
C SER D 290 -19.36 26.30 -38.30
N LEU D 291 -18.39 26.10 -37.40
CA LEU D 291 -18.08 24.77 -36.88
C LEU D 291 -19.24 24.20 -36.09
N ALA D 292 -19.85 25.03 -35.25
CA ALA D 292 -21.01 24.65 -34.43
C ALA D 292 -22.24 24.36 -35.27
N LEU D 293 -22.48 25.17 -36.30
CA LEU D 293 -23.55 24.90 -37.24
C LEU D 293 -23.33 23.56 -37.94
N CYS D 294 -22.14 23.35 -38.52
CA CYS D 294 -21.84 22.10 -39.22
C CYS D 294 -22.07 20.89 -38.32
N LEU D 295 -21.51 20.93 -37.10
CA LEU D 295 -21.74 19.90 -36.11
C LEU D 295 -23.20 19.73 -35.76
N LYS D 296 -23.94 20.84 -35.62
CA LYS D 296 -25.38 20.74 -35.38
C LYS D 296 -26.06 20.05 -36.55
N ALA D 297 -25.59 20.32 -37.77
CA ALA D 297 -26.14 19.71 -38.99
C ALA D 297 -25.86 18.21 -39.08
N LEU D 298 -24.69 17.75 -38.63
CA LEU D 298 -24.32 16.34 -38.68
C LEU D 298 -24.95 15.52 -37.55
N LEU D 299 -25.10 16.09 -36.37
CA LEU D 299 -25.66 15.35 -35.23
C LEU D 299 -27.17 15.45 -35.25
N CYS D 300 -27.77 14.51 -36.00
CA CYS D 300 -29.22 14.44 -36.20
C CYS D 300 -29.62 13.04 -36.60
N GLU D 301 -30.95 12.79 -36.69
CA GLU D 301 -31.45 11.43 -36.87
C GLU D 301 -30.98 10.73 -38.15
N HIS D 302 -30.54 11.46 -39.17
CA HIS D 302 -29.93 10.85 -40.37
C HIS D 302 -28.63 10.11 -40.05
N LEU D 303 -27.68 10.79 -39.39
CA LEU D 303 -26.40 10.19 -39.03
C LEU D 303 -26.60 8.97 -38.15
N PHE D 304 -27.41 9.14 -37.12
CA PHE D 304 -27.61 8.11 -36.11
C PHE D 304 -28.31 6.90 -36.71
N THR D 305 -29.19 7.14 -37.69
CA THR D 305 -29.82 6.06 -38.46
C THR D 305 -28.85 5.42 -39.43
N LEU D 306 -28.05 6.23 -40.12
CA LEU D 306 -27.13 5.70 -41.14
C LEU D 306 -26.01 4.91 -40.51
N ASP D 307 -25.46 5.41 -39.39
CA ASP D 307 -24.49 4.70 -38.57
C ASP D 307 -24.94 4.70 -37.12
N PRO D 308 -25.73 3.66 -36.73
CA PRO D 308 -26.10 3.42 -35.33
C PRO D 308 -24.97 3.22 -34.33
N THR D 309 -23.76 2.87 -34.78
CA THR D 309 -22.63 2.69 -33.86
C THR D 309 -22.16 4.03 -33.27
N VAL D 310 -22.52 5.15 -33.87
CA VAL D 310 -22.34 6.48 -33.25
C VAL D 310 -23.38 6.68 -32.17
N PRO D 311 -23.02 7.02 -30.93
CA PRO D 311 -24.01 7.40 -29.90
C PRO D 311 -24.87 8.56 -30.27
N PRO D 312 -26.20 8.41 -30.20
CA PRO D 312 -27.12 9.45 -30.67
C PRO D 312 -27.19 10.64 -29.73
N LEU D 313 -26.12 11.45 -29.76
CA LEU D 313 -25.97 12.60 -28.90
C LEU D 313 -26.28 13.83 -29.71
N PRO D 314 -27.42 14.48 -29.52
CA PRO D 314 -27.71 15.67 -30.30
C PRO D 314 -26.90 16.84 -29.79
N PHE D 315 -26.56 17.76 -30.70
CA PHE D 315 -25.99 19.03 -30.34
C PHE D 315 -26.85 19.73 -29.29
N ARG D 316 -26.23 20.09 -28.15
CA ARG D 316 -26.90 20.81 -27.06
C ARG D 316 -26.61 22.30 -27.24
N GLU D 317 -27.51 23.00 -27.93
CA GLU D 317 -27.33 24.42 -28.17
C GLU D 317 -27.26 25.22 -26.84
N GLU D 318 -28.11 24.89 -25.84
CA GLU D 318 -28.03 25.48 -24.48
C GLU D 318 -26.60 25.63 -23.96
N VAL D 319 -25.81 24.56 -24.08
CA VAL D 319 -24.44 24.50 -23.60
C VAL D 319 -23.54 25.38 -24.42
N TYR D 320 -23.70 25.31 -25.75
CA TYR D 320 -22.92 26.12 -26.69
C TYR D 320 -23.14 27.60 -26.51
N ARG D 321 -24.37 28.01 -26.20
CA ARG D 321 -24.67 29.42 -26.08
C ARG D 321 -24.60 29.92 -24.64
N SER D 322 -24.14 29.09 -23.71
CA SER D 322 -23.95 29.54 -22.34
C SER D 322 -22.95 30.70 -22.30
N SER D 323 -23.17 31.63 -21.36
CA SER D 323 -22.23 32.71 -21.11
C SER D 323 -21.89 32.81 -19.62
N ARG D 324 -21.96 31.67 -18.91
CA ARG D 324 -21.52 31.66 -17.52
C ARG D 324 -20.00 31.61 -17.47
N PRO D 325 -19.39 32.22 -16.41
CA PRO D 325 -17.95 32.13 -16.21
C PRO D 325 -17.38 30.73 -16.28
N LEU D 326 -16.07 30.63 -16.59
CA LEU D 326 -15.40 29.38 -16.92
C LEU D 326 -14.12 29.24 -16.12
N ARG D 327 -13.93 28.06 -15.53
CA ARG D 327 -12.65 27.68 -14.95
C ARG D 327 -11.81 27.11 -16.06
N VAL D 328 -10.88 27.92 -16.52
CA VAL D 328 -10.01 27.64 -17.66
C VAL D 328 -8.65 27.20 -17.13
N GLY D 329 -8.35 25.90 -17.20
CA GLY D 329 -6.98 25.44 -17.08
C GLY D 329 -6.14 26.02 -18.19
N TYR D 330 -4.84 26.24 -17.94
CA TYR D 330 -3.97 26.79 -18.97
C TYR D 330 -2.50 26.38 -18.78
N TYR D 331 -1.73 26.35 -19.89
CA TYR D 331 -0.28 26.19 -19.81
C TYR D 331 0.49 26.83 -20.97
N GLU D 332 1.62 27.48 -20.65
CA GLU D 332 2.44 28.22 -21.62
C GLU D 332 3.41 27.33 -22.39
N THR D 333 3.57 26.09 -21.97
CA THR D 333 4.51 25.16 -22.58
C THR D 333 4.25 23.77 -22.03
N ASP D 334 4.61 22.75 -22.79
CA ASP D 334 4.41 21.38 -22.36
C ASP D 334 5.72 20.72 -21.92
N ASN D 335 6.80 21.50 -21.88
CA ASN D 335 8.15 21.02 -21.53
C ASN D 335 8.64 19.87 -22.43
N TYR D 336 8.21 19.88 -23.71
CA TYR D 336 8.59 18.85 -24.68
C TYR D 336 9.02 19.46 -26.00
N THR D 337 8.16 20.34 -26.54
CA THR D 337 8.48 21.21 -27.66
C THR D 337 8.48 22.63 -27.12
N MET D 338 9.63 23.30 -27.24
CA MET D 338 9.71 24.71 -26.90
C MET D 338 8.81 25.51 -27.81
N PRO D 339 7.88 26.32 -27.30
CA PRO D 339 7.06 27.17 -28.15
C PRO D 339 7.86 28.34 -28.68
N SER D 340 7.48 28.84 -29.86
CA SER D 340 8.08 30.03 -30.42
C SER D 340 7.65 31.24 -29.59
N PRO D 341 8.34 32.40 -29.77
CA PRO D 341 7.86 33.66 -29.18
C PRO D 341 6.44 34.03 -29.55
N ALA D 342 6.06 33.80 -30.82
CA ALA D 342 4.69 34.05 -31.28
C ALA D 342 3.66 33.20 -30.55
N MET D 343 3.95 31.90 -30.36
CA MET D 343 3.06 30.97 -29.62
C MET D 343 2.87 31.37 -28.17
N ARG D 344 3.99 31.64 -27.48
CA ARG D 344 3.97 32.02 -26.08
C ARG D 344 3.18 33.31 -25.88
N ARG D 345 3.41 34.30 -26.76
CA ARG D 345 2.68 35.57 -26.73
C ARG D 345 1.21 35.35 -26.96
N ALA D 346 0.87 34.60 -28.03
CA ALA D 346 -0.52 34.29 -28.37
C ALA D 346 -1.28 33.72 -27.20
N LEU D 347 -0.69 32.75 -26.50
CA LEU D 347 -1.32 32.13 -25.35
C LEU D 347 -1.55 33.13 -24.23
N ILE D 348 -0.46 33.81 -23.84
CA ILE D 348 -0.45 34.76 -22.71
C ILE D 348 -1.44 35.90 -22.91
N GLU D 349 -1.57 36.40 -24.15
CA GLU D 349 -2.53 37.46 -24.40
C GLU D 349 -3.95 36.96 -24.34
N THR D 350 -4.21 35.75 -24.88
CA THR D 350 -5.53 35.11 -24.78
C THR D 350 -5.91 34.92 -23.32
N LYS D 351 -4.98 34.39 -22.52
CA LYS D 351 -5.11 34.27 -21.09
C LYS D 351 -5.53 35.58 -20.47
N GLN D 352 -4.77 36.66 -20.77
CA GLN D 352 -5.05 37.96 -20.17
C GLN D 352 -6.42 38.52 -20.56
N ARG D 353 -6.88 38.25 -21.79
CA ARG D 353 -8.22 38.67 -22.20
C ARG D 353 -9.27 37.90 -21.44
N LEU D 354 -9.12 36.56 -21.38
CA LEU D 354 -10.00 35.71 -20.61
C LEU D 354 -10.10 36.15 -19.16
N GLU D 355 -8.94 36.40 -18.52
CA GLU D 355 -8.91 36.94 -17.16
C GLU D 355 -9.70 38.23 -17.05
N ALA D 356 -9.53 39.14 -18.03
CA ALA D 356 -10.25 40.41 -18.09
C ALA D 356 -11.74 40.22 -18.39
N ALA D 357 -12.11 39.19 -19.14
CA ALA D 357 -13.52 38.83 -19.37
C ALA D 357 -14.23 38.30 -18.11
N GLY D 358 -13.50 38.02 -17.03
CA GLY D 358 -14.08 37.54 -15.78
C GLY D 358 -14.14 36.03 -15.72
N HIS D 359 -13.10 35.37 -16.20
CA HIS D 359 -12.90 33.94 -16.08
C HIS D 359 -11.76 33.70 -15.10
N THR D 360 -11.63 32.45 -14.64
CA THR D 360 -10.62 32.07 -13.65
C THR D 360 -9.58 31.21 -14.34
N LEU D 361 -8.39 31.76 -14.55
CA LEU D 361 -7.29 31.04 -15.21
C LEU D 361 -6.43 30.32 -14.18
N ILE D 362 -6.21 29.04 -14.41
CA ILE D 362 -5.55 28.13 -13.47
C ILE D 362 -4.40 27.44 -14.16
N PRO D 363 -3.18 27.50 -13.65
CA PRO D 363 -2.10 26.67 -14.19
C PRO D 363 -2.46 25.22 -14.09
N PHE D 364 -2.33 24.52 -15.23
CA PHE D 364 -2.67 23.10 -15.36
C PHE D 364 -1.86 22.45 -16.47
N LEU D 365 -1.17 21.36 -16.18
CA LEU D 365 -0.44 20.60 -17.19
C LEU D 365 -0.72 19.12 -17.00
N PRO D 366 -1.30 18.46 -17.98
CA PRO D 366 -1.39 17.01 -17.95
C PRO D 366 -0.07 16.35 -17.60
N ASN D 367 -0.14 15.37 -16.68
CA ASN D 367 1.02 14.69 -16.16
C ASN D 367 1.57 13.77 -17.22
N ASN D 368 2.88 13.50 -17.15
CA ASN D 368 3.52 12.47 -17.95
C ASN D 368 3.14 12.61 -19.43
N ILE D 369 3.47 13.78 -19.98
CA ILE D 369 3.29 14.02 -21.42
C ILE D 369 4.27 13.18 -22.23
N PRO D 370 5.57 13.13 -21.87
CA PRO D 370 6.50 12.28 -22.63
C PRO D 370 6.04 10.84 -22.73
N TYR D 371 5.50 10.30 -21.64
CA TYR D 371 4.92 8.97 -21.62
C TYR D 371 3.84 8.87 -22.67
N ALA D 372 2.86 9.76 -22.59
CA ALA D 372 1.74 9.82 -23.52
C ALA D 372 2.18 9.85 -24.98
N LEU D 373 3.18 10.69 -25.30
CA LEU D 373 3.63 10.83 -26.68
C LEU D 373 4.52 9.67 -27.10
N GLU D 374 5.58 9.43 -26.34
CA GLU D 374 6.59 8.46 -26.72
C GLU D 374 6.14 7.02 -26.54
N VAL D 375 5.33 6.72 -25.53
CA VAL D 375 4.96 5.31 -25.22
C VAL D 375 3.57 4.98 -25.71
N LEU D 376 2.58 5.78 -25.31
CA LEU D 376 1.19 5.46 -25.57
C LEU D 376 0.81 5.76 -27.01
N SER D 377 0.99 7.03 -27.43
CA SER D 377 0.57 7.48 -28.76
C SER D 377 1.40 6.82 -29.85
N THR D 378 2.72 7.04 -29.83
CA THR D 378 3.64 6.40 -30.75
C THR D 378 3.36 4.91 -30.83
N GLY D 379 3.35 4.24 -29.66
CA GLY D 379 3.17 2.78 -29.58
C GLY D 379 1.80 2.33 -30.05
N GLY D 380 0.78 3.17 -29.82
CA GLY D 380 -0.56 2.90 -30.27
C GLY D 380 -0.66 2.91 -31.77
N LEU D 381 -0.11 3.95 -32.41
CA LEU D 381 -0.13 4.09 -33.88
C LEU D 381 0.75 3.08 -34.61
N PHE D 382 1.87 2.65 -34.04
CA PHE D 382 2.78 1.71 -34.69
C PHE D 382 2.98 0.45 -33.87
N SER D 383 1.88 -0.10 -33.33
CA SER D 383 1.96 -1.32 -32.51
C SER D 383 2.52 -2.49 -33.27
N ASP D 384 2.36 -2.53 -34.61
CA ASP D 384 2.83 -3.65 -35.46
C ASP D 384 4.13 -3.35 -36.22
N GLY D 385 4.94 -2.43 -35.71
CA GLY D 385 6.14 -1.97 -36.41
C GLY D 385 5.89 -1.22 -37.71
N GLY D 386 4.66 -0.78 -37.94
CA GLY D 386 4.25 -0.15 -39.19
C GLY D 386 4.22 -1.06 -40.40
N ARG D 387 4.16 -2.38 -40.20
CA ARG D 387 4.26 -3.31 -41.32
C ARG D 387 2.98 -3.36 -42.17
N SER D 388 1.84 -3.00 -41.59
CA SER D 388 0.59 -2.90 -42.33
C SER D 388 0.45 -1.55 -43.02
N PHE D 389 0.93 -0.48 -42.36
CA PHE D 389 1.19 0.82 -43.00
C PHE D 389 2.14 0.72 -44.18
N LEU D 390 3.22 -0.05 -44.03
CA LEU D 390 4.24 -0.22 -45.08
C LEU D 390 3.74 -0.97 -46.29
N GLN D 391 2.69 -1.79 -46.18
CA GLN D 391 2.36 -2.49 -47.41
C GLN D 391 1.65 -1.57 -48.45
N ASN D 392 1.22 -0.37 -48.06
CA ASN D 392 0.70 0.60 -49.06
C ASN D 392 1.80 1.18 -49.93
N PHE D 393 3.03 1.20 -49.43
CA PHE D 393 4.18 1.73 -50.17
C PHE D 393 4.85 0.72 -51.10
N LYS D 394 4.42 -0.55 -51.11
CA LYS D 394 5.04 -1.57 -51.95
C LYS D 394 5.06 -1.13 -53.41
N GLY D 395 6.24 -0.74 -53.91
CA GLY D 395 6.42 -0.32 -55.29
C GLY D 395 6.10 1.13 -55.58
N ASP D 396 5.89 1.96 -54.56
CA ASP D 396 5.49 3.37 -54.73
C ASP D 396 6.61 4.31 -54.30
N PHE D 397 6.59 5.54 -54.85
CA PHE D 397 7.49 6.60 -54.47
C PHE D 397 7.18 7.04 -53.06
N VAL D 398 8.19 7.10 -52.21
CA VAL D 398 8.05 7.67 -50.87
C VAL D 398 8.27 9.16 -51.01
N ASP D 399 7.23 9.97 -50.77
CA ASP D 399 7.44 11.38 -50.94
C ASP D 399 8.35 11.90 -49.87
N PRO D 400 9.22 12.89 -50.21
CA PRO D 400 10.13 13.54 -49.28
C PRO D 400 9.54 14.07 -47.98
N CYS D 401 8.28 14.54 -47.97
CA CYS D 401 7.73 15.23 -46.77
C CYS D 401 7.38 14.29 -45.59
N LEU D 402 7.36 12.97 -45.80
CA LEU D 402 7.26 12.01 -44.70
C LEU D 402 8.59 11.79 -43.97
N GLY D 403 9.69 12.23 -44.59
CA GLY D 403 11.01 12.19 -43.98
C GLY D 403 11.54 10.79 -43.83
N ASP D 404 12.09 10.48 -42.66
CA ASP D 404 12.63 9.13 -42.57
C ASP D 404 11.70 8.13 -41.89
N LEU D 405 10.41 8.46 -41.83
CA LEU D 405 9.41 7.54 -41.29
C LEU D 405 9.46 6.16 -41.94
N ILE D 406 9.59 6.12 -43.27
CA ILE D 406 9.61 4.85 -44.02
C ILE D 406 10.95 4.12 -43.84
N LEU D 407 12.06 4.87 -43.83
CA LEU D 407 13.39 4.33 -43.53
C LEU D 407 13.42 3.62 -42.19
N ILE D 408 12.80 4.25 -41.17
CA ILE D 408 12.86 3.79 -39.77
C ILE D 408 12.04 2.53 -39.60
N LEU D 409 10.79 2.57 -40.08
CA LEU D 409 9.89 1.44 -39.93
C LEU D 409 10.42 0.21 -40.64
N ARG D 410 11.05 0.39 -41.80
CA ARG D 410 11.59 -0.77 -42.53
C ARG D 410 12.79 -1.43 -41.87
N LEU D 411 13.41 -0.83 -40.88
CA LEU D 411 14.49 -1.57 -40.25
C LEU D 411 14.01 -2.65 -39.32
N PRO D 412 14.78 -3.72 -39.15
CA PRO D 412 14.44 -4.83 -38.27
C PRO D 412 14.20 -4.40 -36.82
N SER D 413 13.47 -5.25 -36.09
CA SER D 413 13.03 -4.94 -34.72
C SER D 413 14.20 -4.80 -33.77
N TRP D 414 15.09 -5.80 -33.76
CA TRP D 414 16.32 -5.73 -32.94
C TRP D 414 17.17 -4.49 -33.23
N PHE D 415 17.19 -4.03 -34.49
CA PHE D 415 17.95 -2.83 -34.84
C PHE D 415 17.31 -1.56 -34.31
N LYS D 416 15.97 -1.46 -34.31
CA LYS D 416 15.25 -0.36 -33.64
C LYS D 416 15.57 -0.33 -32.15
N ARG D 417 15.55 -1.49 -31.50
CA ARG D 417 15.79 -1.61 -30.06
C ARG D 417 17.22 -1.24 -29.73
N LEU D 418 18.18 -1.85 -30.45
CA LEU D 418 19.62 -1.67 -30.28
C LEU D 418 20.03 -0.23 -30.46
N LEU D 419 19.68 0.32 -31.62
CA LEU D 419 20.01 1.69 -31.94
C LEU D 419 19.43 2.65 -30.93
N SER D 420 18.19 2.38 -30.50
CA SER D 420 17.58 3.16 -29.43
C SER D 420 18.43 3.18 -28.17
N LEU D 421 19.05 2.05 -27.80
CA LEU D 421 19.92 2.03 -26.62
C LEU D 421 21.14 2.94 -26.80
N LEU D 422 21.78 2.87 -27.98
CA LEU D 422 22.90 3.77 -28.29
C LEU D 422 22.50 5.23 -28.18
N LEU D 423 21.33 5.59 -28.70
CA LEU D 423 20.87 6.97 -28.68
C LEU D 423 20.33 7.42 -27.32
N LYS D 424 19.90 6.50 -26.44
CA LYS D 424 19.18 6.90 -25.22
C LYS D 424 19.93 7.91 -24.36
N PRO D 425 21.20 7.75 -24.02
CA PRO D 425 21.91 8.79 -23.26
C PRO D 425 22.11 10.09 -24.04
N LEU D 426 22.53 9.99 -25.31
CA LEU D 426 22.84 11.16 -26.16
C LEU D 426 21.59 11.87 -26.66
N PHE D 427 20.57 11.11 -27.08
CA PHE D 427 19.34 11.61 -27.71
C PHE D 427 18.14 10.84 -27.16
N PRO D 428 17.74 11.09 -25.89
CA PRO D 428 16.68 10.27 -25.23
C PRO D 428 15.34 10.25 -25.94
N ARG D 429 14.98 11.36 -26.59
CA ARG D 429 13.67 11.53 -27.24
C ARG D 429 13.52 10.61 -28.44
N LEU D 430 14.50 10.64 -29.35
CA LEU D 430 14.46 9.82 -30.56
C LEU D 430 14.60 8.35 -30.23
N ALA D 431 15.36 8.02 -29.18
CA ALA D 431 15.41 6.64 -28.66
C ALA D 431 14.04 6.15 -28.19
N ALA D 432 13.33 6.99 -27.42
CA ALA D 432 12.01 6.64 -26.89
C ALA D 432 11.00 6.32 -27.99
N PHE D 433 10.97 7.13 -29.05
CA PHE D 433 10.15 6.85 -30.23
C PHE D 433 10.58 5.53 -30.84
N LEU D 434 11.83 5.52 -31.34
CA LEU D 434 12.50 4.40 -31.99
C LEU D 434 12.16 3.07 -31.36
N ASN D 435 12.28 3.01 -30.04
CA ASN D 435 12.06 1.82 -29.23
C ASN D 435 10.56 1.48 -29.07
N ASN D 436 9.70 2.49 -28.89
CA ASN D 436 8.25 2.28 -28.92
C ASN D 436 7.67 2.14 -30.34
N MET D 437 8.51 2.09 -31.38
CA MET D 437 8.02 1.92 -32.76
C MET D 437 8.18 0.48 -33.30
N ARG D 438 8.49 -0.49 -32.45
CA ARG D 438 8.76 -1.87 -32.90
C ARG D 438 7.51 -2.76 -32.82
N PRO D 439 7.45 -3.84 -33.61
CA PRO D 439 6.26 -4.70 -33.60
C PRO D 439 6.21 -5.50 -32.32
N ARG D 440 5.00 -5.65 -31.76
CA ARG D 440 4.80 -6.41 -30.52
C ARG D 440 3.64 -7.41 -30.63
N SER D 441 3.54 -8.27 -29.61
CA SER D 441 2.47 -9.28 -29.50
C SER D 441 1.14 -8.64 -29.11
N ALA D 442 0.08 -9.45 -29.16
CA ALA D 442 -1.24 -9.01 -28.74
C ALA D 442 -1.35 -8.85 -27.23
N GLU D 443 -0.65 -9.72 -26.48
CA GLU D 443 -0.55 -9.59 -25.04
C GLU D 443 -0.10 -8.20 -24.68
N LYS D 444 1.00 -7.75 -25.33
CA LYS D 444 1.58 -6.41 -25.15
C LYS D 444 0.68 -5.30 -25.64
N LEU D 445 -0.19 -5.57 -26.63
CA LEU D 445 -1.07 -4.53 -27.13
C LEU D 445 -2.25 -4.27 -26.17
N TRP D 446 -2.77 -5.34 -25.56
CA TRP D 446 -3.71 -5.21 -24.44
C TRP D 446 -3.13 -4.39 -23.29
N LYS D 447 -1.93 -4.75 -22.82
CA LYS D 447 -1.30 -3.99 -21.77
C LYS D 447 -1.24 -2.51 -22.15
N LEU D 448 -0.87 -2.21 -23.40
CA LEU D 448 -0.80 -0.83 -23.87
C LEU D 448 -2.16 -0.18 -23.90
N GLN D 449 -3.16 -0.94 -24.32
CA GLN D 449 -4.53 -0.45 -24.41
C GLN D 449 -5.04 -0.08 -23.03
N HIS D 450 -4.76 -0.94 -22.05
CA HIS D 450 -5.10 -0.70 -20.66
C HIS D 450 -4.37 0.53 -20.14
N GLU D 451 -3.04 0.59 -20.34
CA GLU D 451 -2.24 1.76 -19.98
C GLU D 451 -2.84 3.08 -20.48
N ILE D 452 -3.34 3.08 -21.73
CA ILE D 452 -4.00 4.24 -22.35
C ILE D 452 -5.30 4.57 -21.63
N GLU D 453 -6.11 3.56 -21.30
CA GLU D 453 -7.36 3.82 -20.61
C GLU D 453 -7.11 4.38 -19.20
N MET D 454 -6.10 3.84 -18.51
CA MET D 454 -5.74 4.36 -17.19
C MET D 454 -5.16 5.77 -17.27
N TYR D 455 -4.28 6.04 -18.26
CA TYR D 455 -3.74 7.37 -18.48
C TYR D 455 -4.85 8.39 -18.68
N ARG D 456 -5.90 7.98 -19.38
CA ARG D 456 -7.06 8.85 -19.64
C ARG D 456 -7.75 9.21 -18.34
N GLN D 457 -7.99 8.22 -17.48
CA GLN D 457 -8.58 8.46 -16.16
C GLN D 457 -7.65 9.30 -15.28
N SER D 458 -6.33 9.13 -15.44
CA SER D 458 -5.34 9.90 -14.69
C SER D 458 -5.50 11.39 -14.97
N VAL D 459 -5.59 11.76 -16.24
CA VAL D 459 -5.73 13.16 -16.63
C VAL D 459 -7.12 13.69 -16.28
N ILE D 460 -8.15 12.83 -16.37
CA ILE D 460 -9.50 13.20 -15.94
C ILE D 460 -9.54 13.50 -14.45
N ALA D 461 -8.75 12.77 -13.66
CA ALA D 461 -8.63 13.01 -12.22
C ALA D 461 -7.90 14.33 -11.90
N GLN D 462 -6.78 14.62 -12.59
CA GLN D 462 -6.15 15.93 -12.53
C GLN D 462 -7.16 17.02 -12.76
N TRP D 463 -7.90 16.91 -13.87
CA TRP D 463 -8.86 17.89 -14.35
C TRP D 463 -9.89 18.23 -13.28
N LYS D 464 -10.55 17.18 -12.78
CA LYS D 464 -11.62 17.29 -11.80
C LYS D 464 -11.11 17.82 -10.46
N ALA D 465 -9.91 17.40 -10.04
CA ALA D 465 -9.28 17.91 -8.81
C ALA D 465 -9.12 19.44 -8.81
N MET D 466 -8.82 20.03 -9.96
CA MET D 466 -8.74 21.48 -10.16
C MET D 466 -10.09 22.08 -10.52
N ASN D 467 -11.09 21.24 -10.74
CA ASN D 467 -12.46 21.65 -11.04
C ASN D 467 -12.56 22.47 -12.34
N LEU D 468 -11.80 22.07 -13.36
CA LEU D 468 -11.77 22.79 -14.63
C LEU D 468 -13.01 22.56 -15.44
N ASP D 469 -13.40 23.59 -16.20
CA ASP D 469 -14.43 23.50 -17.23
C ASP D 469 -13.80 23.20 -18.58
N VAL D 470 -12.75 23.97 -18.90
CA VAL D 470 -12.00 23.84 -20.15
C VAL D 470 -10.52 23.98 -19.89
N LEU D 471 -9.73 23.74 -20.95
CA LEU D 471 -8.28 23.83 -20.89
C LEU D 471 -7.78 24.64 -22.08
N LEU D 472 -7.05 25.73 -21.81
CA LEU D 472 -6.36 26.53 -22.84
C LEU D 472 -4.92 26.07 -23.01
N THR D 473 -4.48 25.99 -24.25
CA THR D 473 -3.28 25.27 -24.65
C THR D 473 -2.58 26.07 -25.74
N PRO D 474 -1.26 26.03 -25.84
CA PRO D 474 -0.65 26.66 -27.02
C PRO D 474 -0.90 25.78 -28.24
N MET D 475 -1.06 26.40 -29.40
CA MET D 475 -1.17 25.66 -30.65
C MET D 475 0.07 25.92 -31.49
N LEU D 476 0.68 24.84 -32.02
CA LEU D 476 1.90 24.98 -32.84
C LEU D 476 1.71 25.95 -33.99
N GLY D 477 2.68 26.88 -34.11
CA GLY D 477 2.74 27.90 -35.14
C GLY D 477 4.00 28.71 -34.93
N PRO D 478 4.34 29.62 -35.87
CA PRO D 478 3.71 29.80 -37.18
C PRO D 478 4.05 28.66 -38.13
N ALA D 479 3.41 28.65 -39.29
CA ALA D 479 3.57 27.57 -40.27
C ALA D 479 5.03 27.27 -40.56
N LEU D 480 5.36 25.98 -40.61
CA LEU D 480 6.72 25.54 -40.85
C LEU D 480 7.06 25.62 -42.36
N ASP D 481 8.36 25.64 -42.67
CA ASP D 481 8.82 25.54 -44.06
C ASP D 481 8.37 24.21 -44.68
N LEU D 482 8.25 24.22 -46.01
CA LEU D 482 7.94 23.01 -46.75
C LEU D 482 9.02 21.96 -46.55
N ASN D 483 8.60 20.69 -46.43
CA ASN D 483 9.45 19.51 -46.25
C ASN D 483 10.30 19.52 -44.97
N THR D 484 9.95 20.36 -43.99
CA THR D 484 10.49 20.27 -42.64
C THR D 484 9.64 19.41 -41.68
N PRO D 485 8.28 19.48 -41.72
CA PRO D 485 7.47 18.76 -40.69
C PRO D 485 7.81 17.29 -40.49
N GLY D 486 8.21 16.60 -41.56
CA GLY D 486 8.62 15.19 -41.49
C GLY D 486 9.96 14.94 -40.83
N ARG D 487 10.72 16.00 -40.55
CA ARG D 487 11.89 15.93 -39.68
C ARG D 487 11.71 16.82 -38.44
N ALA D 488 10.45 17.09 -38.05
CA ALA D 488 10.12 17.93 -36.89
C ALA D 488 8.96 17.30 -36.12
N THR D 489 9.17 16.03 -35.72
CA THR D 489 8.13 15.20 -35.12
C THR D 489 7.77 15.66 -33.71
N GLY D 490 8.76 16.10 -32.92
CA GLY D 490 8.50 16.51 -31.54
C GLY D 490 7.38 17.52 -31.45
N ALA D 491 7.28 18.38 -32.46
CA ALA D 491 6.28 19.45 -32.54
C ALA D 491 4.82 18.98 -32.59
N VAL D 492 4.58 17.68 -32.76
CA VAL D 492 3.22 17.13 -32.61
C VAL D 492 2.71 17.11 -31.16
N SER D 493 3.60 17.38 -30.20
CA SER D 493 3.30 17.27 -28.79
C SER D 493 2.02 17.99 -28.37
N TYR D 494 1.85 19.25 -28.81
CA TYR D 494 0.69 20.03 -28.35
C TYR D 494 -0.66 19.43 -28.78
N THR D 495 -0.69 18.75 -29.92
CA THR D 495 -1.93 18.27 -30.49
C THR D 495 -2.18 16.80 -30.15
N MET D 496 -1.19 15.94 -30.37
CA MET D 496 -1.43 14.50 -30.23
C MET D 496 -1.80 14.09 -28.82
N LEU D 497 -1.25 14.75 -27.80
CA LEU D 497 -1.65 14.39 -26.46
C LEU D 497 -3.19 14.30 -26.31
N TYR D 498 -3.99 15.08 -27.04
CA TYR D 498 -5.46 14.91 -26.89
C TYR D 498 -6.12 13.95 -27.91
N ASN D 499 -5.35 13.44 -28.87
CA ASN D 499 -5.72 12.21 -29.57
C ASN D 499 -5.54 11.01 -28.66
N CYS D 500 -4.41 10.96 -27.95
CA CYS D 500 -4.15 9.97 -26.91
C CYS D 500 -5.25 9.96 -25.85
N LEU D 501 -5.63 11.11 -25.34
CA LEU D 501 -6.69 11.25 -24.34
C LEU D 501 -8.10 11.19 -24.93
N ASP D 502 -8.24 11.35 -26.24
CA ASP D 502 -9.54 11.40 -26.92
C ASP D 502 -10.48 12.43 -26.28
N PHE D 503 -9.95 13.65 -26.07
CA PHE D 503 -10.69 14.80 -25.59
C PHE D 503 -11.03 15.65 -26.80
N PRO D 504 -12.19 16.30 -26.82
CA PRO D 504 -12.45 17.31 -27.86
C PRO D 504 -11.39 18.40 -27.78
N ALA D 505 -10.86 18.79 -28.94
CA ALA D 505 -9.89 19.87 -29.01
C ALA D 505 -10.13 20.67 -30.28
N GLY D 506 -9.80 21.95 -30.25
CA GLY D 506 -10.05 22.81 -31.39
C GLY D 506 -9.20 24.05 -31.34
N VAL D 507 -8.88 24.60 -32.51
CA VAL D 507 -7.98 25.74 -32.62
C VAL D 507 -8.70 26.97 -33.14
N VAL D 508 -8.30 28.13 -32.62
CA VAL D 508 -8.81 29.43 -33.01
C VAL D 508 -7.60 30.26 -33.39
N PRO D 509 -7.63 31.01 -34.50
CA PRO D 509 -6.50 31.91 -34.80
C PRO D 509 -6.71 33.22 -34.03
N VAL D 510 -5.65 33.65 -33.29
CA VAL D 510 -5.67 34.71 -32.27
C VAL D 510 -4.84 35.94 -32.64
N THR D 511 -3.75 35.74 -33.35
CA THR D 511 -2.81 36.79 -33.69
C THR D 511 -1.96 36.41 -34.90
N THR D 512 -1.09 37.34 -35.32
CA THR D 512 -0.12 37.12 -36.40
C THR D 512 1.29 37.44 -35.91
N VAL D 513 2.28 36.85 -36.62
CA VAL D 513 3.69 36.95 -36.22
C VAL D 513 4.21 38.37 -36.46
N THR D 514 4.64 39.05 -35.38
CA THR D 514 5.23 40.37 -35.49
C THR D 514 6.68 40.25 -35.95
N ALA D 515 7.25 41.37 -36.40
CA ALA D 515 8.69 41.45 -36.63
C ALA D 515 9.46 41.15 -35.35
N GLU D 516 8.94 41.65 -34.23
CA GLU D 516 9.57 41.40 -32.92
C GLU D 516 9.57 39.91 -32.55
N ASP D 517 8.49 39.18 -32.86
CA ASP D 517 8.45 37.72 -32.63
C ASP D 517 9.49 36.99 -33.43
N ASP D 518 9.59 37.32 -34.73
CA ASP D 518 10.49 36.64 -35.66
C ASP D 518 11.95 36.90 -35.31
N ALA D 519 12.29 38.14 -34.89
CA ALA D 519 13.64 38.44 -34.45
C ALA D 519 14.06 37.55 -33.28
N GLN D 520 13.17 37.42 -32.29
CA GLN D 520 13.39 36.59 -31.11
C GLN D 520 13.55 35.11 -31.44
N MET D 521 13.17 34.68 -32.63
CA MET D 521 13.34 33.25 -32.90
C MET D 521 14.78 32.84 -33.19
N GLU D 522 15.74 33.78 -33.28
CA GLU D 522 17.12 33.27 -33.30
C GLU D 522 17.66 32.91 -31.89
N LEU D 523 16.98 33.34 -30.82
CA LEU D 523 17.34 32.90 -29.45
C LEU D 523 16.83 31.49 -29.12
N TYR D 524 15.69 31.09 -29.71
CA TYR D 524 15.07 29.76 -29.52
C TYR D 524 16.07 28.63 -29.37
N LYS D 525 16.11 28.00 -28.20
CA LYS D 525 17.01 26.88 -28.10
C LYS D 525 16.22 25.55 -28.27
N GLY D 526 15.21 25.28 -27.45
CA GLY D 526 14.58 23.95 -27.49
C GLY D 526 14.96 23.19 -26.24
N TYR D 527 14.06 22.30 -25.79
CA TYR D 527 14.24 21.60 -24.50
C TYR D 527 15.19 20.41 -24.61
N PHE D 528 15.29 19.78 -25.76
CA PHE D 528 16.16 18.62 -25.94
C PHE D 528 17.43 18.92 -26.72
N GLY D 529 17.37 19.85 -27.66
CA GLY D 529 18.51 20.15 -28.56
C GLY D 529 18.81 19.10 -29.62
N ASP D 530 17.95 18.09 -29.80
CA ASP D 530 18.13 17.08 -30.85
C ASP D 530 17.64 17.64 -32.19
N ILE D 531 17.70 16.81 -33.25
CA ILE D 531 17.34 17.14 -34.65
C ILE D 531 16.03 17.87 -34.79
N TRP D 532 15.01 17.39 -34.07
CA TRP D 532 13.66 17.91 -34.13
C TRP D 532 13.59 19.31 -33.55
N ASP D 533 14.42 19.61 -32.54
CA ASP D 533 14.60 20.99 -32.05
C ASP D 533 15.34 21.84 -33.08
N ILE D 534 16.37 21.28 -33.72
CA ILE D 534 17.20 22.02 -34.70
C ILE D 534 16.34 22.45 -35.88
N ILE D 535 15.62 21.51 -36.47
CA ILE D 535 14.91 21.75 -37.74
C ILE D 535 13.71 22.65 -37.52
N LEU D 536 13.00 22.45 -36.42
CA LEU D 536 11.87 23.28 -36.01
C LEU D 536 12.28 24.75 -35.79
N LYS D 537 13.50 24.99 -35.32
CA LYS D 537 14.05 26.33 -35.19
C LYS D 537 14.15 27.00 -36.54
N LYS D 538 14.79 26.31 -37.51
CA LYS D 538 14.98 26.83 -38.87
C LYS D 538 13.67 26.93 -39.62
N ALA D 539 12.78 25.95 -39.45
CA ALA D 539 11.49 25.87 -40.15
C ALA D 539 10.53 27.01 -39.80
N MET D 540 10.58 27.54 -38.58
CA MET D 540 9.70 28.64 -38.20
C MET D 540 10.34 30.03 -38.37
N LYS D 541 11.55 30.10 -38.95
CA LYS D 541 12.18 31.37 -39.28
C LYS D 541 11.72 31.85 -40.67
N ASN D 542 11.84 33.17 -40.90
CA ASN D 542 11.22 33.86 -42.03
C ASN D 542 9.69 33.67 -42.04
N SER D 543 9.03 34.10 -40.94
CA SER D 543 7.61 33.80 -40.74
C SER D 543 6.72 35.01 -40.46
N VAL D 544 7.21 36.25 -40.69
CA VAL D 544 6.45 37.46 -40.34
C VAL D 544 5.17 37.50 -41.12
N GLY D 545 4.07 37.87 -40.45
CA GLY D 545 2.76 38.02 -41.08
C GLY D 545 1.83 36.83 -40.90
N LEU D 546 2.40 35.63 -40.73
CA LEU D 546 1.61 34.38 -40.71
C LEU D 546 0.75 34.26 -39.45
N PRO D 547 -0.33 33.47 -39.50
CA PRO D 547 -1.27 33.46 -38.38
C PRO D 547 -0.82 32.51 -37.29
N VAL D 548 -1.26 32.78 -36.06
CA VAL D 548 -1.00 31.86 -34.98
C VAL D 548 -2.21 31.72 -34.09
N ALA D 549 -2.30 30.53 -33.46
CA ALA D 549 -3.48 30.01 -32.83
C ALA D 549 -3.28 29.64 -31.36
N VAL D 550 -4.39 29.38 -30.68
CA VAL D 550 -4.38 28.64 -29.42
C VAL D 550 -5.27 27.43 -29.60
N GLN D 551 -5.18 26.51 -28.64
CA GLN D 551 -5.95 25.29 -28.66
C GLN D 551 -6.88 25.29 -27.46
N CYS D 552 -8.17 25.17 -27.71
CA CYS D 552 -9.18 24.97 -26.67
C CYS D 552 -9.47 23.49 -26.53
N VAL D 553 -9.52 23.00 -25.29
CA VAL D 553 -9.80 21.58 -25.00
C VAL D 553 -10.90 21.46 -23.95
N ALA D 554 -11.66 20.36 -24.01
CA ALA D 554 -12.67 20.01 -23.02
C ALA D 554 -12.66 18.52 -22.78
N LEU D 555 -13.53 18.03 -21.89
CA LEU D 555 -13.60 16.57 -21.58
C LEU D 555 -14.37 15.82 -22.66
N PRO D 556 -14.19 14.49 -22.74
CA PRO D 556 -14.89 13.69 -23.78
C PRO D 556 -16.39 13.95 -23.83
N TRP D 557 -16.92 14.07 -25.06
CA TRP D 557 -18.33 14.36 -25.35
C TRP D 557 -18.76 15.77 -24.96
N GLN D 558 -17.82 16.69 -24.69
CA GLN D 558 -18.14 18.07 -24.35
C GLN D 558 -17.76 19.02 -25.48
N GLU D 559 -18.15 18.64 -26.69
CA GLU D 559 -17.82 19.40 -27.89
C GLU D 559 -18.45 20.77 -27.85
N GLU D 560 -19.72 20.87 -27.40
CA GLU D 560 -20.45 22.14 -27.43
C GLU D 560 -19.97 23.13 -26.36
N LEU D 561 -19.42 22.64 -25.23
CA LEU D 561 -18.71 23.50 -24.30
C LEU D 561 -17.38 23.95 -24.89
N CYS D 562 -16.64 23.00 -25.49
CA CYS D 562 -15.41 23.33 -26.20
C CYS D 562 -15.64 24.37 -27.28
N LEU D 563 -16.72 24.23 -28.06
CA LEU D 563 -17.11 25.24 -29.04
C LEU D 563 -17.54 26.54 -28.37
N ARG D 564 -18.20 26.48 -27.21
CA ARG D 564 -18.57 27.67 -26.45
C ARG D 564 -17.33 28.45 -26.01
N PHE D 565 -16.29 27.72 -25.60
CA PHE D 565 -15.03 28.33 -25.19
C PHE D 565 -14.30 28.94 -26.39
N MET D 566 -14.17 28.18 -27.50
CA MET D 566 -13.56 28.67 -28.74
C MET D 566 -14.18 29.97 -29.25
N ARG D 567 -15.51 30.07 -29.17
CA ARG D 567 -16.26 31.28 -29.49
C ARG D 567 -15.81 32.47 -28.67
N GLU D 568 -15.62 32.26 -27.35
CA GLU D 568 -15.17 33.33 -26.46
C GLU D 568 -13.79 33.79 -26.89
N VAL D 569 -12.86 32.85 -27.09
CA VAL D 569 -11.48 33.16 -27.50
C VAL D 569 -11.48 33.97 -28.78
N GLU D 570 -12.18 33.46 -29.81
CA GLU D 570 -12.38 34.17 -31.08
C GLU D 570 -12.96 35.57 -30.89
N GLN D 571 -13.93 35.70 -29.98
CA GLN D 571 -14.59 36.98 -29.73
C GLN D 571 -13.65 37.98 -29.06
N LEU D 572 -12.96 37.56 -28.00
CA LEU D 572 -12.07 38.47 -27.25
C LEU D 572 -10.82 38.87 -28.04
N MET D 573 -10.37 38.07 -29.00
CA MET D 573 -9.11 38.27 -29.73
C MET D 573 -9.23 38.81 -31.17
N THR D 574 -10.45 39.08 -31.64
CA THR D 574 -10.85 39.81 -32.88
C THR D 574 -10.02 41.18 -32.99
N PRO D 575 -8.97 41.33 -33.83
CA PRO D 575 -8.42 42.75 -33.85
C PRO D 575 -9.24 43.69 -34.74
C1 JXV E . 7.34 12.74 14.32
C2 JXV E . 8.10 12.95 13.17
C3 JXV E . 7.77 11.81 15.26
C4 JXV E . 9.27 12.20 12.98
C5 JXV E . 8.93 11.07 15.06
C6 JXV E . 9.68 11.29 13.89
C11 JXV E . 6.10 13.51 14.64
C15 JXV E . 5.89 14.81 14.17
C18 JXV E . 3.24 17.52 14.27
C19 JXV E . 2.18 17.15 13.20
C21 JXV E . -1.04 19.19 12.90
C23 JXV E . 0.22 18.64 12.63
C24 JXV E . 0.07 17.35 14.64
O26 JXV E . 2.59 17.37 11.95
C10 JXV E . 10.74 11.22 11.38
C13 JXV E . 4.72 15.46 14.54
C14 JXV E . 4.02 13.57 15.81
C20 JXV E . -1.73 18.82 14.04
C22 JXV E . -1.17 17.90 14.91
C25 JXV E . 0.79 17.71 13.50
C9 JXV E . 11.58 10.59 12.49
N12 JXV E . 3.81 14.85 15.35
N16 JXV E . 5.16 12.91 15.46
N17 JXV E . 4.48 16.79 14.04
O7 JXV E . 10.84 10.54 13.70
O8 JXV E . 10.04 12.37 11.87
C1 JXV F . 10.97 -0.30 50.30
C2 JXV F . 11.25 -1.48 50.98
C3 JXV F . 10.96 -0.29 48.90
C4 JXV F . 11.53 -2.66 50.24
C5 JXV F . 11.23 -1.45 48.18
C6 JXV F . 11.51 -2.64 48.88
C11 JXV F . 10.67 1.00 50.99
C15 JXV F . 9.91 1.07 52.15
C18 JXV F . 8.68 3.64 54.69
C19 JXV F . 9.91 4.13 55.50
C21 JXV F . 9.48 7.51 57.24
C23 JXV F . 9.54 6.15 57.01
C24 JXV F . 10.16 6.58 54.72
O26 JXV F . 10.22 3.43 56.59
C10 JXV F . 12.52 -4.86 50.21
C13 JXV F . 9.65 2.31 52.71
C14 JXV F . 10.89 3.39 50.97
C20 JXV F . 9.76 8.41 56.22
C22 JXV F . 10.10 7.95 54.96
C25 JXV F . 9.88 5.66 55.73
C9 JXV F . 12.05 -5.04 48.78
N12 JXV F . 10.15 3.45 52.12
N16 JXV F . 11.15 2.16 50.42
N17 JXV F . 8.87 2.40 53.94
O7 JXV F . 11.79 -3.80 48.14
O8 JXV F . 11.80 -3.84 50.88
C1 JXV G . -15.89 -19.32 -23.29
C2 JXV G . -16.93 -19.64 -22.42
C3 JXV G . -15.64 -18.00 -23.59
C4 JXV G . -17.71 -18.60 -21.89
C5 JXV G . -16.41 -16.97 -23.05
C6 JXV G . -17.45 -17.30 -22.19
C11 JXV G . -15.02 -20.36 -23.93
C15 JXV G . -14.73 -21.57 -23.31
C18 JXV G . -12.87 -24.75 -24.00
C19 JXV G . -13.74 -25.56 -24.98
C21 JXV G . -12.06 -28.25 -27.11
C23 JXV G . -12.86 -27.62 -26.17
C24 JXV G . -12.10 -25.48 -26.94
O26 JXV G . -14.63 -26.37 -24.38
C10 JXV G . -19.83 -17.96 -20.91
C13 JXV G . -13.89 -22.46 -23.95
C14 JXV G . -13.63 -20.98 -25.79
C20 JXV G . -11.29 -27.48 -27.99
C22 JXV G . -11.31 -26.10 -27.90
C25 JXV G . -12.89 -26.23 -26.07
C9 JXV G . -19.32 -16.52 -20.77
N12 JXV G . -13.35 -22.18 -25.18
N16 JXV G . -14.45 -20.09 -25.16
N17 JXV G . -13.62 -23.72 -23.32
O7 JXV G . -18.23 -16.26 -21.65
O8 JXV G . -18.75 -18.89 -21.04
C1 JXV H . 3.66 10.83 -36.72
C2 JXV H . 3.48 12.10 -37.26
C3 JXV H . 2.54 10.07 -36.37
C4 JXV H . 2.18 12.59 -37.46
C5 JXV H . 1.26 10.58 -36.56
C6 JXV H . 1.10 11.86 -37.11
C11 JXV H . 5.02 10.25 -36.47
C15 JXV H . 6.09 10.45 -37.34
C18 JXV H . 9.78 9.57 -37.63
C19 JXV H . 10.52 10.37 -36.52
C21 JXV H . 13.93 8.97 -35.51
C23 JXV H . 12.96 9.76 -36.10
C24 JXV H . 11.26 8.47 -34.98
O26 JXV H . 10.95 11.60 -36.86
C10 JXV H . 0.78 14.53 -37.71
C13 JXV H . 7.32 9.86 -37.05
C14 JXV H . 6.40 8.91 -35.05
C20 JXV H . 13.57 7.92 -34.64
C22 JXV H . 12.23 7.69 -34.37
C25 JXV H . 11.60 9.50 -35.84
C9 JXV H . -0.43 13.63 -37.88
N12 JXV H . 7.46 9.10 -35.91
N16 JXV H . 5.19 9.48 -35.34
N17 JXV H . 8.44 10.07 -37.92
O7 JXV H . -0.21 12.35 -37.30
O8 JXV H . 1.99 13.84 -38.00
#